data_2MND
# 
_entry.id   2MND 
# 
_audit_conform.dict_name       mmcif_pdbx.dic 
_audit_conform.dict_version    5.391 
_audit_conform.dict_location   http://mmcif.pdb.org/dictionaries/ascii/mmcif_pdbx.dic 
# 
loop_
_database_2.database_id 
_database_2.database_code 
_database_2.pdbx_database_accession 
_database_2.pdbx_DOI 
PDB   2MND         pdb_00002mnd 10.2210/pdb2mnd/pdb 
RCSB  RCSB103822   ?            ?                   
BMRB  19888        ?            10.13018/BMR19888   
WWPDB D_1000103822 ?            ?                   
# 
loop_
_pdbx_audit_revision_history.ordinal 
_pdbx_audit_revision_history.data_content_type 
_pdbx_audit_revision_history.major_revision 
_pdbx_audit_revision_history.minor_revision 
_pdbx_audit_revision_history.revision_date 
1 'Structure model' 1 0 2014-07-30 
2 'Structure model' 1 1 2014-09-17 
3 'Structure model' 1 2 2024-05-01 
# 
_pdbx_audit_revision_details.ordinal             1 
_pdbx_audit_revision_details.revision_ordinal    1 
_pdbx_audit_revision_details.data_content_type   'Structure model' 
_pdbx_audit_revision_details.provider            repository 
_pdbx_audit_revision_details.type                'Initial release' 
_pdbx_audit_revision_details.description         ? 
_pdbx_audit_revision_details.details             ? 
# 
loop_
_pdbx_audit_revision_group.ordinal 
_pdbx_audit_revision_group.revision_ordinal 
_pdbx_audit_revision_group.data_content_type 
_pdbx_audit_revision_group.group 
1 2 'Structure model' 'Database references'  
2 3 'Structure model' 'Data collection'      
3 3 'Structure model' 'Database references'  
4 3 'Structure model' 'Derived calculations' 
# 
loop_
_pdbx_audit_revision_category.ordinal 
_pdbx_audit_revision_category.revision_ordinal 
_pdbx_audit_revision_category.data_content_type 
_pdbx_audit_revision_category.category 
1 3 'Structure model' chem_comp_atom        
2 3 'Structure model' chem_comp_bond        
3 3 'Structure model' database_2            
4 3 'Structure model' pdbx_nmr_software     
5 3 'Structure model' pdbx_nmr_spectrometer 
6 3 'Structure model' struct_site           
# 
loop_
_pdbx_audit_revision_item.ordinal 
_pdbx_audit_revision_item.revision_ordinal 
_pdbx_audit_revision_item.data_content_type 
_pdbx_audit_revision_item.item 
1 3 'Structure model' '_database_2.pdbx_DOI'                
2 3 'Structure model' '_database_2.pdbx_database_accession' 
3 3 'Structure model' '_pdbx_nmr_software.name'             
4 3 'Structure model' '_pdbx_nmr_spectrometer.model'        
5 3 'Structure model' '_struct_site.pdbx_auth_asym_id'      
6 3 'Structure model' '_struct_site.pdbx_auth_comp_id'      
7 3 'Structure model' '_struct_site.pdbx_auth_seq_id'       
# 
_pdbx_database_status.deposit_site                    BMRB 
_pdbx_database_status.entry_id                        2MND 
_pdbx_database_status.process_site                    RCSB 
_pdbx_database_status.recvd_initial_deposition_date   2014-04-03 
_pdbx_database_status.SG_entry                        ? 
_pdbx_database_status.status_code                     REL 
_pdbx_database_status.status_code_mr                  REL 
_pdbx_database_status.status_code_sf                  ? 
_pdbx_database_status.status_code_cs                  REL 
_pdbx_database_status.methods_development_category    ? 
_pdbx_database_status.pdb_format_compatible           Y 
_pdbx_database_status.status_code_nmr_data            ? 
# 
loop_
_pdbx_database_related.db_id 
_pdbx_database_related.db_name 
_pdbx_database_related.content_type 
_pdbx_database_related.details 
19888 BMRB unspecified . 
2MNE  PDB  unspecified . 
2MNF  PDB  unspecified . 
# 
loop_
_audit_author.name 
_audit_author.pdbx_ordinal 
'Alniss, H.Y.'    1 
'Salvia, M.-V.'   2 
'Sadikov, M.'     3 
'Golovchenko, I.' 4 
'Anthony, N.G.'   5 
'Khalaf, A.I.'    6 
'Mackay, S.P.'    7 
'Suckling, C.J.'  8 
'Parkinson, J.A.' 9 
# 
_citation.id                        primary 
_citation.title                     'Recognition of the DNA minor groove by thiazotropsin analogues.' 
_citation.journal_abbrev            Chembiochem 
_citation.journal_volume            15 
_citation.page_first                1978 
_citation.page_last                 1990 
_citation.year                      2014 
_citation.journal_id_ASTM           ? 
_citation.country                   GE 
_citation.journal_id_ISSN           1439-4227 
_citation.journal_id_CSD            ? 
_citation.book_publisher            ? 
_citation.pdbx_database_id_PubMed   25045155 
_citation.pdbx_database_id_DOI      10.1002/cbic.201402202 
# 
loop_
_citation_author.citation_id 
_citation_author.name 
_citation_author.ordinal 
_citation_author.identifier_ORCID 
primary 'Alniss, H.Y.'    1 ? 
primary 'Salvia, M.V.'    2 ? 
primary 'Sadikov, M.'     3 ? 
primary 'Golovchenko, I.' 4 ? 
primary 'Anthony, N.G.'   5 ? 
primary 'Khalaf, A.I.'    6 ? 
primary 'MacKay, S.P.'    7 ? 
primary 'Suckling, C.J.'  8 ? 
primary 'Parkinson, J.A.' 9 ? 
# 
loop_
_entity.id 
_entity.type 
_entity.src_method 
_entity.pdbx_description 
_entity.formula_weight 
_entity.pdbx_number_of_molecules 
_entity.pdbx_ec 
_entity.pdbx_mutation 
_entity.pdbx_fragment 
_entity.details 
1 polymer     syn "5'-D(*CP*GP*AP*CP*GP*CP*GP*TP*CP*G)-3'" 3045.992 2 ? ? ? ? 
2 non-polymer syn 'thiazotropsin B'                        558.676  2 ? ? ? ? 
# 
_entity_poly.entity_id                      1 
_entity_poly.type                           polydeoxyribonucleotide 
_entity_poly.nstd_linkage                   no 
_entity_poly.nstd_monomer                   no 
_entity_poly.pdbx_seq_one_letter_code       '(DC)(DG)(DA)(DC)(DG)(DC)(DG)(DT)(DC)(DG)' 
_entity_poly.pdbx_seq_one_letter_code_can   CGACGCGTCG 
_entity_poly.pdbx_strand_id                 A,B 
_entity_poly.pdbx_target_identifier         ? 
# 
_pdbx_entity_nonpoly.entity_id   2 
_pdbx_entity_nonpoly.name        'thiazotropsin B' 
_pdbx_entity_nonpoly.comp_id     3BF 
# 
loop_
_entity_poly_seq.entity_id 
_entity_poly_seq.num 
_entity_poly_seq.mon_id 
_entity_poly_seq.hetero 
1 1  DC n 
1 2  DG n 
1 3  DA n 
1 4  DC n 
1 5  DG n 
1 6  DC n 
1 7  DG n 
1 8  DT n 
1 9  DC n 
1 10 DG n 
# 
loop_
_chem_comp.id 
_chem_comp.type 
_chem_comp.mon_nstd_flag 
_chem_comp.name 
_chem_comp.pdbx_synonyms 
_chem_comp.formula 
_chem_comp.formula_weight 
3BF non-polymer   . 'thiazotropsin B'                    
;3-({[2-({[4-({[4-(acetylamino)-1-methyl-1H-imidazol-2-yl]carbonyl}amino)-1-methyl-1H-pyrrol-2-yl]carbonyl}amino)-5-(propan-2-yl)-1,3-thiazol-4-yl]carbonyl}amino)-N,N-dimethylpropan-1-aminium
;
'C25 H36 N9 O4 S 1' 558.676 
DA  'DNA linking' y "2'-DEOXYADENOSINE-5'-MONOPHOSPHATE" ? 'C10 H14 N5 O6 P'   331.222 
DC  'DNA linking' y "2'-DEOXYCYTIDINE-5'-MONOPHOSPHATE"  ? 'C9 H14 N3 O7 P'    307.197 
DG  'DNA linking' y "2'-DEOXYGUANOSINE-5'-MONOPHOSPHATE" ? 'C10 H14 N5 O7 P'   347.221 
DT  'DNA linking' y "THYMIDINE-5'-MONOPHOSPHATE"         ? 'C10 H15 N2 O8 P'   322.208 
# 
loop_
_pdbx_poly_seq_scheme.asym_id 
_pdbx_poly_seq_scheme.entity_id 
_pdbx_poly_seq_scheme.seq_id 
_pdbx_poly_seq_scheme.mon_id 
_pdbx_poly_seq_scheme.ndb_seq_num 
_pdbx_poly_seq_scheme.pdb_seq_num 
_pdbx_poly_seq_scheme.auth_seq_num 
_pdbx_poly_seq_scheme.pdb_mon_id 
_pdbx_poly_seq_scheme.auth_mon_id 
_pdbx_poly_seq_scheme.pdb_strand_id 
_pdbx_poly_seq_scheme.pdb_ins_code 
_pdbx_poly_seq_scheme.hetero 
A 1 1  DC 1  1  1  DC DC A . n 
A 1 2  DG 2  2  2  DG DG A . n 
A 1 3  DA 3  3  3  DA DA A . n 
A 1 4  DC 4  4  4  DC DC A . n 
A 1 5  DG 5  5  5  DG DG A . n 
A 1 6  DC 6  6  6  DC DC A . n 
A 1 7  DG 7  7  7  DG DG A . n 
A 1 8  DT 8  8  8  DT DT A . n 
A 1 9  DC 9  9  9  DC DC A . n 
A 1 10 DG 10 10 10 DG DG A . n 
B 1 1  DC 1  11 11 DC DC B . n 
B 1 2  DG 2  12 12 DG DG B . n 
B 1 3  DA 3  13 13 DA DA B . n 
B 1 4  DC 4  14 14 DC DC B . n 
B 1 5  DG 5  15 15 DG DG B . n 
B 1 6  DC 6  16 16 DC DC B . n 
B 1 7  DG 7  17 17 DG DG B . n 
B 1 8  DT 8  18 18 DT DT B . n 
B 1 9  DC 9  19 19 DC DC B . n 
B 1 10 DG 10 20 20 DG DG B . n 
# 
loop_
_pdbx_nonpoly_scheme.asym_id 
_pdbx_nonpoly_scheme.entity_id 
_pdbx_nonpoly_scheme.mon_id 
_pdbx_nonpoly_scheme.ndb_seq_num 
_pdbx_nonpoly_scheme.pdb_seq_num 
_pdbx_nonpoly_scheme.auth_seq_num 
_pdbx_nonpoly_scheme.pdb_mon_id 
_pdbx_nonpoly_scheme.auth_mon_id 
_pdbx_nonpoly_scheme.pdb_strand_id 
_pdbx_nonpoly_scheme.pdb_ins_code 
C 2 3BF 1 101 21 3BF THB A . 
D 2 3BF 1 101 22 3BF THB B . 
# 
_exptl.absorpt_coefficient_mu     ? 
_exptl.absorpt_correction_T_max   ? 
_exptl.absorpt_correction_T_min   ? 
_exptl.absorpt_correction_type    ? 
_exptl.absorpt_process_details    ? 
_exptl.crystals_number            ? 
_exptl.details                    ? 
_exptl.entry_id                   2MND 
_exptl.method                     'SOLUTION NMR' 
_exptl.method_details             ? 
# 
_struct.entry_id                  2MND 
_struct.title                     'Recognition complex of DNA d(CGACGCGTCG)2 with thiazotropsin B' 
_struct.pdbx_model_details        'minimized average structure, model 1' 
_struct.pdbx_CASP_flag            ? 
_struct.pdbx_model_type_details   'minimized average' 
# 
_struct_keywords.entry_id        2MND 
_struct_keywords.pdbx_keywords   DNA 
_struct_keywords.text            
'THIAZOTROPSINS, DNA RECOGNITION, ISOTHERMAL TITRATION CALORIMETRY NMR, SELF-ASSEMBLY, MINOR GROOVE BINDER, DNA' 
# 
loop_
_struct_asym.id 
_struct_asym.pdbx_blank_PDB_chainid_flag 
_struct_asym.pdbx_modified 
_struct_asym.entity_id 
_struct_asym.details 
A N N 1 ? 
B N N 1 ? 
C N N 2 ? 
D N N 2 ? 
# 
_struct_ref.id                         1 
_struct_ref.db_name                    PDB 
_struct_ref.db_code                    2MND 
_struct_ref.pdbx_db_accession          2MND 
_struct_ref.entity_id                  1 
_struct_ref.pdbx_align_begin           ? 
_struct_ref.pdbx_seq_one_letter_code   ? 
_struct_ref.pdbx_db_isoform            ? 
# 
loop_
_struct_ref_seq.align_id 
_struct_ref_seq.ref_id 
_struct_ref_seq.pdbx_PDB_id_code 
_struct_ref_seq.pdbx_strand_id 
_struct_ref_seq.seq_align_beg 
_struct_ref_seq.pdbx_seq_align_beg_ins_code 
_struct_ref_seq.seq_align_end 
_struct_ref_seq.pdbx_seq_align_end_ins_code 
_struct_ref_seq.pdbx_db_accession 
_struct_ref_seq.db_align_beg 
_struct_ref_seq.pdbx_db_align_beg_ins_code 
_struct_ref_seq.db_align_end 
_struct_ref_seq.pdbx_db_align_end_ins_code 
_struct_ref_seq.pdbx_auth_seq_align_beg 
_struct_ref_seq.pdbx_auth_seq_align_end 
1 1 2MND A 1 ? 10 ? 2MND 1  ? 10 ? 1  10 
2 1 2MND B 1 ? 10 ? 2MND 11 ? 20 ? 11 20 
# 
_pdbx_struct_assembly.id                   1 
_pdbx_struct_assembly.details              author_defined_assembly 
_pdbx_struct_assembly.method_details       ? 
_pdbx_struct_assembly.oligomeric_details   dimeric 
_pdbx_struct_assembly.oligomeric_count     2 
# 
_pdbx_struct_assembly_gen.assembly_id       1 
_pdbx_struct_assembly_gen.oper_expression   1 
_pdbx_struct_assembly_gen.asym_id_list      A,B,C,D 
# 
_pdbx_struct_oper_list.id                   1 
_pdbx_struct_oper_list.type                 'identity operation' 
_pdbx_struct_oper_list.name                 1_555 
_pdbx_struct_oper_list.symmetry_operation   x,y,z 
_pdbx_struct_oper_list.matrix[1][1]         1.0000000000 
_pdbx_struct_oper_list.matrix[1][2]         0.0000000000 
_pdbx_struct_oper_list.matrix[1][3]         0.0000000000 
_pdbx_struct_oper_list.vector[1]            0.0000000000 
_pdbx_struct_oper_list.matrix[2][1]         0.0000000000 
_pdbx_struct_oper_list.matrix[2][2]         1.0000000000 
_pdbx_struct_oper_list.matrix[2][3]         0.0000000000 
_pdbx_struct_oper_list.vector[2]            0.0000000000 
_pdbx_struct_oper_list.matrix[3][1]         0.0000000000 
_pdbx_struct_oper_list.matrix[3][2]         0.0000000000 
_pdbx_struct_oper_list.matrix[3][3]         1.0000000000 
_pdbx_struct_oper_list.vector[3]            0.0000000000 
# 
_struct_biol.id        1 
_struct_biol.details   ? 
# 
loop_
_struct_conn.id 
_struct_conn.conn_type_id 
_struct_conn.pdbx_leaving_atom_flag 
_struct_conn.pdbx_PDB_id 
_struct_conn.ptnr1_label_asym_id 
_struct_conn.ptnr1_label_comp_id 
_struct_conn.ptnr1_label_seq_id 
_struct_conn.ptnr1_label_atom_id 
_struct_conn.pdbx_ptnr1_label_alt_id 
_struct_conn.pdbx_ptnr1_PDB_ins_code 
_struct_conn.pdbx_ptnr1_standard_comp_id 
_struct_conn.ptnr1_symmetry 
_struct_conn.ptnr2_label_asym_id 
_struct_conn.ptnr2_label_comp_id 
_struct_conn.ptnr2_label_seq_id 
_struct_conn.ptnr2_label_atom_id 
_struct_conn.pdbx_ptnr2_label_alt_id 
_struct_conn.pdbx_ptnr2_PDB_ins_code 
_struct_conn.ptnr1_auth_asym_id 
_struct_conn.ptnr1_auth_comp_id 
_struct_conn.ptnr1_auth_seq_id 
_struct_conn.ptnr2_auth_asym_id 
_struct_conn.ptnr2_auth_comp_id 
_struct_conn.ptnr2_auth_seq_id 
_struct_conn.ptnr2_symmetry 
_struct_conn.pdbx_ptnr3_label_atom_id 
_struct_conn.pdbx_ptnr3_label_seq_id 
_struct_conn.pdbx_ptnr3_label_comp_id 
_struct_conn.pdbx_ptnr3_label_asym_id 
_struct_conn.pdbx_ptnr3_label_alt_id 
_struct_conn.pdbx_ptnr3_PDB_ins_code 
_struct_conn.details 
_struct_conn.pdbx_dist_value 
_struct_conn.pdbx_value_order 
_struct_conn.pdbx_role 
hydrog1  hydrog ? ? A DC 1  N4 ? ? ? 1_555 B DG 10 O6 ? ? A DC 1  B DG 20 1_555 ? ? ? ? ? ? 'DC-DG PAIR' ? ? ? 
hydrog2  hydrog ? ? A DG 2  N1 ? ? ? 1_555 B DC 9  N3 ? ? A DG 2  B DC 19 1_555 ? ? ? ? ? ? WATSON-CRICK ? ? ? 
hydrog3  hydrog ? ? A DG 2  N2 ? ? ? 1_555 B DC 9  O2 ? ? A DG 2  B DC 19 1_555 ? ? ? ? ? ? WATSON-CRICK ? ? ? 
hydrog4  hydrog ? ? A DG 2  O6 ? ? ? 1_555 B DC 9  N4 ? ? A DG 2  B DC 19 1_555 ? ? ? ? ? ? WATSON-CRICK ? ? ? 
hydrog5  hydrog ? ? A DA 3  N1 ? ? ? 1_555 B DT 8  N3 ? ? A DA 3  B DT 18 1_555 ? ? ? ? ? ? WATSON-CRICK ? ? ? 
hydrog6  hydrog ? ? A DA 3  N6 ? ? ? 1_555 B DT 8  O4 ? ? A DA 3  B DT 18 1_555 ? ? ? ? ? ? WATSON-CRICK ? ? ? 
hydrog7  hydrog ? ? A DC 4  N3 ? ? ? 1_555 B DG 7  N1 ? ? A DC 4  B DG 17 1_555 ? ? ? ? ? ? WATSON-CRICK ? ? ? 
hydrog8  hydrog ? ? A DC 4  N4 ? ? ? 1_555 B DG 7  O6 ? ? A DC 4  B DG 17 1_555 ? ? ? ? ? ? WATSON-CRICK ? ? ? 
hydrog9  hydrog ? ? A DC 4  O2 ? ? ? 1_555 B DG 7  N2 ? ? A DC 4  B DG 17 1_555 ? ? ? ? ? ? WATSON-CRICK ? ? ? 
hydrog10 hydrog ? ? A DG 5  N1 ? ? ? 1_555 B DC 6  N3 ? ? A DG 5  B DC 16 1_555 ? ? ? ? ? ? WATSON-CRICK ? ? ? 
hydrog11 hydrog ? ? A DG 5  N2 ? ? ? 1_555 B DC 6  O2 ? ? A DG 5  B DC 16 1_555 ? ? ? ? ? ? WATSON-CRICK ? ? ? 
hydrog12 hydrog ? ? A DG 5  O6 ? ? ? 1_555 B DC 6  N4 ? ? A DG 5  B DC 16 1_555 ? ? ? ? ? ? WATSON-CRICK ? ? ? 
hydrog13 hydrog ? ? A DC 6  N3 ? ? ? 1_555 B DG 5  N1 ? ? A DC 6  B DG 15 1_555 ? ? ? ? ? ? WATSON-CRICK ? ? ? 
hydrog14 hydrog ? ? A DC 6  N4 ? ? ? 1_555 B DG 5  O6 ? ? A DC 6  B DG 15 1_555 ? ? ? ? ? ? WATSON-CRICK ? ? ? 
hydrog15 hydrog ? ? A DC 6  O2 ? ? ? 1_555 B DG 5  N2 ? ? A DC 6  B DG 15 1_555 ? ? ? ? ? ? WATSON-CRICK ? ? ? 
hydrog16 hydrog ? ? A DG 7  N1 ? ? ? 1_555 B DA 3  N1 ? ? A DG 7  B DA 13 1_555 ? ? ? ? ? ? TYPE_8_PAIR  ? ? ? 
hydrog17 hydrog ? ? A DG 7  O6 ? ? ? 1_555 B DA 3  N6 ? ? A DG 7  B DA 13 1_555 ? ? ? ? ? ? TYPE_8_PAIR  ? ? ? 
hydrog18 hydrog ? ? A DG 7  N1 ? ? ? 1_555 B DC 4  N3 ? ? A DG 7  B DC 14 1_555 ? ? ? ? ? ? WATSON-CRICK ? ? ? 
hydrog19 hydrog ? ? A DG 7  N2 ? ? ? 1_555 B DC 4  O2 ? ? A DG 7  B DC 14 1_555 ? ? ? ? ? ? WATSON-CRICK ? ? ? 
hydrog20 hydrog ? ? A DG 7  O6 ? ? ? 1_555 B DC 4  N4 ? ? A DG 7  B DC 14 1_555 ? ? ? ? ? ? WATSON-CRICK ? ? ? 
hydrog21 hydrog ? ? A DT 8  N3 ? ? ? 1_555 B DA 3  N1 ? ? A DT 8  B DA 13 1_555 ? ? ? ? ? ? WATSON-CRICK ? ? ? 
hydrog22 hydrog ? ? A DT 8  O4 ? ? ? 1_555 B DA 3  N6 ? ? A DT 8  B DA 13 1_555 ? ? ? ? ? ? WATSON-CRICK ? ? ? 
hydrog23 hydrog ? ? A DC 9  N3 ? ? ? 1_555 B DG 2  N1 ? ? A DC 9  B DG 12 1_555 ? ? ? ? ? ? WATSON-CRICK ? ? ? 
hydrog24 hydrog ? ? A DC 9  N4 ? ? ? 1_555 B DG 2  O6 ? ? A DC 9  B DG 12 1_555 ? ? ? ? ? ? WATSON-CRICK ? ? ? 
hydrog25 hydrog ? ? A DC 9  O2 ? ? ? 1_555 B DG 2  N2 ? ? A DC 9  B DG 12 1_555 ? ? ? ? ? ? WATSON-CRICK ? ? ? 
hydrog26 hydrog ? ? A DG 10 N1 ? ? ? 1_555 B DC 1  N3 ? ? A DG 10 B DC 11 1_555 ? ? ? ? ? ? WATSON-CRICK ? ? ? 
hydrog27 hydrog ? ? A DG 10 N2 ? ? ? 1_555 B DC 1  O2 ? ? A DG 10 B DC 11 1_555 ? ? ? ? ? ? WATSON-CRICK ? ? ? 
hydrog28 hydrog ? ? A DG 10 O6 ? ? ? 1_555 B DC 1  N4 ? ? A DG 10 B DC 11 1_555 ? ? ? ? ? ? WATSON-CRICK ? ? ? 
# 
_struct_conn_type.id          hydrog 
_struct_conn_type.criteria    ? 
_struct_conn_type.reference   ? 
# 
loop_
_struct_site.id 
_struct_site.pdbx_evidence_code 
_struct_site.pdbx_auth_asym_id 
_struct_site.pdbx_auth_comp_id 
_struct_site.pdbx_auth_seq_id 
_struct_site.pdbx_auth_ins_code 
_struct_site.pdbx_num_residues 
_struct_site.details 
AC1 Software A 3BF 101 ? 6 'BINDING SITE FOR RESIDUE 3BF A 101' 
AC2 Software B 3BF 101 ? 8 'BINDING SITE FOR RESIDUE 3BF B 101' 
# 
loop_
_struct_site_gen.id 
_struct_site_gen.site_id 
_struct_site_gen.pdbx_num_res 
_struct_site_gen.label_comp_id 
_struct_site_gen.label_asym_id 
_struct_site_gen.label_seq_id 
_struct_site_gen.pdbx_auth_ins_code 
_struct_site_gen.auth_comp_id 
_struct_site_gen.auth_asym_id 
_struct_site_gen.auth_seq_id 
_struct_site_gen.label_atom_id 
_struct_site_gen.label_alt_id 
_struct_site_gen.symmetry 
_struct_site_gen.details 
1  AC1 6 DG  A 5 ? DG  A 5   . ? 1_555 ? 
2  AC1 6 DC  A 6 ? DC  A 6   . ? 1_555 ? 
3  AC1 6 DG  A 7 ? DG  A 7   . ? 1_555 ? 
4  AC1 6 DT  A 8 ? DT  A 8   . ? 1_555 ? 
5  AC1 6 DC  A 9 ? DC  A 9   . ? 1_555 ? 
6  AC1 6 3BF D . ? 3BF B 101 . ? 1_555 ? 
7  AC2 8 DC  A 4 ? DC  A 4   . ? 1_555 ? 
8  AC2 8 3BF C . ? 3BF A 101 . ? 1_555 ? 
9  AC2 8 DC  B 4 ? DC  B 14  . ? 1_555 ? 
10 AC2 8 DG  B 5 ? DG  B 15  . ? 1_555 ? 
11 AC2 8 DC  B 6 ? DC  B 16  . ? 1_555 ? 
12 AC2 8 DG  B 7 ? DG  B 17  . ? 1_555 ? 
13 AC2 8 DT  B 8 ? DT  B 18  . ? 1_555 ? 
14 AC2 8 DC  B 9 ? DC  B 19  . ? 1_555 ? 
# 
loop_
_pdbx_validate_rmsd_bond.id 
_pdbx_validate_rmsd_bond.PDB_model_num 
_pdbx_validate_rmsd_bond.auth_atom_id_1 
_pdbx_validate_rmsd_bond.auth_asym_id_1 
_pdbx_validate_rmsd_bond.auth_comp_id_1 
_pdbx_validate_rmsd_bond.auth_seq_id_1 
_pdbx_validate_rmsd_bond.PDB_ins_code_1 
_pdbx_validate_rmsd_bond.label_alt_id_1 
_pdbx_validate_rmsd_bond.auth_atom_id_2 
_pdbx_validate_rmsd_bond.auth_asym_id_2 
_pdbx_validate_rmsd_bond.auth_comp_id_2 
_pdbx_validate_rmsd_bond.auth_seq_id_2 
_pdbx_validate_rmsd_bond.PDB_ins_code_2 
_pdbx_validate_rmsd_bond.label_alt_id_2 
_pdbx_validate_rmsd_bond.bond_value 
_pdbx_validate_rmsd_bond.bond_target_value 
_pdbx_validate_rmsd_bond.bond_deviation 
_pdbx_validate_rmsd_bond.bond_standard_deviation 
_pdbx_validate_rmsd_bond.linker_flag 
1  1 C2 A DC 1  ? ? N3 A DC 1  ? ? 1.444 1.353 0.091  0.008 N 
2  1 N3 A DC 1  ? ? C4 A DC 1  ? ? 1.273 1.335 -0.062 0.007 N 
3  1 C4 A DC 1  ? ? C5 A DC 1  ? ? 1.478 1.425 0.053  0.008 N 
4  1 N3 A DG 2  ? ? C4 A DG 2  ? ? 1.441 1.350 0.091  0.007 N 
5  1 C4 A DG 2  ? ? C5 A DG 2  ? ? 1.331 1.379 -0.048 0.007 N 
6  1 C5 A DG 2  ? ? N7 A DG 2  ? ? 1.436 1.388 0.048  0.006 N 
7  1 N7 A DG 2  ? ? C8 A DG 2  ? ? 1.261 1.305 -0.044 0.006 N 
8  1 C8 A DG 2  ? ? N9 A DG 2  ? ? 1.302 1.374 -0.072 0.007 N 
9  1 N9 A DG 2  ? ? C4 A DG 2  ? ? 1.312 1.375 -0.063 0.008 N 
10 1 C5 A DA 3  ? ? N7 A DA 3  ? ? 1.339 1.388 -0.049 0.006 N 
11 1 N7 A DA 3  ? ? C8 A DA 3  ? ? 1.267 1.311 -0.044 0.007 N 
12 1 C8 A DA 3  ? ? N9 A DA 3  ? ? 1.308 1.373 -0.065 0.008 N 
13 1 C2 A DC 4  ? ? N3 A DC 4  ? ? 1.443 1.353 0.090  0.008 N 
14 1 N3 A DC 4  ? ? C4 A DC 4  ? ? 1.272 1.335 -0.063 0.007 N 
15 1 C4 A DC 4  ? ? C5 A DC 4  ? ? 1.479 1.425 0.054  0.008 N 
16 1 N3 A DG 5  ? ? C4 A DG 5  ? ? 1.442 1.350 0.092  0.007 N 
17 1 C4 A DG 5  ? ? C5 A DG 5  ? ? 1.331 1.379 -0.048 0.007 N 
18 1 C5 A DG 5  ? ? N7 A DG 5  ? ? 1.434 1.388 0.046  0.006 N 
19 1 N7 A DG 5  ? ? C8 A DG 5  ? ? 1.258 1.305 -0.047 0.006 N 
20 1 C8 A DG 5  ? ? N9 A DG 5  ? ? 1.305 1.374 -0.069 0.007 N 
21 1 N9 A DG 5  ? ? C4 A DG 5  ? ? 1.314 1.375 -0.061 0.008 N 
22 1 C2 A DC 6  ? ? N3 A DC 6  ? ? 1.443 1.353 0.090  0.008 N 
23 1 N3 A DC 6  ? ? C4 A DC 6  ? ? 1.272 1.335 -0.063 0.007 N 
24 1 C4 A DC 6  ? ? C5 A DC 6  ? ? 1.479 1.425 0.054  0.008 N 
25 1 N3 A DG 7  ? ? C4 A DG 7  ? ? 1.443 1.350 0.093  0.007 N 
26 1 C4 A DG 7  ? ? C5 A DG 7  ? ? 1.332 1.379 -0.047 0.007 N 
27 1 C5 A DG 7  ? ? N7 A DG 7  ? ? 1.432 1.388 0.044  0.006 N 
28 1 N7 A DG 7  ? ? C8 A DG 7  ? ? 1.258 1.305 -0.047 0.006 N 
29 1 C8 A DG 7  ? ? N9 A DG 7  ? ? 1.306 1.374 -0.068 0.007 N 
30 1 N9 A DG 7  ? ? C4 A DG 7  ? ? 1.315 1.375 -0.060 0.008 N 
31 1 C2 A DC 9  ? ? N3 A DC 9  ? ? 1.444 1.353 0.091  0.008 N 
32 1 N3 A DC 9  ? ? C4 A DC 9  ? ? 1.273 1.335 -0.062 0.007 N 
33 1 C4 A DC 9  ? ? C5 A DC 9  ? ? 1.476 1.425 0.051  0.008 N 
34 1 N3 A DG 10 ? ? C4 A DG 10 ? ? 1.440 1.350 0.090  0.007 N 
35 1 C4 A DG 10 ? ? C5 A DG 10 ? ? 1.330 1.379 -0.049 0.007 N 
36 1 C5 A DG 10 ? ? N7 A DG 10 ? ? 1.435 1.388 0.047  0.006 N 
37 1 N7 A DG 10 ? ? C8 A DG 10 ? ? 1.260 1.305 -0.045 0.006 N 
38 1 C8 A DG 10 ? ? N9 A DG 10 ? ? 1.302 1.374 -0.072 0.007 N 
39 1 N9 A DG 10 ? ? C4 A DG 10 ? ? 1.310 1.375 -0.065 0.008 N 
40 1 C2 B DC 11 ? ? N3 B DC 11 ? ? 1.443 1.353 0.090  0.008 N 
41 1 N3 B DC 11 ? ? C4 B DC 11 ? ? 1.271 1.335 -0.064 0.007 N 
42 1 C4 B DC 11 ? ? C5 B DC 11 ? ? 1.480 1.425 0.055  0.008 N 
43 1 N3 B DG 12 ? ? C4 B DG 12 ? ? 1.442 1.350 0.092  0.007 N 
44 1 C4 B DG 12 ? ? C5 B DG 12 ? ? 1.330 1.379 -0.049 0.007 N 
45 1 C5 B DG 12 ? ? N7 B DG 12 ? ? 1.436 1.388 0.048  0.006 N 
46 1 N7 B DG 12 ? ? C8 B DG 12 ? ? 1.261 1.305 -0.044 0.006 N 
47 1 C8 B DG 12 ? ? N9 B DG 12 ? ? 1.304 1.374 -0.070 0.007 N 
48 1 N9 B DG 12 ? ? C4 B DG 12 ? ? 1.312 1.375 -0.063 0.008 N 
49 1 C5 B DA 13 ? ? N7 B DA 13 ? ? 1.338 1.388 -0.050 0.006 N 
50 1 N7 B DA 13 ? ? C8 B DA 13 ? ? 1.267 1.311 -0.044 0.007 N 
51 1 C8 B DA 13 ? ? N9 B DA 13 ? ? 1.307 1.373 -0.066 0.008 N 
52 1 C2 B DC 14 ? ? N3 B DC 14 ? ? 1.443 1.353 0.090  0.008 N 
53 1 N3 B DC 14 ? ? C4 B DC 14 ? ? 1.272 1.335 -0.063 0.007 N 
54 1 C4 B DC 14 ? ? C5 B DC 14 ? ? 1.480 1.425 0.055  0.008 N 
55 1 N3 B DG 15 ? ? C4 B DG 15 ? ? 1.441 1.350 0.091  0.007 N 
56 1 C4 B DG 15 ? ? C5 B DG 15 ? ? 1.331 1.379 -0.048 0.007 N 
57 1 C5 B DG 15 ? ? N7 B DG 15 ? ? 1.434 1.388 0.046  0.006 N 
58 1 N7 B DG 15 ? ? C8 B DG 15 ? ? 1.259 1.305 -0.046 0.006 N 
59 1 C8 B DG 15 ? ? N9 B DG 15 ? ? 1.306 1.374 -0.068 0.007 N 
60 1 N9 B DG 15 ? ? C4 B DG 15 ? ? 1.313 1.375 -0.062 0.008 N 
61 1 C2 B DC 16 ? ? N3 B DC 16 ? ? 1.443 1.353 0.090  0.008 N 
62 1 N3 B DC 16 ? ? C4 B DC 16 ? ? 1.271 1.335 -0.064 0.007 N 
63 1 C4 B DC 16 ? ? C5 B DC 16 ? ? 1.480 1.425 0.055  0.008 N 
64 1 N3 B DG 17 ? ? C4 B DG 17 ? ? 1.442 1.350 0.092  0.007 N 
65 1 C4 B DG 17 ? ? C5 B DG 17 ? ? 1.331 1.379 -0.048 0.007 N 
66 1 C5 B DG 17 ? ? N7 B DG 17 ? ? 1.433 1.388 0.045  0.006 N 
67 1 N7 B DG 17 ? ? C8 B DG 17 ? ? 1.260 1.305 -0.045 0.006 N 
68 1 C8 B DG 17 ? ? N9 B DG 17 ? ? 1.306 1.374 -0.068 0.007 N 
69 1 N9 B DG 17 ? ? C4 B DG 17 ? ? 1.314 1.375 -0.061 0.008 N 
70 1 C2 B DC 19 ? ? N3 B DC 19 ? ? 1.444 1.353 0.091  0.008 N 
71 1 N3 B DC 19 ? ? C4 B DC 19 ? ? 1.273 1.335 -0.062 0.007 N 
72 1 C4 B DC 19 ? ? C5 B DC 19 ? ? 1.479 1.425 0.054  0.008 N 
73 1 N3 B DG 20 ? ? C4 B DG 20 ? ? 1.441 1.350 0.091  0.007 N 
74 1 C4 B DG 20 ? ? C5 B DG 20 ? ? 1.330 1.379 -0.049 0.007 N 
75 1 C5 B DG 20 ? ? N7 B DG 20 ? ? 1.434 1.388 0.046  0.006 N 
76 1 N7 B DG 20 ? ? C8 B DG 20 ? ? 1.260 1.305 -0.045 0.006 N 
77 1 C8 B DG 20 ? ? N9 B DG 20 ? ? 1.306 1.374 -0.068 0.007 N 
78 1 N9 B DG 20 ? ? C4 B DG 20 ? ? 1.311 1.375 -0.064 0.008 N 
# 
loop_
_pdbx_validate_rmsd_angle.id 
_pdbx_validate_rmsd_angle.PDB_model_num 
_pdbx_validate_rmsd_angle.auth_atom_id_1 
_pdbx_validate_rmsd_angle.auth_asym_id_1 
_pdbx_validate_rmsd_angle.auth_comp_id_1 
_pdbx_validate_rmsd_angle.auth_seq_id_1 
_pdbx_validate_rmsd_angle.PDB_ins_code_1 
_pdbx_validate_rmsd_angle.label_alt_id_1 
_pdbx_validate_rmsd_angle.auth_atom_id_2 
_pdbx_validate_rmsd_angle.auth_asym_id_2 
_pdbx_validate_rmsd_angle.auth_comp_id_2 
_pdbx_validate_rmsd_angle.auth_seq_id_2 
_pdbx_validate_rmsd_angle.PDB_ins_code_2 
_pdbx_validate_rmsd_angle.label_alt_id_2 
_pdbx_validate_rmsd_angle.auth_atom_id_3 
_pdbx_validate_rmsd_angle.auth_asym_id_3 
_pdbx_validate_rmsd_angle.auth_comp_id_3 
_pdbx_validate_rmsd_angle.auth_seq_id_3 
_pdbx_validate_rmsd_angle.PDB_ins_code_3 
_pdbx_validate_rmsd_angle.label_alt_id_3 
_pdbx_validate_rmsd_angle.angle_value 
_pdbx_validate_rmsd_angle.angle_target_value 
_pdbx_validate_rmsd_angle.angle_deviation 
_pdbx_validate_rmsd_angle.angle_standard_deviation 
_pdbx_validate_rmsd_angle.linker_flag 
1   1 "O4'" A DC 1  ? ? "C1'" A DC 1  ? ? "C2'" A DC 1  ? ? 98.83  105.90 -7.07  0.80 N 
2   1 "O4'" A DC 1  ? ? "C1'" A DC 1  ? ? N1    A DC 1  ? ? 111.70 108.30 3.40   0.30 N 
3   1 N3    A DC 1  ? ? C4    A DC 1  ? ? C5    A DC 1  ? ? 116.50 121.90 -5.40  0.40 N 
4   1 C4    A DC 1  ? ? C5    A DC 1  ? ? C6    A DC 1  ? ? 121.17 117.40 3.77   0.50 N 
5   1 N1    A DC 1  ? ? C2    A DC 1  ? ? O2    A DC 1  ? ? 122.79 118.90 3.89   0.60 N 
6   1 N3    A DC 1  ? ? C2    A DC 1  ? ? O2    A DC 1  ? ? 116.68 121.90 -5.22  0.70 N 
7   1 N3    A DC 1  ? ? C4    A DC 1  ? ? N4    A DC 1  ? ? 122.46 118.00 4.46   0.70 N 
8   1 OP1   A DG 2  ? ? P     A DG 2  ? ? OP2   A DG 2  ? ? 108.36 119.60 -11.24 1.50 N 
9   1 "O4'" A DG 2  ? ? "C1'" A DG 2  ? ? N9    A DG 2  ? ? 114.16 108.30 5.86   0.30 N 
10  1 C2    A DG 2  ? ? N3    A DG 2  ? ? C4    A DG 2  ? ? 120.96 111.90 9.06   0.50 N 
11  1 N3    A DG 2  ? ? C4    A DG 2  ? ? C5    A DG 2  ? ? 119.03 128.60 -9.57  0.50 N 
12  1 C5    A DG 2  ? ? C6    A DG 2  ? ? N1    A DG 2  ? ? 115.51 111.50 4.01   0.50 N 
13  1 C4    A DG 2  ? ? C5    A DG 2  ? ? N7    A DG 2  ? ? 101.15 110.80 -9.65  0.40 N 
14  1 C5    A DG 2  ? ? N7    A DG 2  ? ? C8    A DG 2  ? ? 109.30 104.30 5.00   0.50 N 
15  1 N7    A DG 2  ? ? C8    A DG 2  ? ? N9    A DG 2  ? ? 110.03 113.10 -3.07  0.50 N 
16  1 N9    A DG 2  ? ? C4    A DG 2  ? ? C5    A DG 2  ? ? 111.56 105.40 6.16   0.40 N 
17  1 C6    A DG 2  ? ? C5    A DG 2  ? ? N7    A DG 2  ? ? 138.49 130.40 8.09   0.60 N 
18  1 N1    A DG 2  ? ? C6    A DG 2  ? ? O6    A DG 2  ? ? 124.29 119.90 4.39   0.60 N 
19  1 C5    A DG 2  ? ? C6    A DG 2  ? ? O6    A DG 2  ? ? 120.20 128.60 -8.40  0.60 N 
20  1 OP1   A DA 3  ? ? P     A DA 3  ? ? OP2   A DA 3  ? ? 109.76 119.60 -9.84  1.50 N 
21  1 N1    A DA 3  ? ? C2    A DA 3  ? ? N3    A DA 3  ? ? 122.43 129.30 -6.87  0.50 N 
22  1 C2    A DA 3  ? ? N3    A DA 3  ? ? C4    A DA 3  ? ? 117.97 110.60 7.37   0.50 N 
23  1 N3    A DA 3  ? ? C4    A DA 3  ? ? C5    A DA 3  ? ? 119.65 126.80 -7.15  0.70 N 
24  1 C4    A DA 3  ? ? C5    A DA 3  ? ? C6    A DA 3  ? ? 122.64 117.00 5.64   0.50 N 
25  1 C4    A DA 3  ? ? C5    A DA 3  ? ? N7    A DA 3  ? ? 105.56 110.70 -5.14  0.50 N 
26  1 C5    A DA 3  ? ? N7    A DA 3  ? ? C8    A DA 3  ? ? 109.68 103.90 5.78   0.50 N 
27  1 N3    A DA 3  ? ? C4    A DA 3  ? ? N9    A DA 3  ? ? 134.01 127.40 6.61   0.80 N 
28  1 N1    A DA 3  ? ? C6    A DA 3  ? ? N6    A DA 3  ? ? 122.96 118.60 4.36   0.60 N 
29  1 OP1   A DC 4  ? ? P     A DC 4  ? ? OP2   A DC 4  ? ? 109.45 119.60 -10.15 1.50 N 
30  1 N3    A DC 4  ? ? C4    A DC 4  ? ? C5    A DC 4  ? ? 116.63 121.90 -5.27  0.40 N 
31  1 C4    A DC 4  ? ? C5    A DC 4  ? ? C6    A DC 4  ? ? 120.83 117.40 3.43   0.50 N 
32  1 N1    A DC 4  ? ? C2    A DC 4  ? ? O2    A DC 4  ? ? 122.94 118.90 4.04   0.60 N 
33  1 N3    A DC 4  ? ? C2    A DC 4  ? ? O2    A DC 4  ? ? 116.72 121.90 -5.18  0.70 N 
34  1 N3    A DC 4  ? ? C4    A DC 4  ? ? N4    A DC 4  ? ? 122.66 118.00 4.66   0.70 N 
35  1 "C3'" A DC 4  ? ? "O3'" A DC 4  ? ? P     A DG 5  ? ? 127.62 119.70 7.92   1.20 Y 
36  1 OP1   A DG 5  ? ? P     A DG 5  ? ? OP2   A DG 5  ? ? 109.76 119.60 -9.84  1.50 N 
37  1 C2    A DG 5  ? ? N3    A DG 5  ? ? C4    A DG 5  ? ? 120.66 111.90 8.76   0.50 N 
38  1 N3    A DG 5  ? ? C4    A DG 5  ? ? C5    A DG 5  ? ? 118.56 128.60 -10.04 0.50 N 
39  1 C5    A DG 5  ? ? C6    A DG 5  ? ? N1    A DG 5  ? ? 115.04 111.50 3.54   0.50 N 
40  1 C4    A DG 5  ? ? C5    A DG 5  ? ? N7    A DG 5  ? ? 101.51 110.80 -9.29  0.40 N 
41  1 C5    A DG 5  ? ? N7    A DG 5  ? ? C8    A DG 5  ? ? 109.08 104.30 4.78   0.50 N 
42  1 N9    A DG 5  ? ? C4    A DG 5  ? ? C5    A DG 5  ? ? 111.35 105.40 5.95   0.40 N 
43  1 N3    A DG 5  ? ? C4    A DG 5  ? ? N9    A DG 5  ? ? 130.09 126.00 4.09   0.60 N 
44  1 C6    A DG 5  ? ? C5    A DG 5  ? ? N7    A DG 5  ? ? 137.29 130.40 6.89   0.60 N 
45  1 N1    A DG 5  ? ? C6    A DG 5  ? ? O6    A DG 5  ? ? 124.73 119.90 4.83   0.60 N 
46  1 C5    A DG 5  ? ? C6    A DG 5  ? ? O6    A DG 5  ? ? 120.23 128.60 -8.37  0.60 N 
47  1 OP1   A DC 6  ? ? P     A DC 6  ? ? OP2   A DC 6  ? ? 109.63 119.60 -9.97  1.50 N 
48  1 N3    A DC 6  ? ? C4    A DC 6  ? ? C5    A DC 6  ? ? 116.73 121.90 -5.17  0.40 N 
49  1 C4    A DC 6  ? ? C5    A DC 6  ? ? C6    A DC 6  ? ? 120.67 117.40 3.27   0.50 N 
50  1 N1    A DC 6  ? ? C2    A DC 6  ? ? O2    A DC 6  ? ? 122.99 118.90 4.09   0.60 N 
51  1 N3    A DC 6  ? ? C2    A DC 6  ? ? O2    A DC 6  ? ? 116.80 121.90 -5.10  0.70 N 
52  1 N3    A DC 6  ? ? C4    A DC 6  ? ? N4    A DC 6  ? ? 122.50 118.00 4.50   0.70 N 
53  1 OP1   A DG 7  ? ? P     A DG 7  ? ? OP2   A DG 7  ? ? 109.82 119.60 -9.78  1.50 N 
54  1 C2    A DG 7  ? ? N3    A DG 7  ? ? C4    A DG 7  ? ? 120.77 111.90 8.87   0.50 N 
55  1 N3    A DG 7  ? ? C4    A DG 7  ? ? C5    A DG 7  ? ? 118.18 128.60 -10.42 0.50 N 
56  1 C5    A DG 7  ? ? C6    A DG 7  ? ? N1    A DG 7  ? ? 115.24 111.50 3.74   0.50 N 
57  1 C4    A DG 7  ? ? C5    A DG 7  ? ? N7    A DG 7  ? ? 101.57 110.80 -9.23  0.40 N 
58  1 C5    A DG 7  ? ? N7    A DG 7  ? ? C8    A DG 7  ? ? 109.08 104.30 4.78   0.50 N 
59  1 N9    A DG 7  ? ? C4    A DG 7  ? ? C5    A DG 7  ? ? 111.41 105.40 6.01   0.40 N 
60  1 N3    A DG 7  ? ? C4    A DG 7  ? ? N9    A DG 7  ? ? 130.41 126.00 4.41   0.60 N 
61  1 C6    A DG 7  ? ? C5    A DG 7  ? ? N7    A DG 7  ? ? 136.97 130.40 6.57   0.60 N 
62  1 N1    A DG 7  ? ? C6    A DG 7  ? ? O6    A DG 7  ? ? 124.72 119.90 4.82   0.60 N 
63  1 C5    A DG 7  ? ? C6    A DG 7  ? ? O6    A DG 7  ? ? 120.04 128.60 -8.56  0.60 N 
64  1 OP1   A DT 8  ? ? P     A DT 8  ? ? OP2   A DT 8  ? ? 109.87 119.60 -9.73  1.50 N 
65  1 "O4'" A DT 8  ? ? "C1'" A DT 8  ? ? "C2'" A DT 8  ? ? 99.83  105.90 -6.07  0.80 N 
66  1 "O4'" A DT 8  ? ? "C1'" A DT 8  ? ? N1    A DT 8  ? ? 110.41 108.30 2.11   0.30 N 
67  1 N1    A DT 8  ? ? C2    A DT 8  ? ? N3    A DT 8  ? ? 119.30 114.60 4.70   0.60 N 
68  1 C2    A DT 8  ? ? N3    A DT 8  ? ? C4    A DT 8  ? ? 122.21 127.20 -4.99  0.60 N 
69  1 C5    A DT 8  ? ? C4    A DT 8  ? ? O4    A DT 8  ? ? 119.55 124.90 -5.35  0.70 N 
70  1 "C3'" A DT 8  ? ? "O3'" A DT 8  ? ? P     A DC 9  ? ? 130.82 119.70 11.12  1.20 Y 
71  1 OP1   A DC 9  ? ? P     A DC 9  ? ? OP2   A DC 9  ? ? 109.53 119.60 -10.07 1.50 N 
72  1 N3    A DC 9  ? ? C4    A DC 9  ? ? C5    A DC 9  ? ? 116.61 121.90 -5.29  0.40 N 
73  1 C4    A DC 9  ? ? C5    A DC 9  ? ? C6    A DC 9  ? ? 120.70 117.40 3.30   0.50 N 
74  1 N1    A DC 9  ? ? C2    A DC 9  ? ? O2    A DC 9  ? ? 123.46 118.90 4.56   0.60 N 
75  1 N3    A DC 9  ? ? C2    A DC 9  ? ? O2    A DC 9  ? ? 115.98 121.90 -5.92  0.70 N 
76  1 N3    A DC 9  ? ? C4    A DC 9  ? ? N4    A DC 9  ? ? 122.88 118.00 4.88   0.70 N 
77  1 OP1   A DG 10 ? ? P     A DG 10 ? ? OP2   A DG 10 ? ? 109.61 119.60 -9.99  1.50 N 
78  1 "O4'" A DG 10 ? ? "C1'" A DG 10 ? ? "C2'" A DG 10 ? ? 100.92 105.90 -4.98  0.80 N 
79  1 "O4'" A DG 10 ? ? "C1'" A DG 10 ? ? N9    A DG 10 ? ? 110.44 108.30 2.14   0.30 N 
80  1 C2    A DG 10 ? ? N3    A DG 10 ? ? C4    A DG 10 ? ? 120.80 111.90 8.90   0.50 N 
81  1 N3    A DG 10 ? ? C4    A DG 10 ? ? C5    A DG 10 ? ? 119.09 128.60 -9.51  0.50 N 
82  1 C5    A DG 10 ? ? C6    A DG 10 ? ? N1    A DG 10 ? ? 115.28 111.50 3.78   0.50 N 
83  1 C4    A DG 10 ? ? C5    A DG 10 ? ? N7    A DG 10 ? ? 101.35 110.80 -9.45  0.40 N 
84  1 C5    A DG 10 ? ? N7    A DG 10 ? ? C8    A DG 10 ? ? 109.10 104.30 4.80   0.50 N 
85  1 N9    A DG 10 ? ? C4    A DG 10 ? ? C5    A DG 10 ? ? 111.48 105.40 6.08   0.40 N 
86  1 C6    A DG 10 ? ? C5    A DG 10 ? ? N7    A DG 10 ? ? 138.10 130.40 7.70   0.60 N 
87  1 N1    A DG 10 ? ? C6    A DG 10 ? ? O6    A DG 10 ? ? 124.55 119.90 4.65   0.60 N 
88  1 C5    A DG 10 ? ? C6    A DG 10 ? ? O6    A DG 10 ? ? 120.17 128.60 -8.43  0.60 N 
89  1 "O4'" B DC 11 ? ? "C1'" B DC 11 ? ? "C2'" B DC 11 ? ? 100.58 105.90 -5.32  0.80 N 
90  1 "O4'" B DC 11 ? ? "C1'" B DC 11 ? ? N1    B DC 11 ? ? 113.19 108.30 4.89   0.30 N 
91  1 N3    B DC 11 ? ? C4    B DC 11 ? ? C5    B DC 11 ? ? 116.63 121.90 -5.27  0.40 N 
92  1 C4    B DC 11 ? ? C5    B DC 11 ? ? C6    B DC 11 ? ? 121.01 117.40 3.61   0.50 N 
93  1 N1    B DC 11 ? ? C2    B DC 11 ? ? O2    B DC 11 ? ? 123.33 118.90 4.43   0.60 N 
94  1 N3    B DC 11 ? ? C2    B DC 11 ? ? O2    B DC 11 ? ? 116.26 121.90 -5.64  0.70 N 
95  1 N3    B DC 11 ? ? C4    B DC 11 ? ? N4    B DC 11 ? ? 122.28 118.00 4.28   0.70 N 
96  1 OP1   B DG 12 ? ? P     B DG 12 ? ? OP2   B DG 12 ? ? 109.72 119.60 -9.88  1.50 N 
97  1 "O4'" B DG 12 ? ? "C1'" B DG 12 ? ? "C2'" B DG 12 ? ? 100.08 105.90 -5.82  0.80 N 
98  1 "O4'" B DG 12 ? ? "C1'" B DG 12 ? ? N9    B DG 12 ? ? 110.91 108.30 2.61   0.30 N 
99  1 C2    B DG 12 ? ? N3    B DG 12 ? ? C4    B DG 12 ? ? 120.90 111.90 9.00   0.50 N 
100 1 N3    B DG 12 ? ? C4    B DG 12 ? ? C5    B DG 12 ? ? 118.79 128.60 -9.81  0.50 N 
101 1 C5    B DG 12 ? ? C6    B DG 12 ? ? N1    B DG 12 ? ? 115.44 111.50 3.94   0.50 N 
102 1 C4    B DG 12 ? ? C5    B DG 12 ? ? N7    B DG 12 ? ? 101.27 110.80 -9.53  0.40 N 
103 1 C5    B DG 12 ? ? N7    B DG 12 ? ? C8    B DG 12 ? ? 109.20 104.30 4.90   0.50 N 
104 1 N9    B DG 12 ? ? C4    B DG 12 ? ? C5    B DG 12 ? ? 111.63 105.40 6.23   0.40 N 
105 1 C6    B DG 12 ? ? C5    B DG 12 ? ? N7    B DG 12 ? ? 137.97 130.40 7.57   0.60 N 
106 1 N1    B DG 12 ? ? C6    B DG 12 ? ? O6    B DG 12 ? ? 124.51 119.90 4.61   0.60 N 
107 1 C5    B DG 12 ? ? C6    B DG 12 ? ? O6    B DG 12 ? ? 120.06 128.60 -8.54  0.60 N 
108 1 OP1   B DA 13 ? ? P     B DA 13 ? ? OP2   B DA 13 ? ? 109.87 119.60 -9.73  1.50 N 
109 1 "O4'" B DA 13 ? ? "C1'" B DA 13 ? ? N9    B DA 13 ? ? 110.41 108.30 2.11   0.30 N 
110 1 N1    B DA 13 ? ? C2    B DA 13 ? ? N3    B DA 13 ? ? 122.64 129.30 -6.66  0.50 N 
111 1 C2    B DA 13 ? ? N3    B DA 13 ? ? C4    B DA 13 ? ? 118.01 110.60 7.41   0.50 N 
112 1 N3    B DA 13 ? ? C4    B DA 13 ? ? C5    B DA 13 ? ? 119.43 126.80 -7.37  0.70 N 
113 1 C4    B DA 13 ? ? C5    B DA 13 ? ? C6    B DA 13 ? ? 122.72 117.00 5.72   0.50 N 
114 1 C4    B DA 13 ? ? C5    B DA 13 ? ? N7    B DA 13 ? ? 105.55 110.70 -5.15  0.50 N 
115 1 C5    B DA 13 ? ? N7    B DA 13 ? ? C8    B DA 13 ? ? 109.68 103.90 5.78   0.50 N 
116 1 N3    B DA 13 ? ? C4    B DA 13 ? ? N9    B DA 13 ? ? 134.28 127.40 6.88   0.80 N 
117 1 N1    B DA 13 ? ? C6    B DA 13 ? ? N6    B DA 13 ? ? 123.40 118.60 4.80   0.60 N 
118 1 OP1   B DC 14 ? ? P     B DC 14 ? ? OP2   B DC 14 ? ? 109.47 119.60 -10.13 1.50 N 
119 1 N3    B DC 14 ? ? C4    B DC 14 ? ? C5    B DC 14 ? ? 116.54 121.90 -5.36  0.40 N 
120 1 C4    B DC 14 ? ? C5    B DC 14 ? ? C6    B DC 14 ? ? 121.04 117.40 3.64   0.50 N 
121 1 N1    B DC 14 ? ? C2    B DC 14 ? ? O2    B DC 14 ? ? 123.21 118.90 4.31   0.60 N 
122 1 N3    B DC 14 ? ? C2    B DC 14 ? ? O2    B DC 14 ? ? 116.43 121.90 -5.47  0.70 N 
123 1 N3    B DC 14 ? ? C4    B DC 14 ? ? N4    B DC 14 ? ? 122.46 118.00 4.46   0.70 N 
124 1 OP1   B DG 15 ? ? P     B DG 15 ? ? OP2   B DG 15 ? ? 109.80 119.60 -9.80  1.50 N 
125 1 "O4'" B DG 15 ? ? "C1'" B DG 15 ? ? N9    B DG 15 ? ? 102.55 108.00 -5.45  0.70 N 
126 1 C2    B DG 15 ? ? N3    B DG 15 ? ? C4    B DG 15 ? ? 120.75 111.90 8.85   0.50 N 
127 1 N3    B DG 15 ? ? C4    B DG 15 ? ? C5    B DG 15 ? ? 118.60 128.60 -10.00 0.50 N 
128 1 C5    B DG 15 ? ? C6    B DG 15 ? ? N1    B DG 15 ? ? 115.09 111.50 3.59   0.50 N 
129 1 C4    B DG 15 ? ? C5    B DG 15 ? ? N7    B DG 15 ? ? 101.46 110.80 -9.34  0.40 N 
130 1 C5    B DG 15 ? ? N7    B DG 15 ? ? C8    B DG 15 ? ? 109.14 104.30 4.84   0.50 N 
131 1 N9    B DG 15 ? ? C4    B DG 15 ? ? C5    B DG 15 ? ? 111.42 105.40 6.02   0.40 N 
132 1 N3    B DG 15 ? ? C4    B DG 15 ? ? N9    B DG 15 ? ? 129.98 126.00 3.98   0.60 N 
133 1 C6    B DG 15 ? ? C5    B DG 15 ? ? N7    B DG 15 ? ? 137.45 130.40 7.05   0.60 N 
134 1 N1    B DG 15 ? ? C6    B DG 15 ? ? O6    B DG 15 ? ? 124.80 119.90 4.90   0.60 N 
135 1 C5    B DG 15 ? ? C6    B DG 15 ? ? O6    B DG 15 ? ? 120.10 128.60 -8.50  0.60 N 
136 1 "C3'" B DG 15 ? ? "O3'" B DG 15 ? ? P     B DC 16 ? ? 127.67 119.70 7.97   1.20 Y 
137 1 OP1   B DC 16 ? ? P     B DC 16 ? ? OP2   B DC 16 ? ? 110.01 119.60 -9.59  1.50 N 
138 1 N3    B DC 16 ? ? C4    B DC 16 ? ? C5    B DC 16 ? ? 116.73 121.90 -5.17  0.40 N 
139 1 C4    B DC 16 ? ? C5    B DC 16 ? ? C6    B DC 16 ? ? 120.90 117.40 3.50   0.50 N 
140 1 N1    B DC 16 ? ? C2    B DC 16 ? ? O2    B DC 16 ? ? 122.83 118.90 3.93   0.60 N 
141 1 N3    B DC 16 ? ? C2    B DC 16 ? ? O2    B DC 16 ? ? 116.95 121.90 -4.95  0.70 N 
142 1 N3    B DC 16 ? ? C4    B DC 16 ? ? N4    B DC 16 ? ? 122.49 118.00 4.49   0.70 N 
143 1 OP1   B DG 17 ? ? P     B DG 17 ? ? OP2   B DG 17 ? ? 109.58 119.60 -10.02 1.50 N 
144 1 C2    B DG 17 ? ? N3    B DG 17 ? ? C4    B DG 17 ? ? 120.83 111.90 8.93   0.50 N 
145 1 N3    B DG 17 ? ? C4    B DG 17 ? ? C5    B DG 17 ? ? 118.52 128.60 -10.08 0.50 N 
146 1 C5    B DG 17 ? ? C6    B DG 17 ? ? N1    B DG 17 ? ? 115.13 111.50 3.63   0.50 N 
147 1 C4    B DG 17 ? ? C5    B DG 17 ? ? N7    B DG 17 ? ? 101.49 110.80 -9.31  0.40 N 
148 1 C5    B DG 17 ? ? N7    B DG 17 ? ? C8    B DG 17 ? ? 109.10 104.30 4.80   0.50 N 
149 1 N9    B DG 17 ? ? C4    B DG 17 ? ? C5    B DG 17 ? ? 111.55 105.40 6.15   0.40 N 
150 1 N3    B DG 17 ? ? C4    B DG 17 ? ? N9    B DG 17 ? ? 129.93 126.00 3.93   0.60 N 
151 1 C6    B DG 17 ? ? C5    B DG 17 ? ? N7    B DG 17 ? ? 137.31 130.40 6.91   0.60 N 
152 1 N1    B DG 17 ? ? C6    B DG 17 ? ? O6    B DG 17 ? ? 124.84 119.90 4.94   0.60 N 
153 1 C5    B DG 17 ? ? C6    B DG 17 ? ? O6    B DG 17 ? ? 120.04 128.60 -8.56  0.60 N 
154 1 OP1   B DT 18 ? ? P     B DT 18 ? ? OP2   B DT 18 ? ? 109.97 119.60 -9.63  1.50 N 
155 1 "O4'" B DT 18 ? ? "C4'" B DT 18 ? ? "C3'" B DT 18 ? ? 102.04 104.50 -2.46  0.40 N 
156 1 "O4'" B DT 18 ? ? "C1'" B DT 18 ? ? N1    B DT 18 ? ? 110.54 108.30 2.24   0.30 N 
157 1 N1    B DT 18 ? ? C2    B DT 18 ? ? N3    B DT 18 ? ? 118.90 114.60 4.30   0.60 N 
158 1 C2    B DT 18 ? ? N3    B DT 18 ? ? C4    B DT 18 ? ? 122.32 127.20 -4.88  0.60 N 
159 1 C5    B DT 18 ? ? C4    B DT 18 ? ? O4    B DT 18 ? ? 119.65 124.90 -5.25  0.70 N 
160 1 "C3'" B DT 18 ? ? "O3'" B DT 18 ? ? P     B DC 19 ? ? 127.46 119.70 7.76   1.20 Y 
161 1 OP1   B DC 19 ? ? P     B DC 19 ? ? OP2   B DC 19 ? ? 109.97 119.60 -9.63  1.50 N 
162 1 N3    B DC 19 ? ? C4    B DC 19 ? ? C5    B DC 19 ? ? 116.61 121.90 -5.29  0.40 N 
163 1 C4    B DC 19 ? ? C5    B DC 19 ? ? C6    B DC 19 ? ? 120.90 117.40 3.50   0.50 N 
164 1 N1    B DC 19 ? ? C2    B DC 19 ? ? O2    B DC 19 ? ? 122.99 118.90 4.09   0.60 N 
165 1 N3    B DC 19 ? ? C2    B DC 19 ? ? O2    B DC 19 ? ? 116.64 121.90 -5.26  0.70 N 
166 1 N3    B DC 19 ? ? C4    B DC 19 ? ? N4    B DC 19 ? ? 122.86 118.00 4.86   0.70 N 
167 1 OP1   B DG 20 ? ? P     B DG 20 ? ? OP2   B DG 20 ? ? 109.71 119.60 -9.89  1.50 N 
168 1 C2    B DG 20 ? ? N3    B DG 20 ? ? C4    B DG 20 ? ? 120.94 111.90 9.04   0.50 N 
169 1 N3    B DG 20 ? ? C4    B DG 20 ? ? C5    B DG 20 ? ? 118.93 128.60 -9.67  0.50 N 
170 1 C5    B DG 20 ? ? C6    B DG 20 ? ? N1    B DG 20 ? ? 115.38 111.50 3.88   0.50 N 
171 1 C4    B DG 20 ? ? C5    B DG 20 ? ? N7    B DG 20 ? ? 101.21 110.80 -9.59  0.40 N 
172 1 C5    B DG 20 ? ? N7    B DG 20 ? ? C8    B DG 20 ? ? 109.31 104.30 5.01   0.50 N 
173 1 N7    B DG 20 ? ? C8    B DG 20 ? ? N9    B DG 20 ? ? 110.07 113.10 -3.03  0.50 N 
174 1 N9    B DG 20 ? ? C4    B DG 20 ? ? C5    B DG 20 ? ? 111.73 105.40 6.33   0.40 N 
175 1 C6    B DG 20 ? ? C5    B DG 20 ? ? N7    B DG 20 ? ? 138.18 130.40 7.78   0.60 N 
176 1 N1    B DG 20 ? ? C6    B DG 20 ? ? O6    B DG 20 ? ? 124.77 119.90 4.87   0.60 N 
177 1 C5    B DG 20 ? ? C6    B DG 20 ? ? O6    B DG 20 ? ? 119.86 128.60 -8.74  0.60 N 
# 
loop_
_pdbx_validate_planes.id 
_pdbx_validate_planes.PDB_model_num 
_pdbx_validate_planes.auth_comp_id 
_pdbx_validate_planes.auth_asym_id 
_pdbx_validate_planes.auth_seq_id 
_pdbx_validate_planes.PDB_ins_code 
_pdbx_validate_planes.label_alt_id 
_pdbx_validate_planes.rmsd 
_pdbx_validate_planes.type 
1 1 DC A 4  ? ? 0.072 'SIDE CHAIN' 
2 1 DA B 13 ? ? 0.068 'SIDE CHAIN' 
3 1 DG B 15 ? ? 0.056 'SIDE CHAIN' 
# 
_pdbx_nmr_ensemble.average_constraint_violations_per_residue     ? 
_pdbx_nmr_ensemble.average_constraints_per_residue               ? 
_pdbx_nmr_ensemble.average_distance_constraint_violation         ? 
_pdbx_nmr_ensemble.average_torsion_angle_constraint_violation    ? 
_pdbx_nmr_ensemble.conformer_selection_criteria                  'structures with the least restraint violations' 
_pdbx_nmr_ensemble.conformers_calculated_total_number            1 
_pdbx_nmr_ensemble.conformers_submitted_total_number             1 
_pdbx_nmr_ensemble.distance_constraint_violation_method          ? 
_pdbx_nmr_ensemble.entry_id                                      2MND 
_pdbx_nmr_ensemble.maximum_distance_constraint_violation         ? 
_pdbx_nmr_ensemble.maximum_lower_distance_constraint_violation   ? 
_pdbx_nmr_ensemble.maximum_torsion_angle_constraint_violation    ? 
_pdbx_nmr_ensemble.maximum_upper_distance_constraint_violation   ? 
_pdbx_nmr_ensemble.torsion_angle_constraint_violation_method     ? 
# 
_pdbx_nmr_representative.conformer_id         1 
_pdbx_nmr_representative.entry_id             2MND 
_pdbx_nmr_representative.selection_criteria   'minimized average structure' 
# 
_pdbx_nmr_sample_details.contents         
;2 mM Thiazotropsin B, 2 mM 5'-D(*CP*GP*AP*CP*GP*CP*GP*TP*CP*G)-3', 90% H2O/10% D2O
;
_pdbx_nmr_sample_details.solution_id      1 
_pdbx_nmr_sample_details.solvent_system   '90% H2O/10% D2O' 
# 
loop_
_pdbx_nmr_exptl_sample.component 
_pdbx_nmr_exptl_sample.concentration 
_pdbx_nmr_exptl_sample.concentration_range 
_pdbx_nmr_exptl_sample.concentration_units 
_pdbx_nmr_exptl_sample.isotopic_labeling 
_pdbx_nmr_exptl_sample.solution_id 
'Thiazotropsin B-1'                        2 ? mM ? 1 
"5'-D(*CP*GP*AP*CP*GP*CP*GP*TP*CP*G)-3'-2" 2 ? mM ? 1 
# 
_pdbx_nmr_exptl_sample_conditions.conditions_id       1 
_pdbx_nmr_exptl_sample_conditions.ionic_strength      0.05 
_pdbx_nmr_exptl_sample_conditions.pH                  7.4 
_pdbx_nmr_exptl_sample_conditions.pressure            ambient 
_pdbx_nmr_exptl_sample_conditions.pressure_units      ? 
_pdbx_nmr_exptl_sample_conditions.temperature         298 
_pdbx_nmr_exptl_sample_conditions.temperature_units   K 
# 
loop_
_pdbx_nmr_exptl.conditions_id 
_pdbx_nmr_exptl.experiment_id 
_pdbx_nmr_exptl.solution_id 
_pdbx_nmr_exptl.type 
1 1 1 '2D 1H-1H TOCSY' 
1 2 1 '2D 1H-1H COSY'  
1 3 1 '2D 1H-1H NOESY' 
# 
_pdbx_nmr_constraints.disulfide_bond_constraints_total_count        ? 
_pdbx_nmr_constraints.entry_id                                      2MND 
_pdbx_nmr_constraints.hydrogen_bond_constraints_total_count         ? 
_pdbx_nmr_constraints.NA_alpha-angle_constraints_total_count        ? 
_pdbx_nmr_constraints.NA_beta-angle_constraints_total_count         ? 
_pdbx_nmr_constraints.NA_chi-angle_constraints_total_count          ? 
_pdbx_nmr_constraints.NA_delta-angle_constraints_total_count        ? 
_pdbx_nmr_constraints.NA_epsilon-angle_constraints_total_count      ? 
_pdbx_nmr_constraints.NA_gamma-angle_constraints_total_count        ? 
_pdbx_nmr_constraints.NA_other-angle_constraints_total_count        ? 
_pdbx_nmr_constraints.NA_sugar_pucker_constraints_total_count       ? 
_pdbx_nmr_constraints.NOE_constraints_total                         740 
_pdbx_nmr_constraints.NOE_interentity_total_count                   ? 
_pdbx_nmr_constraints.NOE_interproton_distance_evaluation           ? 
_pdbx_nmr_constraints.NOE_intraresidue_total_count                  318 
_pdbx_nmr_constraints.NOE_long_range_total_count                    ? 
_pdbx_nmr_constraints.NOE_medium_range_total_count                  ? 
_pdbx_nmr_constraints.NOE_motional_averaging_correction             ? 
_pdbx_nmr_constraints.NOE_pseudoatom_corrections                    ? 
_pdbx_nmr_constraints.NOE_sequential_total_count                    141 
_pdbx_nmr_constraints.protein_chi_angle_constraints_total_count     ? 
_pdbx_nmr_constraints.protein_other_angle_constraints_total_count   ? 
_pdbx_nmr_constraints.protein_phi_angle_constraints_total_count     ? 
_pdbx_nmr_constraints.protein_psi_angle_constraints_total_count     ? 
# 
_pdbx_nmr_refine.entry_id           2MND 
_pdbx_nmr_refine.method             'molecular dynamics' 
_pdbx_nmr_refine.details            ? 
_pdbx_nmr_refine.software_ordinal   1 
# 
loop_
_pdbx_nmr_software.authors 
_pdbx_nmr_software.classification 
_pdbx_nmr_software.name 
_pdbx_nmr_software.version 
_pdbx_nmr_software.ordinal 
'Bruker Biospin'                                                            collection                  TopSpin   2.1 1  
'Bruker Biospin'                                                            processing                  TopSpin   2.1 2  
Goddard                                                                     'chemical shift assignment' Sparky    ?   3  
Goddard                                                                     'data analysis'             Sparky    ?   4  
Goddard                                                                     'peak picking'              Sparky    ?   5  
Tripos                                                                      'geometry optimization'     SYBYL     ?   6  
'Case, Darden, Cheatham, III, Simmerling, Wang, Duke, Luo, ... and Kollman' 'geometry optimization'     Amber     ?   7  
'Case, Darden, Cheatham, III, Simmerling, Wang, Duke, Luo, ... and Kollman' refinement                  Amber     ?   8  
'Case, Darden, Cheatham, III, Simmerling, Wang, Duke, Luo, ... and Kollman' 'structure solution'        Amber     ?   9  
Tripos                                                                      'structure solution'        MARDIGRAS ?   10 
# 
loop_
_chem_comp_atom.comp_id 
_chem_comp_atom.atom_id 
_chem_comp_atom.type_symbol 
_chem_comp_atom.pdbx_aromatic_flag 
_chem_comp_atom.pdbx_stereo_config 
_chem_comp_atom.pdbx_ordinal 
3BF N2     N N N 1   
3BF C4     C Y N 2   
3BF N5     N Y N 3   
3BF N8     N N N 4   
3BF C6     C Y N 5   
3BF C7     C N N 6   
3BF C9     C Y N 7   
3BF C10    C Y N 8   
3BF C11    C N N 9   
3BF "O1'"  O N N 10  
3BF "C1'"  C N N 11  
3BF C1     C N N 12  
3BF C3     C Y N 13  
3BF C5     C N N 14  
3BF N6     N Y N 15  
3BF O7     O N N 16  
3BF N11    N Y N 17  
3BF C13    C Y N 18  
3BF C12    C Y N 19  
3BF C14    C N N 20  
3BF O12    O N N 21  
3BF N14    N N N 22  
3BF C15    C Y N 23  
3BF S16    S Y N 24  
3BF C17    C Y N 25  
3BF C20    C N N 26  
3BF C21    C N N 27  
3BF C28    C N N 28  
3BF N19    N Y N 29  
3BF C18    C Y N 30  
3BF C22    C N N 31  
3BF O22    O N N 32  
3BF N22    N N N 33  
3BF C23    C N N 34  
3BF C24    C N N 35  
3BF C25    C N N 36  
3BF N26    N N N 37  
3BF C29    C N N 38  
3BF C27    C N N 39  
3BF H2     H N N 40  
3BF H4     H N N 41  
3BF H8     H N N 42  
3BF H10    H N N 43  
3BF H111   H N N 44  
3BF H112   H N N 45  
3BF H113   H N N 46  
3BF H102   H N N 47  
3BF H101   H N N 48  
3BF H103   H N N 49  
3BF H53    H N N 50  
3BF H51    H N N 51  
3BF H52    H N N 52  
3BF H13    H N N 53  
3BF H14    H N N 54  
3BF H20    H N N 55  
3BF H212   H N N 56  
3BF H211   H N N 57  
3BF H213   H N N 58  
3BF H283   H N N 59  
3BF H281   H N N 60  
3BF H282   H N N 61  
3BF H22    H N N 62  
3BF H232   H N N 63  
3BF H231   H N N 64  
3BF H242   H N N 65  
3BF H241   H N N 66  
3BF H251   H N N 67  
3BF H252   H N N 68  
3BF H291   H N N 69  
3BF H293   H N N 70  
3BF H292   H N N 71  
3BF H273   H N N 72  
3BF H272   H N N 73  
3BF H271   H N N 74  
3BF H26    H N N 75  
DA  OP3    O N N 76  
DA  P      P N N 77  
DA  OP1    O N N 78  
DA  OP2    O N N 79  
DA  "O5'"  O N N 80  
DA  "C5'"  C N N 81  
DA  "C4'"  C N R 82  
DA  "O4'"  O N N 83  
DA  "C3'"  C N S 84  
DA  "O3'"  O N N 85  
DA  "C2'"  C N N 86  
DA  "C1'"  C N R 87  
DA  N9     N Y N 88  
DA  C8     C Y N 89  
DA  N7     N Y N 90  
DA  C5     C Y N 91  
DA  C6     C Y N 92  
DA  N6     N N N 93  
DA  N1     N Y N 94  
DA  C2     C Y N 95  
DA  N3     N Y N 96  
DA  C4     C Y N 97  
DA  HOP3   H N N 98  
DA  HOP2   H N N 99  
DA  "H5'"  H N N 100 
DA  "H5''" H N N 101 
DA  "H4'"  H N N 102 
DA  "H3'"  H N N 103 
DA  "HO3'" H N N 104 
DA  "H2'"  H N N 105 
DA  "H2''" H N N 106 
DA  "H1'"  H N N 107 
DA  H8     H N N 108 
DA  H61    H N N 109 
DA  H62    H N N 110 
DA  H2     H N N 111 
DC  OP3    O N N 112 
DC  P      P N N 113 
DC  OP1    O N N 114 
DC  OP2    O N N 115 
DC  "O5'"  O N N 116 
DC  "C5'"  C N N 117 
DC  "C4'"  C N R 118 
DC  "O4'"  O N N 119 
DC  "C3'"  C N S 120 
DC  "O3'"  O N N 121 
DC  "C2'"  C N N 122 
DC  "C1'"  C N R 123 
DC  N1     N N N 124 
DC  C2     C N N 125 
DC  O2     O N N 126 
DC  N3     N N N 127 
DC  C4     C N N 128 
DC  N4     N N N 129 
DC  C5     C N N 130 
DC  C6     C N N 131 
DC  HOP3   H N N 132 
DC  HOP2   H N N 133 
DC  "H5'"  H N N 134 
DC  "H5''" H N N 135 
DC  "H4'"  H N N 136 
DC  "H3'"  H N N 137 
DC  "HO3'" H N N 138 
DC  "H2'"  H N N 139 
DC  "H2''" H N N 140 
DC  "H1'"  H N N 141 
DC  H41    H N N 142 
DC  H42    H N N 143 
DC  H5     H N N 144 
DC  H6     H N N 145 
DG  OP3    O N N 146 
DG  P      P N N 147 
DG  OP1    O N N 148 
DG  OP2    O N N 149 
DG  "O5'"  O N N 150 
DG  "C5'"  C N N 151 
DG  "C4'"  C N R 152 
DG  "O4'"  O N N 153 
DG  "C3'"  C N S 154 
DG  "O3'"  O N N 155 
DG  "C2'"  C N N 156 
DG  "C1'"  C N R 157 
DG  N9     N Y N 158 
DG  C8     C Y N 159 
DG  N7     N Y N 160 
DG  C5     C Y N 161 
DG  C6     C N N 162 
DG  O6     O N N 163 
DG  N1     N N N 164 
DG  C2     C N N 165 
DG  N2     N N N 166 
DG  N3     N N N 167 
DG  C4     C Y N 168 
DG  HOP3   H N N 169 
DG  HOP2   H N N 170 
DG  "H5'"  H N N 171 
DG  "H5''" H N N 172 
DG  "H4'"  H N N 173 
DG  "H3'"  H N N 174 
DG  "HO3'" H N N 175 
DG  "H2'"  H N N 176 
DG  "H2''" H N N 177 
DG  "H1'"  H N N 178 
DG  H8     H N N 179 
DG  H1     H N N 180 
DG  H21    H N N 181 
DG  H22    H N N 182 
DT  OP3    O N N 183 
DT  P      P N N 184 
DT  OP1    O N N 185 
DT  OP2    O N N 186 
DT  "O5'"  O N N 187 
DT  "C5'"  C N N 188 
DT  "C4'"  C N R 189 
DT  "O4'"  O N N 190 
DT  "C3'"  C N S 191 
DT  "O3'"  O N N 192 
DT  "C2'"  C N N 193 
DT  "C1'"  C N R 194 
DT  N1     N N N 195 
DT  C2     C N N 196 
DT  O2     O N N 197 
DT  N3     N N N 198 
DT  C4     C N N 199 
DT  O4     O N N 200 
DT  C5     C N N 201 
DT  C7     C N N 202 
DT  C6     C N N 203 
DT  HOP3   H N N 204 
DT  HOP2   H N N 205 
DT  "H5'"  H N N 206 
DT  "H5''" H N N 207 
DT  "H4'"  H N N 208 
DT  "H3'"  H N N 209 
DT  "HO3'" H N N 210 
DT  "H2'"  H N N 211 
DT  "H2''" H N N 212 
DT  "H1'"  H N N 213 
DT  H3     H N N 214 
DT  H71    H N N 215 
DT  H72    H N N 216 
DT  H73    H N N 217 
DT  H6     H N N 218 
# 
loop_
_chem_comp_bond.comp_id 
_chem_comp_bond.atom_id_1 
_chem_comp_bond.atom_id_2 
_chem_comp_bond.value_order 
_chem_comp_bond.pdbx_aromatic_flag 
_chem_comp_bond.pdbx_stereo_config 
_chem_comp_bond.pdbx_ordinal 
3BF C21   C20    sing N N 1   
3BF C28   C20    sing N N 2   
3BF C20   C17    sing N N 3   
3BF C11   N11    sing N N 4   
3BF S16   C17    sing Y N 5   
3BF S16   C15    sing Y N 6   
3BF O12   C14    doub N N 7   
3BF C17   C18    doub Y N 8   
3BF N11   C10    sing Y N 9   
3BF N11   C12    sing Y N 10  
3BF C29   N26    sing N N 11  
3BF C14   C12    sing N N 12  
3BF C14   N14    sing N N 13  
3BF O22   C22    doub N N 14  
3BF C18   C22    sing N N 15  
3BF C18   N19    sing Y N 16  
3BF C15   N14    sing N N 17  
3BF C15   N19    doub Y N 18  
3BF C10   C9     doub Y N 19  
3BF C12   C13    doub Y N 20  
3BF C22   N22    sing N N 21  
3BF N26   C27    sing N N 22  
3BF N26   C25    sing N N 23  
3BF C9    C13    sing Y N 24  
3BF C9    N8     sing N N 25  
3BF C25   C24    sing N N 26  
3BF O7    C7     doub N N 27  
3BF N22   C23    sing N N 28  
3BF N8    C7     sing N N 29  
3BF C7    C6     sing N N 30  
3BF C23   C24    sing N N 31  
3BF C5    N5     sing N N 32  
3BF C6    N5     sing Y N 33  
3BF C6    N6     doub Y N 34  
3BF N5    C4     sing Y N 35  
3BF N6    C3     sing Y N 36  
3BF C4    C3     doub Y N 37  
3BF C3    N2     sing N N 38  
3BF N2    "C1'"  sing N N 39  
3BF "O1'" "C1'"  doub N N 40  
3BF "C1'" C1     sing N N 41  
3BF N2    H2     sing N N 42  
3BF C4    H4     sing N N 43  
3BF N8    H8     sing N N 44  
3BF C10   H10    sing N N 45  
3BF C11   H111   sing N N 46  
3BF C11   H112   sing N N 47  
3BF C11   H113   sing N N 48  
3BF C1    H102   sing N N 49  
3BF C1    H101   sing N N 50  
3BF C1    H103   sing N N 51  
3BF C5    H53    sing N N 52  
3BF C5    H51    sing N N 53  
3BF C5    H52    sing N N 54  
3BF C13   H13    sing N N 55  
3BF N14   H14    sing N N 56  
3BF C20   H20    sing N N 57  
3BF C21   H212   sing N N 58  
3BF C21   H211   sing N N 59  
3BF C21   H213   sing N N 60  
3BF C28   H283   sing N N 61  
3BF C28   H281   sing N N 62  
3BF C28   H282   sing N N 63  
3BF N22   H22    sing N N 64  
3BF C23   H232   sing N N 65  
3BF C23   H231   sing N N 66  
3BF C24   H242   sing N N 67  
3BF C24   H241   sing N N 68  
3BF C25   H251   sing N N 69  
3BF C25   H252   sing N N 70  
3BF C29   H291   sing N N 71  
3BF C29   H293   sing N N 72  
3BF C29   H292   sing N N 73  
3BF C27   H273   sing N N 74  
3BF C27   H272   sing N N 75  
3BF C27   H271   sing N N 76  
3BF N26   H26    sing N N 77  
DA  OP3   P      sing N N 78  
DA  OP3   HOP3   sing N N 79  
DA  P     OP1    doub N N 80  
DA  P     OP2    sing N N 81  
DA  P     "O5'"  sing N N 82  
DA  OP2   HOP2   sing N N 83  
DA  "O5'" "C5'"  sing N N 84  
DA  "C5'" "C4'"  sing N N 85  
DA  "C5'" "H5'"  sing N N 86  
DA  "C5'" "H5''" sing N N 87  
DA  "C4'" "O4'"  sing N N 88  
DA  "C4'" "C3'"  sing N N 89  
DA  "C4'" "H4'"  sing N N 90  
DA  "O4'" "C1'"  sing N N 91  
DA  "C3'" "O3'"  sing N N 92  
DA  "C3'" "C2'"  sing N N 93  
DA  "C3'" "H3'"  sing N N 94  
DA  "O3'" "HO3'" sing N N 95  
DA  "C2'" "C1'"  sing N N 96  
DA  "C2'" "H2'"  sing N N 97  
DA  "C2'" "H2''" sing N N 98  
DA  "C1'" N9     sing N N 99  
DA  "C1'" "H1'"  sing N N 100 
DA  N9    C8     sing Y N 101 
DA  N9    C4     sing Y N 102 
DA  C8    N7     doub Y N 103 
DA  C8    H8     sing N N 104 
DA  N7    C5     sing Y N 105 
DA  C5    C6     sing Y N 106 
DA  C5    C4     doub Y N 107 
DA  C6    N6     sing N N 108 
DA  C6    N1     doub Y N 109 
DA  N6    H61    sing N N 110 
DA  N6    H62    sing N N 111 
DA  N1    C2     sing Y N 112 
DA  C2    N3     doub Y N 113 
DA  C2    H2     sing N N 114 
DA  N3    C4     sing Y N 115 
DC  OP3   P      sing N N 116 
DC  OP3   HOP3   sing N N 117 
DC  P     OP1    doub N N 118 
DC  P     OP2    sing N N 119 
DC  P     "O5'"  sing N N 120 
DC  OP2   HOP2   sing N N 121 
DC  "O5'" "C5'"  sing N N 122 
DC  "C5'" "C4'"  sing N N 123 
DC  "C5'" "H5'"  sing N N 124 
DC  "C5'" "H5''" sing N N 125 
DC  "C4'" "O4'"  sing N N 126 
DC  "C4'" "C3'"  sing N N 127 
DC  "C4'" "H4'"  sing N N 128 
DC  "O4'" "C1'"  sing N N 129 
DC  "C3'" "O3'"  sing N N 130 
DC  "C3'" "C2'"  sing N N 131 
DC  "C3'" "H3'"  sing N N 132 
DC  "O3'" "HO3'" sing N N 133 
DC  "C2'" "C1'"  sing N N 134 
DC  "C2'" "H2'"  sing N N 135 
DC  "C2'" "H2''" sing N N 136 
DC  "C1'" N1     sing N N 137 
DC  "C1'" "H1'"  sing N N 138 
DC  N1    C2     sing N N 139 
DC  N1    C6     sing N N 140 
DC  C2    O2     doub N N 141 
DC  C2    N3     sing N N 142 
DC  N3    C4     doub N N 143 
DC  C4    N4     sing N N 144 
DC  C4    C5     sing N N 145 
DC  N4    H41    sing N N 146 
DC  N4    H42    sing N N 147 
DC  C5    C6     doub N N 148 
DC  C5    H5     sing N N 149 
DC  C6    H6     sing N N 150 
DG  OP3   P      sing N N 151 
DG  OP3   HOP3   sing N N 152 
DG  P     OP1    doub N N 153 
DG  P     OP2    sing N N 154 
DG  P     "O5'"  sing N N 155 
DG  OP2   HOP2   sing N N 156 
DG  "O5'" "C5'"  sing N N 157 
DG  "C5'" "C4'"  sing N N 158 
DG  "C5'" "H5'"  sing N N 159 
DG  "C5'" "H5''" sing N N 160 
DG  "C4'" "O4'"  sing N N 161 
DG  "C4'" "C3'"  sing N N 162 
DG  "C4'" "H4'"  sing N N 163 
DG  "O4'" "C1'"  sing N N 164 
DG  "C3'" "O3'"  sing N N 165 
DG  "C3'" "C2'"  sing N N 166 
DG  "C3'" "H3'"  sing N N 167 
DG  "O3'" "HO3'" sing N N 168 
DG  "C2'" "C1'"  sing N N 169 
DG  "C2'" "H2'"  sing N N 170 
DG  "C2'" "H2''" sing N N 171 
DG  "C1'" N9     sing N N 172 
DG  "C1'" "H1'"  sing N N 173 
DG  N9    C8     sing Y N 174 
DG  N9    C4     sing Y N 175 
DG  C8    N7     doub Y N 176 
DG  C8    H8     sing N N 177 
DG  N7    C5     sing Y N 178 
DG  C5    C6     sing N N 179 
DG  C5    C4     doub Y N 180 
DG  C6    O6     doub N N 181 
DG  C6    N1     sing N N 182 
DG  N1    C2     sing N N 183 
DG  N1    H1     sing N N 184 
DG  C2    N2     sing N N 185 
DG  C2    N3     doub N N 186 
DG  N2    H21    sing N N 187 
DG  N2    H22    sing N N 188 
DG  N3    C4     sing N N 189 
DT  OP3   P      sing N N 190 
DT  OP3   HOP3   sing N N 191 
DT  P     OP1    doub N N 192 
DT  P     OP2    sing N N 193 
DT  P     "O5'"  sing N N 194 
DT  OP2   HOP2   sing N N 195 
DT  "O5'" "C5'"  sing N N 196 
DT  "C5'" "C4'"  sing N N 197 
DT  "C5'" "H5'"  sing N N 198 
DT  "C5'" "H5''" sing N N 199 
DT  "C4'" "O4'"  sing N N 200 
DT  "C4'" "C3'"  sing N N 201 
DT  "C4'" "H4'"  sing N N 202 
DT  "O4'" "C1'"  sing N N 203 
DT  "C3'" "O3'"  sing N N 204 
DT  "C3'" "C2'"  sing N N 205 
DT  "C3'" "H3'"  sing N N 206 
DT  "O3'" "HO3'" sing N N 207 
DT  "C2'" "C1'"  sing N N 208 
DT  "C2'" "H2'"  sing N N 209 
DT  "C2'" "H2''" sing N N 210 
DT  "C1'" N1     sing N N 211 
DT  "C1'" "H1'"  sing N N 212 
DT  N1    C2     sing N N 213 
DT  N1    C6     sing N N 214 
DT  C2    O2     doub N N 215 
DT  C2    N3     sing N N 216 
DT  N3    C4     sing N N 217 
DT  N3    H3     sing N N 218 
DT  C4    O4     doub N N 219 
DT  C4    C5     sing N N 220 
DT  C5    C7     sing N N 221 
DT  C5    C6     doub N N 222 
DT  C7    H71    sing N N 223 
DT  C7    H72    sing N N 224 
DT  C7    H73    sing N N 225 
DT  C6    H6     sing N N 226 
# 
loop_
_ndb_struct_conf_na.entry_id 
_ndb_struct_conf_na.feature 
2MND 'double helix'         
2MND 'b-form double helix'  
2MND 'mismatched base pair' 
# 
loop_
_ndb_struct_na_base_pair.model_number 
_ndb_struct_na_base_pair.i_label_asym_id 
_ndb_struct_na_base_pair.i_label_comp_id 
_ndb_struct_na_base_pair.i_label_seq_id 
_ndb_struct_na_base_pair.i_symmetry 
_ndb_struct_na_base_pair.j_label_asym_id 
_ndb_struct_na_base_pair.j_label_comp_id 
_ndb_struct_na_base_pair.j_label_seq_id 
_ndb_struct_na_base_pair.j_symmetry 
_ndb_struct_na_base_pair.shear 
_ndb_struct_na_base_pair.stretch 
_ndb_struct_na_base_pair.stagger 
_ndb_struct_na_base_pair.buckle 
_ndb_struct_na_base_pair.propeller 
_ndb_struct_na_base_pair.opening 
_ndb_struct_na_base_pair.pair_number 
_ndb_struct_na_base_pair.pair_name 
_ndb_struct_na_base_pair.i_auth_asym_id 
_ndb_struct_na_base_pair.i_auth_seq_id 
_ndb_struct_na_base_pair.i_PDB_ins_code 
_ndb_struct_na_base_pair.j_auth_asym_id 
_ndb_struct_na_base_pair.j_auth_seq_id 
_ndb_struct_na_base_pair.j_PDB_ins_code 
_ndb_struct_na_base_pair.hbond_type_28 
_ndb_struct_na_base_pair.hbond_type_12 
1 A DC 1  1_555 B DG 10 1_555 0.707  -0.653 -1.994 27.717  -35.916 6.302   1  A_DC1:DG20_B  A 1  ? B 20 ? ?  1 
1 A DG 2  1_555 B DC 9  1_555 0.603  -0.256 1.506  -3.139  -18.943 -8.732  2  A_DG2:DC19_B  A 2  ? B 19 ? 19 1 
1 A DA 3  1_555 B DT 8  1_555 -0.161 -0.068 -0.176 -10.769 -21.309 3.445   3  A_DA3:DT18_B  A 3  ? B 18 ? 20 1 
1 A DC 4  1_555 B DG 7  1_555 0.813  -0.335 -0.164 -8.199  -18.288 -4.697  4  A_DC4:DG17_B  A 4  ? B 17 ? 19 1 
1 A DG 5  1_555 B DC 6  1_555 -0.161 -0.514 1.395  2.574   -16.762 -7.329  5  A_DG5:DC16_B  A 5  ? B 16 ? 19 1 
1 A DC 6  1_555 B DG 5  1_555 0.531  -0.232 0.569  -9.459  -1.541  -2.011  6  A_DC6:DG15_B  A 6  ? B 15 ? 19 1 
1 A DG 7  1_555 B DC 4  1_555 -0.297 -0.161 0.863  -0.888  -3.227  -1.268  7  A_DG7:DC14_B  A 7  ? B 14 ? 19 1 
1 A DT 8  1_555 B DA 3  1_555 -0.688 -0.391 1.448  1.321   -5.978  -8.832  8  A_DT8:DA13_B  A 8  ? B 13 ? 20 1 
1 A DC 9  1_555 B DG 2  1_555 0.368  -0.310 0.784  8.669   -11.507 -8.454  9  A_DC9:DG12_B  A 9  ? B 12 ? 19 1 
1 A DG 10 1_555 B DC 1  1_555 -0.008 -0.596 1.418  4.571   -22.878 -16.266 10 A_DG10:DC11_B A 10 ? B 11 ? 19 1 
# 
loop_
_ndb_struct_na_base_pair_step.model_number 
_ndb_struct_na_base_pair_step.i_label_asym_id_1 
_ndb_struct_na_base_pair_step.i_label_comp_id_1 
_ndb_struct_na_base_pair_step.i_label_seq_id_1 
_ndb_struct_na_base_pair_step.i_symmetry_1 
_ndb_struct_na_base_pair_step.j_label_asym_id_1 
_ndb_struct_na_base_pair_step.j_label_comp_id_1 
_ndb_struct_na_base_pair_step.j_label_seq_id_1 
_ndb_struct_na_base_pair_step.j_symmetry_1 
_ndb_struct_na_base_pair_step.i_label_asym_id_2 
_ndb_struct_na_base_pair_step.i_label_comp_id_2 
_ndb_struct_na_base_pair_step.i_label_seq_id_2 
_ndb_struct_na_base_pair_step.i_symmetry_2 
_ndb_struct_na_base_pair_step.j_label_asym_id_2 
_ndb_struct_na_base_pair_step.j_label_comp_id_2 
_ndb_struct_na_base_pair_step.j_label_seq_id_2 
_ndb_struct_na_base_pair_step.j_symmetry_2 
_ndb_struct_na_base_pair_step.shift 
_ndb_struct_na_base_pair_step.slide 
_ndb_struct_na_base_pair_step.rise 
_ndb_struct_na_base_pair_step.tilt 
_ndb_struct_na_base_pair_step.roll 
_ndb_struct_na_base_pair_step.twist 
_ndb_struct_na_base_pair_step.x_displacement 
_ndb_struct_na_base_pair_step.y_displacement 
_ndb_struct_na_base_pair_step.helical_rise 
_ndb_struct_na_base_pair_step.inclination 
_ndb_struct_na_base_pair_step.tip 
_ndb_struct_na_base_pair_step.helical_twist 
_ndb_struct_na_base_pair_step.step_number 
_ndb_struct_na_base_pair_step.step_name 
_ndb_struct_na_base_pair_step.i_auth_asym_id_1 
_ndb_struct_na_base_pair_step.i_auth_seq_id_1 
_ndb_struct_na_base_pair_step.i_PDB_ins_code_1 
_ndb_struct_na_base_pair_step.j_auth_asym_id_1 
_ndb_struct_na_base_pair_step.j_auth_seq_id_1 
_ndb_struct_na_base_pair_step.j_PDB_ins_code_1 
_ndb_struct_na_base_pair_step.i_auth_asym_id_2 
_ndb_struct_na_base_pair_step.i_auth_seq_id_2 
_ndb_struct_na_base_pair_step.i_PDB_ins_code_2 
_ndb_struct_na_base_pair_step.j_auth_asym_id_2 
_ndb_struct_na_base_pair_step.j_auth_seq_id_2 
_ndb_struct_na_base_pair_step.j_PDB_ins_code_2 
1 A DC 1 1_555 B DG 10 1_555 A DG 2  1_555 B DC 9 1_555 -0.420 0.830  4.202 -25.684 9.713   35.229 -0.143 -2.727 3.777 13.766  
36.401  44.398 1 AA_DC1DG2:DC19DG20_BB  A 1 ? B 20 ? A 2  ? B 19 ? 
1 A DG 2 1_555 B DC 9  1_555 A DA 3  1_555 B DT 8 1_555 0.625  -0.650 3.677 8.630   4.289   33.739 -1.812 0.436  3.616 7.209   
-14.506 35.050 2 AA_DG2DA3:DT18DC19_BB  A 2 ? B 19 ? A 3  ? B 18 ? 
1 A DA 3 1_555 B DT 8  1_555 A DC 4  1_555 B DG 7 1_555 -0.969 -0.269 3.015 -0.733  12.893  33.841 -2.094 1.467  2.753 21.214  
1.207   36.154 3 AA_DA3DC4:DG17DT18_BB  A 3 ? B 18 ? A 4  ? B 17 ? 
1 A DC 4 1_555 B DG 7  1_555 A DG 5  1_555 B DC 6 1_555 -0.933 0.813  3.403 -13.160 2.386   32.257 0.956  -0.657 3.554 4.082   
22.516  34.852 4 AA_DC4DG5:DC16DG17_BB  A 4 ? B 17 ? A 5  ? B 16 ? 
1 A DG 5 1_555 B DC 6  1_555 A DC 6  1_555 B DG 5 1_555 0.361  -0.213 3.535 3.710   -8.042  42.010 0.583  -0.090 3.533 -11.070 
-5.108  42.892 5 AA_DG5DC6:DG15DC16_BB  A 5 ? B 16 ? A 6  ? B 15 ? 
1 A DC 6 1_555 B DG 5  1_555 A DG 7  1_555 B DC 4 1_555 0.352  0.866  3.456 -1.129  7.857   32.811 0.107  -0.807 3.549 13.661  
1.963   33.732 6 AA_DC6DG7:DC14DG15_BB  A 6 ? B 15 ? A 7  ? B 14 ? 
1 A DG 7 1_555 B DC 4  1_555 A DT 8  1_555 B DA 3 1_555 -0.312 -1.014 3.146 -5.008  1.757   29.798 -2.284 -0.376 3.092 3.383   
9.642   30.256 7 AA_DG7DT8:DA13DC14_BB  A 7 ? B 14 ? A 8  ? B 13 ? 
1 A DT 8 1_555 B DA 3  1_555 A DC 9  1_555 B DG 2 1_555 -0.353 -1.315 2.712 3.541   0.790   41.014 -1.941 0.816  2.650 1.125   
-5.042  41.167 8 AA_DT8DC9:DG12DA13_BB  A 8 ? B 13 ? A 9  ? B 12 ? 
1 A DC 9 1_555 B DG 2  1_555 A DG 10 1_555 B DC 1 1_555 -0.497 -1.652 2.946 -7.944  -10.162 32.547 -1.222 -0.368 3.327 -17.308 
13.530  34.945 9 AA_DC9DG10:DC11DG12_BB A 9 ? B 12 ? A 10 ? B 11 ? 
# 
_pdbx_nmr_spectrometer.field_strength    600 
_pdbx_nmr_spectrometer.manufacturer      Bruker 
_pdbx_nmr_spectrometer.model             AVANCE 
_pdbx_nmr_spectrometer.spectrometer_id   1 
_pdbx_nmr_spectrometer.type              'Bruker Avance' 
# 
_atom_sites.entry_id                    2MND 
_atom_sites.fract_transf_matrix[1][1]   1.000000 
_atom_sites.fract_transf_matrix[1][2]   0.000000 
_atom_sites.fract_transf_matrix[1][3]   0.000000 
_atom_sites.fract_transf_matrix[2][1]   0.000000 
_atom_sites.fract_transf_matrix[2][2]   1.000000 
_atom_sites.fract_transf_matrix[2][3]   0.000000 
_atom_sites.fract_transf_matrix[3][1]   0.000000 
_atom_sites.fract_transf_matrix[3][2]   0.000000 
_atom_sites.fract_transf_matrix[3][3]   1.000000 
_atom_sites.fract_transf_vector[1]      0.00000 
_atom_sites.fract_transf_vector[2]      0.00000 
_atom_sites.fract_transf_vector[3]      0.00000 
# 
loop_
_atom_type.symbol 
C 
H 
N 
O 
P 
S 
# 
loop_
_atom_site.group_PDB 
_atom_site.id 
_atom_site.type_symbol 
_atom_site.label_atom_id 
_atom_site.label_alt_id 
_atom_site.label_comp_id 
_atom_site.label_asym_id 
_atom_site.label_entity_id 
_atom_site.label_seq_id 
_atom_site.pdbx_PDB_ins_code 
_atom_site.Cartn_x 
_atom_site.Cartn_y 
_atom_site.Cartn_z 
_atom_site.occupancy 
_atom_site.B_iso_or_equiv 
_atom_site.pdbx_formal_charge 
_atom_site.auth_seq_id 
_atom_site.auth_comp_id 
_atom_site.auth_asym_id 
_atom_site.auth_atom_id 
_atom_site.pdbx_PDB_model_num 
ATOM   1   O "O5'"  . DC  A 1 1  ? -9.877  16.199  4.424   1.00 0.00 ? 1   DC  A "O5'"  1 
ATOM   2   C "C5'"  . DC  A 1 1  ? -8.571  16.677  4.065   1.00 0.00 ? 1   DC  A "C5'"  1 
ATOM   3   C "C4'"  . DC  A 1 1  ? -7.620  15.492  3.771   1.00 0.00 ? 1   DC  A "C4'"  1 
ATOM   4   O "O4'"  . DC  A 1 1  ? -7.535  14.666  4.944   1.00 0.00 ? 1   DC  A "O4'"  1 
ATOM   5   C "C3'"  . DC  A 1 1  ? -8.134  14.540  2.657   1.00 0.00 ? 1   DC  A "C3'"  1 
ATOM   6   O "O3'"  . DC  A 1 1  ? -7.160  14.413  1.607   1.00 0.00 ? 1   DC  A "O3'"  1 
ATOM   7   C "C2'"  . DC  A 1 1  ? -8.272  13.191  3.393   1.00 0.00 ? 1   DC  A "C2'"  1 
ATOM   8   C "C1'"  . DC  A 1 1  ? -7.241  13.322  4.535   1.00 0.00 ? 1   DC  A "C1'"  1 
ATOM   9   N N1     . DC  A 1 1  ? -7.375  12.376  5.646   1.00 0.00 ? 1   DC  A N1     1 
ATOM   10  C C2     . DC  A 1 1  ? -6.923  12.715  6.873   1.00 0.00 ? 1   DC  A C2     1 
ATOM   11  O O2     . DC  A 1 1  ? -6.384  13.784  7.106   1.00 0.00 ? 1   DC  A O2     1 
ATOM   12  N N3     . DC  A 1 1  ? -7.064  11.803  7.983   1.00 0.00 ? 1   DC  A N3     1 
ATOM   13  C C4     . DC  A 1 1  ? -7.598  10.656  7.850   1.00 0.00 ? 1   DC  A C4     1 
ATOM   14  N N4     . DC  A 1 1  ? -7.755  9.836   8.853   1.00 0.00 ? 1   DC  A N4     1 
ATOM   15  C C5     . DC  A 1 1  ? -8.038  10.287  6.488   1.00 0.00 ? 1   DC  A C5     1 
ATOM   16  C C6     . DC  A 1 1  ? -7.910  11.141  5.463   1.00 0.00 ? 1   DC  A C6     1 
ATOM   17  H "H5'"  . DC  A 1 1  ? -8.159  17.292  4.881   1.00 0.00 ? 1   DC  A "H5'"  1 
ATOM   18  H "H5''" . DC  A 1 1  ? -8.672  17.312  3.172   1.00 0.00 ? 1   DC  A "H5''" 1 
ATOM   19  H "H4'"  . DC  A 1 1  ? -6.608  15.856  3.522   1.00 0.00 ? 1   DC  A "H4'"  1 
ATOM   20  H "H3'"  . DC  A 1 1  ? -9.106  14.833  2.225   1.00 0.00 ? 1   DC  A "H3'"  1 
ATOM   21  H "H2'"  . DC  A 1 1  ? -9.276  13.111  3.843   1.00 0.00 ? 1   DC  A "H2'"  1 
ATOM   22  H "H2''" . DC  A 1 1  ? -8.112  12.343  2.714   1.00 0.00 ? 1   DC  A "H2''" 1 
ATOM   23  H "H1'"  . DC  A 1 1  ? -6.210  13.286  4.151   1.00 0.00 ? 1   DC  A "H1'"  1 
ATOM   24  H H41    . DC  A 1 1  ? -7.438  10.108  9.795   1.00 0.00 ? 1   DC  A H41    1 
ATOM   25  H H42    . DC  A 1 1  ? -8.194  8.914   8.716   1.00 0.00 ? 1   DC  A H42    1 
ATOM   26  H H5     . DC  A 1 1  ? -8.475  9.301   6.317   1.00 0.00 ? 1   DC  A H5     1 
ATOM   27  H H6     . DC  A 1 1  ? -8.255  10.795  4.489   1.00 0.00 ? 1   DC  A H6     1 
ATOM   28  H "HO5'" . DC  A 1 1  ? -9.856  15.640  5.195   1.00 0.00 ? 1   DC  A "HO5'" 1 
ATOM   29  P P      . DG  A 1 2  ? -7.007  15.501  0.441   1.00 0.00 ? 2   DG  A P      1 
ATOM   30  O OP1    . DG  A 1 2  ? -7.652  16.780  0.851   1.00 0.00 ? 2   DG  A OP1    1 
ATOM   31  O OP2    . DG  A 1 2  ? -7.705  14.991  -0.772  1.00 0.00 ? 2   DG  A OP2    1 
ATOM   32  O "O5'"  . DG  A 1 2  ? -5.485  15.823  0.066   1.00 0.00 ? 2   DG  A "O5'"  1 
ATOM   33  C "C5'"  . DG  A 1 2  ? -4.476  16.293  0.967   1.00 0.00 ? 2   DG  A "C5'"  1 
ATOM   34  C "C4'"  . DG  A 1 2  ? -3.674  15.139  1.617   1.00 0.00 ? 2   DG  A "C4'"  1 
ATOM   35  O "O4'"  . DG  A 1 2  ? -4.458  14.150  2.301   1.00 0.00 ? 2   DG  A "O4'"  1 
ATOM   36  C "C3'"  . DG  A 1 2  ? -2.903  14.285  0.583   1.00 0.00 ? 2   DG  A "C3'"  1 
ATOM   37  O "O3'"  . DG  A 1 2  ? -1.644  14.902  0.274   1.00 0.00 ? 2   DG  A "O3'"  1 
ATOM   38  C "C2'"  . DG  A 1 2  ? -2.782  12.902  1.276   1.00 0.00 ? 2   DG  A "C2'"  1 
ATOM   39  C "C1'"  . DG  A 1 2  ? -3.558  13.068  2.600   1.00 0.00 ? 2   DG  A "C1'"  1 
ATOM   40  N N9     . DG  A 1 2  ? -4.220  11.841  3.022   1.00 0.00 ? 2   DG  A N9     1 
ATOM   41  C C8     . DG  A 1 2  ? -5.340  11.373  2.553   1.00 0.00 ? 2   DG  A C8     1 
ATOM   42  N N7     . DG  A 1 2  ? -5.660  10.320  3.169   1.00 0.00 ? 2   DG  A N7     1 
ATOM   43  C C5     . DG  A 1 2  ? -4.661  10.027  4.158   1.00 0.00 ? 2   DG  A C5     1 
ATOM   44  C C6     . DG  A 1 2  ? -4.400  9.019   5.189   1.00 0.00 ? 2   DG  A C6     1 
ATOM   45  O O6     . DG  A 1 2  ? -5.204  8.121   5.388   1.00 0.00 ? 2   DG  A O6     1 
ATOM   46  N N1     . DG  A 1 2  ? -3.235  9.170   5.873   1.00 0.00 ? 2   DG  A N1     1 
ATOM   47  C C2     . DG  A 1 2  ? -2.358  10.197  5.642   1.00 0.00 ? 2   DG  A C2     1 
ATOM   48  N N2     . DG  A 1 2  ? -1.255  10.246  6.342   1.00 0.00 ? 2   DG  A N2     1 
ATOM   49  N N3     . DG  A 1 2  ? -2.609  11.090  4.764   1.00 0.00 ? 2   DG  A N3     1 
ATOM   50  C C4     . DG  A 1 2  ? -3.807  11.029  3.966   1.00 0.00 ? 2   DG  A C4     1 
ATOM   51  H "H5'"  . DG  A 1 2  ? -4.927  16.946  1.731   1.00 0.00 ? 2   DG  A "H5'"  1 
ATOM   52  H "H5''" . DG  A 1 2  ? -3.771  16.894  0.372   1.00 0.00 ? 2   DG  A "H5''" 1 
ATOM   53  H "H4'"  . DG  A 1 2  ? -2.955  15.582  2.331   1.00 0.00 ? 2   DG  A "H4'"  1 
ATOM   54  H "H3'"  . DG  A 1 2  ? -3.493  14.187  -0.343  1.00 0.00 ? 2   DG  A "H3'"  1 
ATOM   55  H "H2'"  . DG  A 1 2  ? -3.250  12.117  0.659   1.00 0.00 ? 2   DG  A "H2'"  1 
ATOM   56  H "H2''" . DG  A 1 2  ? -1.743  12.618  1.481   1.00 0.00 ? 2   DG  A "H2''" 1 
ATOM   57  H "H1'"  . DG  A 1 2  ? -2.881  13.405  3.405   1.00 0.00 ? 2   DG  A "H1'"  1 
ATOM   58  H H8     . DG  A 1 2  ? -5.918  11.825  1.749   1.00 0.00 ? 2   DG  A H8     1 
ATOM   59  H H1     . DG  A 1 2  ? -3.033  8.481   6.571   1.00 0.00 ? 2   DG  A H1     1 
ATOM   60  H H21    . DG  A 1 2  ? -1.039  9.534   7.054   1.00 0.00 ? 2   DG  A H21    1 
ATOM   61  H H22    . DG  A 1 2  ? -0.578  11.006  6.179   1.00 0.00 ? 2   DG  A H22    1 
ATOM   62  P P      . DA  A 1 3  ? -0.512  14.282  -0.674  1.00 0.00 ? 3   DA  A P      1 
ATOM   63  O OP1    . DA  A 1 3  ? 0.422   15.356  -1.110  1.00 0.00 ? 3   DA  A OP1    1 
ATOM   64  O OP2    . DA  A 1 3  ? -1.146  13.651  -1.866  1.00 0.00 ? 3   DA  A OP2    1 
ATOM   65  O "O5'"  . DA  A 1 3  ? 0.296   13.177  0.155   1.00 0.00 ? 3   DA  A "O5'"  1 
ATOM   66  C "C5'"  . DA  A 1 3  ? 1.181   13.470  1.244   1.00 0.00 ? 3   DA  A "C5'"  1 
ATOM   67  C "C4'"  . DA  A 1 3  ? 1.509   12.154  1.986   1.00 0.00 ? 3   DA  A "C4'"  1 
ATOM   68  O "O4'"  . DA  A 1 3  ? 0.283   11.521  2.367   1.00 0.00 ? 3   DA  A "O4'"  1 
ATOM   69  C "C3'"  . DA  A 1 3  ? 2.184   11.082  1.099   1.00 0.00 ? 3   DA  A "C3'"  1 
ATOM   70  O "O3'"  . DA  A 1 3  ? 3.615   11.193  1.148   1.00 0.00 ? 3   DA  A "O3'"  1 
ATOM   71  C "C2'"  . DA  A 1 3  ? 1.646   9.751   1.684   1.00 0.00 ? 3   DA  A "C2'"  1 
ATOM   72  C "C1'"  . DA  A 1 3  ? 0.578   10.169  2.722   1.00 0.00 ? 3   DA  A "C1'"  1 
ATOM   73  N N9     . DA  A 1 3  ? -0.623  9.354   2.631   1.00 0.00 ? 3   DA  A N9     1 
ATOM   74  C C8     . DA  A 1 3  ? -1.553  9.449   1.715   1.00 0.00 ? 3   DA  A C8     1 
ATOM   75  N N7     . DA  A 1 3  ? -2.497  8.632   1.930   1.00 0.00 ? 3   DA  A N7     1 
ATOM   76  C C5     . DA  A 1 3  ? -2.239  7.926   3.038   1.00 0.00 ? 3   DA  A C5     1 
ATOM   77  C C6     . DA  A 1 3  ? -2.956  6.927   3.689   1.00 0.00 ? 3   DA  A C6     1 
ATOM   78  N N6     . DA  A 1 3  ? -4.162  6.507   3.245   1.00 0.00 ? 3   DA  A N6     1 
ATOM   79  N N1     . DA  A 1 3  ? -2.360  6.420   4.792   1.00 0.00 ? 3   DA  A N1     1 
ATOM   80  C C2     . DA  A 1 3  ? -1.172  6.886   5.250   1.00 0.00 ? 3   DA  A C2     1 
ATOM   81  N N3     . DA  A 1 3  ? -0.477  7.855   4.609   1.00 0.00 ? 3   DA  A N3     1 
ATOM   82  C C4     . DA  A 1 3  ? -1.015  8.388   3.497   1.00 0.00 ? 3   DA  A C4     1 
ATOM   83  H "H5'"  . DA  A 1 3  ? 0.675   14.152  1.946   1.00 0.00 ? 3   DA  A "H5'"  1 
ATOM   84  H "H5''" . DA  A 1 3  ? 2.097   13.952  0.868   1.00 0.00 ? 3   DA  A "H5''" 1 
ATOM   85  H "H4'"  . DA  A 1 3  ? 2.125   12.343  2.883   1.00 0.00 ? 3   DA  A "H4'"  1 
ATOM   86  H "H3'"  . DA  A 1 3  ? 1.852   11.191  0.053   1.00 0.00 ? 3   DA  A "H3'"  1 
ATOM   87  H "H2'"  . DA  A 1 3  ? 1.193   9.142   0.886   1.00 0.00 ? 3   DA  A "H2'"  1 
ATOM   88  H "H2''" . DA  A 1 3  ? 2.428   9.169   2.185   1.00 0.00 ? 3   DA  A "H2''" 1 
ATOM   89  H "H1'"  . DA  A 1 3  ? 0.986   10.159  3.747   1.00 0.00 ? 3   DA  A "H1'"  1 
ATOM   90  H H8     . DA  A 1 3  ? -1.533  10.135  0.872   1.00 0.00 ? 3   DA  A H8     1 
ATOM   91  H H61    . DA  A 1 3  ? -4.584  6.931   2.406   1.00 0.00 ? 3   DA  A H61    1 
ATOM   92  H H62    . DA  A 1 3  ? -4.669  5.765   3.749   1.00 0.00 ? 3   DA  A H62    1 
ATOM   93  H H2     . DA  A 1 3  ? -0.775  6.470   6.166   1.00 0.00 ? 3   DA  A H2     1 
ATOM   94  P P      . DC  A 1 4  ? 4.633   10.193  0.417   1.00 0.00 ? 4   DC  A P      1 
ATOM   95  O OP1    . DC  A 1 4  ? 5.985   10.815  0.349   1.00 0.00 ? 4   DC  A OP1    1 
ATOM   96  O OP2    . DC  A 1 4  ? 4.146   9.912   -0.963  1.00 0.00 ? 4   DC  A OP2    1 
ATOM   97  O "O5'"  . DC  A 1 4  ? 4.720   8.821   1.237   1.00 0.00 ? 4   DC  A "O5'"  1 
ATOM   98  C "C5'"  . DC  A 1 4  ? 5.343   8.661   2.520   1.00 0.00 ? 4   DC  A "C5'"  1 
ATOM   99  C "C4'"  . DC  A 1 4  ? 4.980   7.263   3.074   1.00 0.00 ? 4   DC  A "C4'"  1 
ATOM   100 O "O4'"  . DC  A 1 4  ? 3.561   7.120   3.053   1.00 0.00 ? 4   DC  A "O4'"  1 
ATOM   101 C "C3'"  . DC  A 1 4  ? 5.461   6.094   2.186   1.00 0.00 ? 4   DC  A "C3'"  1 
ATOM   102 O "O3'"  . DC  A 1 4  ? 6.775   5.708   2.613   1.00 0.00 ? 4   DC  A "O3'"  1 
ATOM   103 C "C2'"  . DC  A 1 4  ? 4.367   5.008   2.382   1.00 0.00 ? 4   DC  A "C2'"  1 
ATOM   104 C "C1'"  . DC  A 1 4  ? 3.236   5.730   3.153   1.00 0.00 ? 4   DC  A "C1'"  1 
ATOM   105 N N1     . DC  A 1 4  ? 1.898   5.553   2.585   1.00 0.00 ? 4   DC  A N1     1 
ATOM   106 C C2     . DC  A 1 4  ? 1.015   4.690   3.130   1.00 0.00 ? 4   DC  A C2     1 
ATOM   107 O O2     . DC  A 1 4  ? 1.309   3.922   4.032   1.00 0.00 ? 4   DC  A O2     1 
ATOM   108 N N3     . DC  A 1 4  ? -0.347  4.642   2.656   1.00 0.00 ? 4   DC  A N3     1 
ATOM   109 C C4     . DC  A 1 4  ? -0.751  5.375   1.698   1.00 0.00 ? 4   DC  A C4     1 
ATOM   110 N N4     . DC  A 1 4  ? -1.993  5.391   1.300   1.00 0.00 ? 4   DC  A N4     1 
ATOM   111 C C5     . DC  A 1 4  ? 0.264   6.226   1.040   1.00 0.00 ? 4   DC  A C5     1 
ATOM   112 C C6     . DC  A 1 4  ? 1.522   6.276   1.502   1.00 0.00 ? 4   DC  A C6     1 
ATOM   113 H "H5'"  . DC  A 1 4  ? 4.952   9.429   3.206   1.00 0.00 ? 4   DC  A "H5'"  1 
ATOM   114 H "H5''" . DC  A 1 4  ? 6.433   8.777   2.429   1.00 0.00 ? 4   DC  A "H5''" 1 
ATOM   115 H "H4'"  . DC  A 1 4  ? 5.347   7.129   4.105   1.00 0.00 ? 4   DC  A "H4'"  1 
ATOM   116 H "H3'"  . DC  A 1 4  ? 5.498   6.397   1.125   1.00 0.00 ? 4   DC  A "H3'"  1 
ATOM   117 H "H2'"  . DC  A 1 4  ? 3.995   4.646   1.409   1.00 0.00 ? 4   DC  A "H2'"  1 
ATOM   118 H "H2''" . DC  A 1 4  ? 4.732   4.150   2.964   1.00 0.00 ? 4   DC  A "H2''" 1 
ATOM   119 H "H1'"  . DC  A 1 4  ? 3.274   5.479   4.228   1.00 0.00 ? 4   DC  A "H1'"  1 
ATOM   120 H H41    . DC  A 1 4  ? -2.691  4.799   1.771   1.00 0.00 ? 4   DC  A H41    1 
ATOM   121 H H42    . DC  A 1 4  ? -2.291  5.997   0.521   1.00 0.00 ? 4   DC  A H42    1 
ATOM   122 H H5     . DC  A 1 4  ? -0.011  6.822   0.170   1.00 0.00 ? 4   DC  A H5     1 
ATOM   123 H H6     . DC  A 1 4  ? 2.240   6.913   0.984   1.00 0.00 ? 4   DC  A H6     1 
ATOM   124 P P      . DG  A 1 5  ? 7.639   4.461   2.106   1.00 0.00 ? 5   DG  A P      1 
ATOM   125 O OP1    . DG  A 1 5  ? 9.079   4.721   2.380   1.00 0.00 ? 5   DG  A OP1    1 
ATOM   126 O OP2    . DG  A 1 5  ? 7.433   4.256   0.645   1.00 0.00 ? 5   DG  A OP2    1 
ATOM   127 O "O5'"  . DG  A 1 5  ? 7.183   3.159   2.917   1.00 0.00 ? 5   DG  A "O5'"  1 
ATOM   128 C "C5'"  . DG  A 1 5  ? 7.198   3.058   4.344   1.00 0.00 ? 5   DG  A "C5'"  1 
ATOM   129 C "C4'"  . DG  A 1 5  ? 6.626   1.688   4.784   1.00 0.00 ? 5   DG  A "C4'"  1 
ATOM   130 O "O4'"  . DG  A 1 5  ? 5.304   1.554   4.233   1.00 0.00 ? 5   DG  A "O4'"  1 
ATOM   131 C "C3'"  . DG  A 1 5  ? 7.442   0.493   4.236   1.00 0.00 ? 5   DG  A "C3'"  1 
ATOM   132 O "O3'"  . DG  A 1 5  ? 7.354   -0.573  5.195   1.00 0.00 ? 5   DG  A "O3'"  1 
ATOM   133 C "C2'"  . DG  A 1 5  ? 6.709   0.156   2.921   1.00 0.00 ? 5   DG  A "C2'"  1 
ATOM   134 C "C1'"  . DG  A 1 5  ? 5.241   0.449   3.312   1.00 0.00 ? 5   DG  A "C1'"  1 
ATOM   135 N N9     . DG  A 1 5  ? 4.331   0.894   2.260   1.00 0.00 ? 5   DG  A N9     1 
ATOM   136 C C8     . DG  A 1 5  ? 4.586   1.807   1.364   1.00 0.00 ? 5   DG  A C8     1 
ATOM   137 N N7     . DG  A 1 5  ? 3.568   2.022   0.656   1.00 0.00 ? 5   DG  A N7     1 
ATOM   138 C C5     . DG  A 1 5  ? 2.499   1.179   1.105   1.00 0.00 ? 5   DG  A C5     1 
ATOM   139 C C6     . DG  A 1 5  ? 1.097   0.956   0.771   1.00 0.00 ? 5   DG  A C6     1 
ATOM   140 O O6     . DG  A 1 5  ? 0.554   1.635   -0.086  1.00 0.00 ? 5   DG  A O6     1 
ATOM   141 N N1     . DG  A 1 5  ? 0.483   -0.018  1.487   1.00 0.00 ? 5   DG  A N1     1 
ATOM   142 C C2     . DG  A 1 5  ? 1.115   -0.748  2.459   1.00 0.00 ? 5   DG  A C2     1 
ATOM   143 N N2     . DG  A 1 5  ? 0.434   -1.700  3.040   1.00 0.00 ? 5   DG  A N2     1 
ATOM   144 N N3     . DG  A 1 5  ? 2.330   -0.511  2.779   1.00 0.00 ? 5   DG  A N3     1 
ATOM   145 C C4     . DG  A 1 5  ? 3.090   0.499   2.085   1.00 0.00 ? 5   DG  A C4     1 
ATOM   146 H "H5'"  . DG  A 1 5  ? 6.574   3.861   4.764   1.00 0.00 ? 5   DG  A "H5'"  1 
ATOM   147 H "H5''" . DG  A 1 5  ? 8.229   3.182   4.713   1.00 0.00 ? 5   DG  A "H5''" 1 
ATOM   148 H "H4'"  . DG  A 1 5  ? 6.583   1.665   5.885   1.00 0.00 ? 5   DG  A "H4'"  1 
ATOM   149 H "H3'"  . DG  A 1 5  ? 8.507   0.731   4.082   1.00 0.00 ? 5   DG  A "H3'"  1 
ATOM   150 H "H2'"  . DG  A 1 5  ? 7.057   0.819   2.120   1.00 0.00 ? 5   DG  A "H2'"  1 
ATOM   151 H "H2''" . DG  A 1 5  ? 6.884   -0.881  2.602   1.00 0.00 ? 5   DG  A "H2''" 1 
ATOM   152 H "H1'"  . DG  A 1 5  ? 4.837   -0.426  3.847   1.00 0.00 ? 5   DG  A "H1'"  1 
ATOM   153 H H8     . DG  A 1 5  ? 5.513   2.351   1.206   1.00 0.00 ? 5   DG  A H8     1 
ATOM   154 H H1     . DG  A 1 5  ? -0.477  -0.183  1.267   1.00 0.00 ? 5   DG  A H1     1 
ATOM   155 H H21    . DG  A 1 5  ? -0.543  -1.890  2.780   1.00 0.00 ? 5   DG  A H21    1 
ATOM   156 H H22    . DG  A 1 5  ? 0.876   -2.293  3.754   1.00 0.00 ? 5   DG  A H22    1 
ATOM   157 P P      . DC  A 1 6  ? 7.981   -2.036  5.030   1.00 0.00 ? 6   DC  A P      1 
ATOM   158 O OP1    . DC  A 1 6  ? 8.534   -2.499  6.335   1.00 0.00 ? 6   DC  A OP1    1 
ATOM   159 O OP2    . DC  A 1 6  ? 9.065   -2.014  4.007   1.00 0.00 ? 6   DC  A OP2    1 
ATOM   160 O "O5'"  . DC  A 1 6  ? 6.814   -3.020  4.560   1.00 0.00 ? 6   DC  A "O5'"  1 
ATOM   161 C "C5'"  . DC  A 1 6  ? 5.843   -3.608  5.434   1.00 0.00 ? 6   DC  A "C5'"  1 
ATOM   162 C "C4'"  . DC  A 1 6  ? 4.771   -4.286  4.553   1.00 0.00 ? 6   DC  A "C4'"  1 
ATOM   163 O "O4'"  . DC  A 1 6  ? 4.248   -3.299  3.662   1.00 0.00 ? 6   DC  A "O4'"  1 
ATOM   164 C "C3'"  . DC  A 1 6  ? 5.329   -5.369  3.603   1.00 0.00 ? 6   DC  A "C3'"  1 
ATOM   165 O "O3'"  . DC  A 1 6  ? 5.283   -6.652  4.243   1.00 0.00 ? 6   DC  A "O3'"  1 
ATOM   166 C "C2'"  . DC  A 1 6  ? 4.413   -5.252  2.357   1.00 0.00 ? 6   DC  A "C2'"  1 
ATOM   167 C "C1'"  . DC  A 1 6  ? 3.577   -3.973  2.593   1.00 0.00 ? 6   DC  A "C1'"  1 
ATOM   168 N N1     . DC  A 1 6  ? 3.549   -3.072  1.444   1.00 0.00 ? 6   DC  A N1     1 
ATOM   169 C C2     . DC  A 1 6  ? 2.424   -2.882  0.725   1.00 0.00 ? 6   DC  A C2     1 
ATOM   170 O O2     . DC  A 1 6  ? 1.389   -3.493  0.936   1.00 0.00 ? 6   DC  A O2     1 
ATOM   171 N N3     . DC  A 1 6  ? 2.400   -1.912  -0.343  1.00 0.00 ? 6   DC  A N3     1 
ATOM   172 C C4     . DC  A 1 6  ? 3.424   -1.222  -0.651  1.00 0.00 ? 6   DC  A C4     1 
ATOM   173 N N4     . DC  A 1 6  ? 3.400   -0.306  -1.579  1.00 0.00 ? 6   DC  A N4     1 
ATOM   174 C C5     . DC  A 1 6  ? 4.666   -1.502  0.103   1.00 0.00 ? 6   DC  A C5     1 
ATOM   175 C C6     . DC  A 1 6  ? 4.673   -2.400  1.098   1.00 0.00 ? 6   DC  A C6     1 
ATOM   176 H "H5'"  . DC  A 1 6  ? 5.368   -2.819  6.039   1.00 0.00 ? 6   DC  A "H5'"  1 
ATOM   177 H "H5''" . DC  A 1 6  ? 6.324   -4.341  6.101   1.00 0.00 ? 6   DC  A "H5''" 1 
ATOM   178 H "H4'"  . DC  A 1 6  ? 3.964   -4.720  5.162   1.00 0.00 ? 6   DC  A "H4'"  1 
ATOM   179 H "H3'"  . DC  A 1 6  ? 6.371   -5.147  3.319   1.00 0.00 ? 6   DC  A "H3'"  1 
ATOM   180 H "H2'"  . DC  A 1 6  ? 5.021   -5.158  1.444   1.00 0.00 ? 6   DC  A "H2'"  1 
ATOM   181 H "H2''" . DC  A 1 6  ? 3.739   -6.112  2.252   1.00 0.00 ? 6   DC  A "H2''" 1 
ATOM   182 H "H1'"  . DC  A 1 6  ? 2.572   -4.240  2.956   1.00 0.00 ? 6   DC  A "H1'"  1 
ATOM   183 H H41    . DC  A 1 6  ? 2.527   -0.112  -2.089  1.00 0.00 ? 6   DC  A H41    1 
ATOM   184 H H42    . DC  A 1 6  ? 4.246   0.239   -1.805  1.00 0.00 ? 6   DC  A H42    1 
ATOM   185 H H5     . DC  A 1 6  ? 5.587   -0.975  -0.147  1.00 0.00 ? 6   DC  A H5     1 
ATOM   186 H H6     . DC  A 1 6  ? 5.604   -2.589  1.632   1.00 0.00 ? 6   DC  A H6     1 
ATOM   187 P P      . DG  A 1 7  ? 5.584   -8.065  3.550   1.00 0.00 ? 7   DG  A P      1 
ATOM   188 O OP1    . DG  A 1 7  ? 5.925   -9.067  4.598   1.00 0.00 ? 7   DG  A OP1    1 
ATOM   189 O OP2    . DG  A 1 7  ? 6.716   -7.932  2.590   1.00 0.00 ? 7   DG  A OP2    1 
ATOM   190 O "O5'"  . DG  A 1 7  ? 4.266   -8.539  2.776   1.00 0.00 ? 7   DG  A "O5'"  1 
ATOM   191 C "C5'"  . DG  A 1 7  ? 3.001   -8.703  3.431   1.00 0.00 ? 7   DG  A "C5'"  1 
ATOM   192 C "C4'"  . DG  A 1 7  ? 1.912   -8.983  2.367   1.00 0.00 ? 7   DG  A "C4'"  1 
ATOM   193 O "O4'"  . DG  A 1 7  ? 1.927   -7.871  1.455   1.00 0.00 ? 7   DG  A "O4'"  1 
ATOM   194 C "C3'"  . DG  A 1 7  ? 2.209   -10.260 1.543   1.00 0.00 ? 7   DG  A "C3'"  1 
ATOM   195 O "O3'"  . DG  A 1 7  ? 0.987   -10.985 1.348   1.00 0.00 ? 7   DG  A "O3'"  1 
ATOM   196 C "C2'"  . DG  A 1 7  ? 2.779   -9.699  0.224   1.00 0.00 ? 7   DG  A "C2'"  1 
ATOM   197 C "C1'"  . DG  A 1 7  ? 2.073   -8.327  0.102   1.00 0.00 ? 7   DG  A "C1'"  1 
ATOM   198 N N9     . DG  A 1 7  ? 2.843   -7.292  -0.587  1.00 0.00 ? 7   DG  A N9     1 
ATOM   199 C C8     . DG  A 1 7  ? 4.093   -6.999  -0.349  1.00 0.00 ? 7   DG  A C8     1 
ATOM   200 N N7     . DG  A 1 7  ? 4.461   -6.030  -1.063  1.00 0.00 ? 7   DG  A N7     1 
ATOM   201 C C5     . DG  A 1 7  ? 3.362   -5.604  -1.877  1.00 0.00 ? 7   DG  A C5     1 
ATOM   202 C C6     . DG  A 1 7  ? 3.109   -4.564  -2.867  1.00 0.00 ? 7   DG  A C6     1 
ATOM   203 O O6     . DG  A 1 7  ? 3.987   -3.765  -3.151  1.00 0.00 ? 7   DG  A O6     1 
ATOM   204 N N1     . DG  A 1 7  ? 1.864   -4.568  -3.405  1.00 0.00 ? 7   DG  A N1     1 
ATOM   205 C C2     . DG  A 1 7  ? 0.895   -5.461  -3.033  1.00 0.00 ? 7   DG  A C2     1 
ATOM   206 N N2     . DG  A 1 7  ? -0.269  -5.363  -3.616  1.00 0.00 ? 7   DG  A N2     1 
ATOM   207 N N3     . DG  A 1 7  ? 1.119   -6.356  -2.144  1.00 0.00 ? 7   DG  A N3     1 
ATOM   208 C C4     . DG  A 1 7  ? 2.412   -6.462  -1.512  1.00 0.00 ? 7   DG  A C4     1 
ATOM   209 H "H5'"  . DG  A 1 7  ? 2.752   -7.774  3.965   1.00 0.00 ? 7   DG  A "H5'"  1 
ATOM   210 H "H5''" . DG  A 1 7  ? 3.060   -9.525  4.161   1.00 0.00 ? 7   DG  A "H5''" 1 
ATOM   211 H "H4'"  . DG  A 1 7  ? 0.929   -9.057  2.858   1.00 0.00 ? 7   DG  A "H4'"  1 
ATOM   212 H "H3'"  . DG  A 1 7  ? 2.913   -10.943 2.045   1.00 0.00 ? 7   DG  A "H3'"  1 
ATOM   213 H "H2'"  . DG  A 1 7  ? 3.865   -9.588  0.344   1.00 0.00 ? 7   DG  A "H2'"  1 
ATOM   214 H "H2''" . DG  A 1 7  ? 2.599   -10.357 -0.638  1.00 0.00 ? 7   DG  A "H2''" 1 
ATOM   215 H "H1'"  . DG  A 1 7  ? 1.066   -8.460  -0.328  1.00 0.00 ? 7   DG  A "H1'"  1 
ATOM   216 H H8     . DG  A 1 7  ? 4.772   -7.473  0.356   1.00 0.00 ? 7   DG  A H8     1 
ATOM   217 H H1     . DG  A 1 7  ? 1.684   -3.870  -4.099  1.00 0.00 ? 7   DG  A H1     1 
ATOM   218 H H21    . DG  A 1 7  ? -0.454  -4.641  -4.327  1.00 0.00 ? 7   DG  A H21    1 
ATOM   219 H H22    . DG  A 1 7  ? -1.025  -6.013  -3.370  1.00 0.00 ? 7   DG  A H22    1 
ATOM   220 P P      . DT  A 1 8  ? 0.840   -12.300 0.449   1.00 0.00 ? 8   DT  A P      1 
ATOM   221 O OP1    . DT  A 1 8  ? -0.170  -13.213 1.054   1.00 0.00 ? 8   DT  A OP1    1 
ATOM   222 O OP2    . DT  A 1 8  ? 2.149   -13.003 0.326   1.00 0.00 ? 8   DT  A OP2    1 
ATOM   223 O "O5'"  . DT  A 1 8  ? 0.336   -11.815 -0.989  1.00 0.00 ? 8   DT  A "O5'"  1 
ATOM   224 C "C5'"  . DT  A 1 8  ? -0.935  -11.165 -1.097  1.00 0.00 ? 8   DT  A "C5'"  1 
ATOM   225 C "C4'"  . DT  A 1 8  ? -1.112  -10.625 -2.529  1.00 0.00 ? 8   DT  A "C4'"  1 
ATOM   226 O "O4'"  . DT  A 1 8  ? -0.093  -9.642  -2.771  1.00 0.00 ? 8   DT  A "O4'"  1 
ATOM   227 C "C3'"  . DT  A 1 8  ? -0.954  -11.693 -3.645  1.00 0.00 ? 8   DT  A "C3'"  1 
ATOM   228 O "O3'"  . DT  A 1 8  ? -2.176  -11.727 -4.406  1.00 0.00 ? 8   DT  A "O3'"  1 
ATOM   229 C "C2'"  . DT  A 1 8  ? 0.257   -11.151 -4.447  1.00 0.00 ? 8   DT  A "C2'"  1 
ATOM   230 C "C1'"  . DT  A 1 8  ? 0.179   -9.627  -4.176  1.00 0.00 ? 8   DT  A "C1'"  1 
ATOM   231 N N1     . DT  A 1 8  ? 1.393   -8.846  -4.455  1.00 0.00 ? 8   DT  A N1     1 
ATOM   232 C C2     . DT  A 1 8  ? 1.381   -7.889  -5.421  1.00 0.00 ? 8   DT  A C2     1 
ATOM   233 O O2     . DT  A 1 8  ? 0.394   -7.684  -6.110  1.00 0.00 ? 8   DT  A O2     1 
ATOM   234 N N3     . DT  A 1 8  ? 2.490   -7.142  -5.626  1.00 0.00 ? 8   DT  A N3     1 
ATOM   235 C C4     . DT  A 1 8  ? 3.620   -7.326  -4.918  1.00 0.00 ? 8   DT  A C4     1 
ATOM   236 O O4     . DT  A 1 8  ? 4.619   -6.646  -5.092  1.00 0.00 ? 8   DT  A O4     1 
ATOM   237 C C5     . DT  A 1 8  ? 3.637   -8.396  -3.908  1.00 0.00 ? 8   DT  A C5     1 
ATOM   238 C C7     . DT  A 1 8  ? 4.894   -8.678  -3.120  1.00 0.00 ? 8   DT  A C7     1 
ATOM   239 C C6     . DT  A 1 8  ? 2.509   -9.092  -3.725  1.00 0.00 ? 8   DT  A C6     1 
ATOM   240 H "H5'"  . DT  A 1 8  ? -0.971  -10.311 -0.403  1.00 0.00 ? 8   DT  A "H5'"  1 
ATOM   241 H "H5''" . DT  A 1 8  ? -1.742  -11.873 -0.848  1.00 0.00 ? 8   DT  A "H5''" 1 
ATOM   242 H "H4'"  . DT  A 1 8  ? -2.100  -10.151 -2.616  1.00 0.00 ? 8   DT  A "H4'"  1 
ATOM   243 H "H3'"  . DT  A 1 8  ? -0.770  -12.705 -3.247  1.00 0.00 ? 8   DT  A "H3'"  1 
ATOM   244 H "H2'"  . DT  A 1 8  ? 1.181   -11.558 -4.005  1.00 0.00 ? 8   DT  A "H2'"  1 
ATOM   245 H "H2''" . DT  A 1 8  ? 0.250   -11.425 -5.509  1.00 0.00 ? 8   DT  A "H2''" 1 
ATOM   246 H "H1'"  . DT  A 1 8  ? -0.715  -9.201  -4.658  1.00 0.00 ? 8   DT  A "H1'"  1 
ATOM   247 H H3     . DT  A 1 8  ? 2.481   -6.430  -6.329  1.00 0.00 ? 8   DT  A H3     1 
ATOM   248 H H71    . DT  A 1 8  ? 4.683   -9.188  -2.168  1.00 0.00 ? 8   DT  A H71    1 
ATOM   249 H H72    . DT  A 1 8  ? 5.549   -9.321  -3.724  1.00 0.00 ? 8   DT  A H72    1 
ATOM   250 H H73    . DT  A 1 8  ? 5.429   -7.744  -2.896  1.00 0.00 ? 8   DT  A H73    1 
ATOM   251 H H6     . DT  A 1 8  ? 2.503   -9.874  -2.971  1.00 0.00 ? 8   DT  A H6     1 
ATOM   252 P P      . DC  A 1 9  ? -2.642  -12.691 -5.600  1.00 0.00 ? 9   DC  A P      1 
ATOM   253 O OP1    . DC  A 1 9  ? -3.879  -13.414 -5.192  1.00 0.00 ? 9   DC  A OP1    1 
ATOM   254 O OP2    . DC  A 1 9  ? -1.564  -13.677 -5.898  1.00 0.00 ? 9   DC  A OP2    1 
ATOM   255 O "O5'"  . DC  A 1 9  ? -2.952  -11.809 -6.904  1.00 0.00 ? 9   DC  A "O5'"  1 
ATOM   256 C "C5'"  . DC  A 1 9  ? -1.883  -10.986 -7.379  1.00 0.00 ? 9   DC  A "C5'"  1 
ATOM   257 C "C4'"  . DC  A 1 9  ? -2.266  -9.994  -8.501  1.00 0.00 ? 9   DC  A "C4'"  1 
ATOM   258 O "O4'"  . DC  A 1 9  ? -1.275  -8.953  -8.459  1.00 0.00 ? 9   DC  A "O4'"  1 
ATOM   259 C "C3'"  . DC  A 1 9  ? -2.192  -10.576 -9.928  1.00 0.00 ? 9   DC  A "C3'"  1 
ATOM   260 O "O3'"  . DC  A 1 9  ? -3.042  -9.769  -10.757 1.00 0.00 ? 9   DC  A "O3'"  1 
ATOM   261 C "C2'"  . DC  A 1 9  ? -0.701  -10.380 -10.279 1.00 0.00 ? 9   DC  A "C2'"  1 
ATOM   262 C "C1'"  . DC  A 1 9  ? -0.390  -9.032  -9.586  1.00 0.00 ? 9   DC  A "C1'"  1 
ATOM   263 N N1     . DC  A 1 9  ? 0.977   -8.820  -9.092  1.00 0.00 ? 9   DC  A N1     1 
ATOM   264 C C2     . DC  A 1 9  ? 1.703   -7.735  -9.454  1.00 0.00 ? 9   DC  A C2     1 
ATOM   265 O O2     . DC  A 1 9  ? 1.295   -6.878  -10.220 1.00 0.00 ? 9   DC  A O2     1 
ATOM   266 N N3     . DC  A 1 9  ? 3.031   -7.531  -8.926  1.00 0.00 ? 9   DC  A N3     1 
ATOM   267 C C4     . DC  A 1 9  ? 3.563   -8.342  -8.102  1.00 0.00 ? 9   DC  A C4     1 
ATOM   268 N N4     . DC  A 1 9  ? 4.759   -8.169  -7.610  1.00 0.00 ? 9   DC  A N4     1 
ATOM   269 C C5     . DC  A 1 9  ? 2.750   -9.507  -7.701  1.00 0.00 ? 9   DC  A C5     1 
ATOM   270 C C6     . DC  A 1 9  ? 1.521   -9.687  -8.202  1.00 0.00 ? 9   DC  A C6     1 
ATOM   271 H "H5'"  . DC  A 1 9  ? -1.053  -11.640 -7.678  1.00 0.00 ? 9   DC  A "H5'"  1 
ATOM   272 H "H5''" . DC  A 1 9  ? -1.577  -10.353 -6.535  1.00 0.00 ? 9   DC  A "H5''" 1 
ATOM   273 H "H4'"  . DC  A 1 9  ? -3.257  -9.570  -8.275  1.00 0.00 ? 9   DC  A "H4'"  1 
ATOM   274 H "H3'"  . DC  A 1 9  ? -2.520  -11.626 -9.988  1.00 0.00 ? 9   DC  A "H3'"  1 
ATOM   275 H "H2'"  . DC  A 1 9  ? -0.103  -11.199 -9.855  1.00 0.00 ? 9   DC  A "H2'"  1 
ATOM   276 H "H2''" . DC  A 1 9  ? -0.527  -10.365 -11.365 1.00 0.00 ? 9   DC  A "H2''" 1 
ATOM   277 H "H1'"  . DC  A 1 9  ? -0.725  -8.230  -10.264 1.00 0.00 ? 9   DC  A "H1'"  1 
ATOM   278 H H41    . DC  A 1 9  ? 5.313   -7.346  -7.880  1.00 0.00 ? 9   DC  A H41    1 
ATOM   279 H H42    . DC  A 1 9  ? 5.159   -8.845  -6.943  1.00 0.00 ? 9   DC  A H42    1 
ATOM   280 H H5     . DC  A 1 9  ? 3.152   -10.224 -6.985  1.00 0.00 ? 9   DC  A H5     1 
ATOM   281 H H6     . DC  A 1 9  ? 0.980   -10.560 -7.852  1.00 0.00 ? 9   DC  A H6     1 
ATOM   282 P P      . DG  A 1 10 ? -3.161  -9.826  -12.351 1.00 0.00 ? 10  DG  A P      1 
ATOM   283 O OP1    . DG  A 1 10 ? -4.556  -9.506  -12.761 1.00 0.00 ? 10  DG  A OP1    1 
ATOM   284 O OP2    . DG  A 1 10 ? -2.795  -11.185 -12.843 1.00 0.00 ? 10  DG  A OP2    1 
ATOM   285 O "O5'"  . DG  A 1 10 ? -2.160  -8.733  -12.955 1.00 0.00 ? 10  DG  A "O5'"  1 
ATOM   286 C "C5'"  . DG  A 1 10 ? -2.400  -7.328  -12.812 1.00 0.00 ? 10  DG  A "C5'"  1 
ATOM   287 C "C4'"  . DG  A 1 10 ? -1.183  -6.549  -13.359 1.00 0.00 ? 10  DG  A "C4'"  1 
ATOM   288 O "O4'"  . DG  A 1 10 ? -0.022  -6.944  -12.616 1.00 0.00 ? 10  DG  A "O4'"  1 
ATOM   289 C "C3'"  . DG  A 1 10 ? -0.840  -6.880  -14.840 1.00 0.00 ? 10  DG  A "C3'"  1 
ATOM   290 O "O3'"  . DG  A 1 10 ? -0.980  -5.731  -15.695 1.00 0.00 ? 10  DG  A "O3'"  1 
ATOM   291 C "C2'"  . DG  A 1 10 ? 0.626   -7.376  -14.774 1.00 0.00 ? 10  DG  A "C2'"  1 
ATOM   292 C "C1'"  . DG  A 1 10 ? 1.121   -6.750  -13.454 1.00 0.00 ? 10  DG  A "C1'"  1 
ATOM   293 N N9     . DG  A 1 10 ? 2.280   -7.434  -12.898 1.00 0.00 ? 10  DG  A N9     1 
ATOM   294 C C8     . DG  A 1 10 ? 2.281   -8.620  -12.359 1.00 0.00 ? 10  DG  A C8     1 
ATOM   295 N N7     . DG  A 1 10 ? 3.438   -8.912  -11.956 1.00 0.00 ? 10  DG  A N7     1 
ATOM   296 C C5     . DG  A 1 10 ? 4.326   -7.821  -12.242 1.00 0.00 ? 10  DG  A C5     1 
ATOM   297 C C6     . DG  A 1 10 ? 5.739   -7.491  -12.063 1.00 0.00 ? 10  DG  A C6     1 
ATOM   298 O O6     . DG  A 1 10 ? 6.490   -8.286  -11.523 1.00 0.00 ? 10  DG  A O6     1 
ATOM   299 N N1     . DG  A 1 10 ? 6.115   -6.273  -12.534 1.00 0.00 ? 10  DG  A N1     1 
ATOM   300 C C2     . DG  A 1 10 ? 5.247   -5.396  -13.129 1.00 0.00 ? 10  DG  A C2     1 
ATOM   301 N N2     . DG  A 1 10 ? 5.710   -4.245  -13.543 1.00 0.00 ? 10  DG  A N2     1 
ATOM   302 N N3     . DG  A 1 10 ? 4.014   -5.691  -13.278 1.00 0.00 ? 10  DG  A N3     1 
ATOM   303 C C4     . DG  A 1 10 ? 3.499   -6.957  -12.826 1.00 0.00 ? 10  DG  A C4     1 
ATOM   304 H "H5'"  . DG  A 1 10 ? -2.535  -7.091  -11.745 1.00 0.00 ? 10  DG  A "H5'"  1 
ATOM   305 H "H5''" . DG  A 1 10 ? -3.313  -7.046  -13.360 1.00 0.00 ? 10  DG  A "H5''" 1 
ATOM   306 H "H4'"  . DG  A 1 10 ? -1.330  -5.463  -13.226 1.00 0.00 ? 10  DG  A "H4'"  1 
ATOM   307 H "H3'"  . DG  A 1 10 ? -1.492  -7.662  -15.262 1.00 0.00 ? 10  DG  A "H3'"  1 
ATOM   308 H "HO3'" . DG  A 1 10 ? -0.409  -5.009  -15.448 1.00 0.00 ? 10  DG  A "HO3'" 1 
ATOM   309 H "H2'"  . DG  A 1 10 ? 0.645   -8.475  -14.676 1.00 0.00 ? 10  DG  A "H2'"  1 
ATOM   310 H "H2''" . DG  A 1 10 ? 1.233   -7.085  -15.646 1.00 0.00 ? 10  DG  A "H2''" 1 
ATOM   311 H "H1'"  . DG  A 1 10 ? 1.312   -5.671  -13.578 1.00 0.00 ? 10  DG  A "H1'"  1 
ATOM   312 H H8     . DG  A 1 10 ? 1.419   -9.273  -12.264 1.00 0.00 ? 10  DG  A H8     1 
ATOM   313 H H1     . DG  A 1 10 ? 7.080   -6.038  -12.429 1.00 0.00 ? 10  DG  A H1     1 
ATOM   314 H H21    . DG  A 1 10 ? 6.704   -3.995  -13.431 1.00 0.00 ? 10  DG  A H21    1 
ATOM   315 H H22    . DG  A 1 10 ? 5.074   -3.569  -13.994 1.00 0.00 ? 10  DG  A H22    1 
ATOM   316 O "O5'"  . DC  B 1 1  ? 15.110  -3.506  -10.799 1.00 0.00 ? 11  DC  B "O5'"  1 
ATOM   317 C "C5'"  . DC  B 1 1  ? 15.055  -3.234  -12.209 1.00 0.00 ? 11  DC  B "C5'"  1 
ATOM   318 C "C4'"  . DC  B 1 1  ? 13.586  -2.955  -12.606 1.00 0.00 ? 11  DC  B "C4'"  1 
ATOM   319 O "O4'"  . DC  B 1 1  ? 12.755  -4.065  -12.233 1.00 0.00 ? 11  DC  B "O4'"  1 
ATOM   320 C "C3'"  . DC  B 1 1  ? 12.963  -1.733  -11.874 1.00 0.00 ? 11  DC  B "C3'"  1 
ATOM   321 O "O3'"  . DC  B 1 1  ? 12.740  -0.672  -12.817 1.00 0.00 ? 11  DC  B "O3'"  1 
ATOM   322 C "C2'"  . DC  B 1 1  ? 11.647  -2.300  -11.286 1.00 0.00 ? 11  DC  B "C2'"  1 
ATOM   323 C "C1'"  . DC  B 1 1  ? 11.412  -3.579  -12.113 1.00 0.00 ? 11  DC  B "C1'"  1 
ATOM   324 N N1     . DC  B 1 1  ? 10.524  -4.505  -11.413 1.00 0.00 ? 11  DC  B N1     1 
ATOM   325 C C2     . DC  B 1 1  ? 9.211   -4.573  -11.724 1.00 0.00 ? 11  DC  B C2     1 
ATOM   326 O O2     . DC  B 1 1  ? 8.698   -3.912  -12.613 1.00 0.00 ? 11  DC  B O2     1 
ATOM   327 N N3     . DC  B 1 1  ? 8.333   -5.457  -10.998 1.00 0.00 ? 11  DC  B N3     1 
ATOM   328 C C4     . DC  B 1 1  ? 8.751   -6.195  -10.052 1.00 0.00 ? 11  DC  B C4     1 
ATOM   329 N N4     . DC  B 1 1  ? 7.962   -7.000  -9.396  1.00 0.00 ? 11  DC  B N4     1 
ATOM   330 C C5     . DC  B 1 1  ? 10.191  -6.102  -9.725  1.00 0.00 ? 11  DC  B C5     1 
ATOM   331 C C6     . DC  B 1 1  ? 11.002  -5.276  -10.404 1.00 0.00 ? 11  DC  B C6     1 
ATOM   332 H "H5'"  . DC  B 1 1  ? 15.422  -4.109  -12.772 1.00 0.00 ? 11  DC  B "H5'"  1 
ATOM   333 H "H5''" . DC  B 1 1  ? 15.675  -2.358  -12.460 1.00 0.00 ? 11  DC  B "H5''" 1 
ATOM   334 H "H4'"  . DC  B 1 1  ? 13.507  -2.819  -13.698 1.00 0.00 ? 11  DC  B "H4'"  1 
ATOM   335 H "H3'"  . DC  B 1 1  ? 13.611  -1.342  -11.071 1.00 0.00 ? 11  DC  B "H3'"  1 
ATOM   336 H "H2'"  . DC  B 1 1  ? 11.808  -2.590  -10.234 1.00 0.00 ? 11  DC  B "H2'"  1 
ATOM   337 H "H2''" . DC  B 1 1  ? 10.791  -1.616  -11.331 1.00 0.00 ? 11  DC  B "H2''" 1 
ATOM   338 H "H1'"  . DC  B 1 1  ? 11.044  -3.326  -13.123 1.00 0.00 ? 11  DC  B "H1'"  1 
ATOM   339 H H41    . DC  B 1 1  ? 6.966   -7.054  -9.644  1.00 0.00 ? 11  DC  B H41    1 
ATOM   340 H H42    . DC  B 1 1  ? 8.324   -7.590  -8.632  1.00 0.00 ? 11  DC  B H42    1 
ATOM   341 H H5     . DC  B 1 1  ? 10.603  -6.711  -8.920  1.00 0.00 ? 11  DC  B H5     1 
ATOM   342 H H6     . DC  B 1 1  ? 12.055  -5.239  -10.122 1.00 0.00 ? 11  DC  B H6     1 
ATOM   343 H "HO5'" . DC  B 1 1  ? 15.995  -3.688  -10.500 1.00 0.00 ? 11  DC  B "HO5'" 1 
ATOM   344 P P      . DG  B 1 2  ? 12.016  0.721   -12.504 1.00 0.00 ? 12  DG  B P      1 
ATOM   345 O OP1    . DG  B 1 2  ? 12.397  1.724   -13.537 1.00 0.00 ? 12  DG  B OP1    1 
ATOM   346 O OP2    . DG  B 1 2  ? 12.420  1.211   -11.155 1.00 0.00 ? 12  DG  B OP2    1 
ATOM   347 O "O5'"  . DG  B 1 2  ? 10.432  0.492   -12.545 1.00 0.00 ? 12  DG  B "O5'"  1 
ATOM   348 C "C5'"  . DG  B 1 2  ? 9.746   0.115   -13.745 1.00 0.00 ? 12  DG  B "C5'"  1 
ATOM   349 C "C4'"  . DG  B 1 2  ? 8.278   -0.234  -13.412 1.00 0.00 ? 12  DG  B "C4'"  1 
ATOM   350 O "O4'"  . DG  B 1 2  ? 8.219   -1.346  -12.510 1.00 0.00 ? 12  DG  B "O4'"  1 
ATOM   351 C "C3'"  . DG  B 1 2  ? 7.503   0.894   -12.680 1.00 0.00 ? 12  DG  B "C3'"  1 
ATOM   352 O "O3'"  . DG  B 1 2  ? 6.548   1.462   -13.590 1.00 0.00 ? 12  DG  B "O3'"  1 
ATOM   353 C "C2'"  . DG  B 1 2  ? 6.849   0.159   -11.479 1.00 0.00 ? 12  DG  B "C2'"  1 
ATOM   354 C "C1'"  . DG  B 1 2  ? 6.928   -1.325  -11.886 1.00 0.00 ? 12  DG  B "C1'"  1 
ATOM   355 N N9     . DG  B 1 2  ? 6.881   -2.247  -10.758 1.00 0.00 ? 12  DG  B N9     1 
ATOM   356 C C8     . DG  B 1 2  ? 7.834   -2.434  -9.888  1.00 0.00 ? 12  DG  B C8     1 
ATOM   357 N N7     . DG  B 1 2  ? 7.492   -3.317  -9.055  1.00 0.00 ? 12  DG  B N7     1 
ATOM   358 C C5     . DG  B 1 2  ? 6.177   -3.791  -9.382  1.00 0.00 ? 12  DG  B C5     1 
ATOM   359 C C6     . DG  B 1 2  ? 5.214   -4.763  -8.868  1.00 0.00 ? 12  DG  B C6     1 
ATOM   360 O O6     . DG  B 1 2  ? 5.486   -5.431  -7.884  1.00 0.00 ? 12  DG  B O6     1 
ATOM   361 N N1     . DG  B 1 2  ? 4.045   -4.848  -9.558  1.00 0.00 ? 12  DG  B N1     1 
ATOM   362 C C2     . DG  B 1 2  ? 3.774   -4.088  -10.665 1.00 0.00 ? 12  DG  B C2     1 
ATOM   363 N N2     . DG  B 1 2  ? 2.624   -4.251  -11.265 1.00 0.00 ? 12  DG  B N2     1 
ATOM   364 N N3     . DG  B 1 2  ? 4.622   -3.238  -11.106 1.00 0.00 ? 12  DG  B N3     1 
ATOM   365 C C4     . DG  B 1 2  ? 5.896   -3.058  -10.455 1.00 0.00 ? 12  DG  B C4     1 
ATOM   366 H "H5'"  . DG  B 1 2  ? 10.231  -0.772  -14.181 1.00 0.00 ? 12  DG  B "H5'"  1 
ATOM   367 H "H5''" . DG  B 1 2  ? 9.789   0.944   -14.468 1.00 0.00 ? 12  DG  B "H5''" 1 
ATOM   368 H "H4'"  . DG  B 1 2  ? 7.745   -0.526  -14.335 1.00 0.00 ? 12  DG  B "H4'"  1 
ATOM   369 H "H3'"  . DG  B 1 2  ? 8.160   1.706   -12.325 1.00 0.00 ? 12  DG  B "H3'"  1 
ATOM   370 H "H2'"  . DG  B 1 2  ? 7.463   0.304   -10.576 1.00 0.00 ? 12  DG  B "H2'"  1 
ATOM   371 H "H2''" . DG  B 1 2  ? 5.824   0.480   -11.262 1.00 0.00 ? 12  DG  B "H2''" 1 
ATOM   372 H "H1'"  . DG  B 1 2  ? 6.143   -1.561  -12.624 1.00 0.00 ? 12  DG  B "H1'"  1 
ATOM   373 H H8     . DG  B 1 2  ? 8.791   -1.918  -9.864  1.00 0.00 ? 12  DG  B H8     1 
ATOM   374 H H1     . DG  B 1 2  ? 3.375   -5.506  -9.214  1.00 0.00 ? 12  DG  B H1     1 
ATOM   375 H H21    . DG  B 1 2  ? 1.930   -4.931  -10.920 1.00 0.00 ? 12  DG  B H21    1 
ATOM   376 H H22    . DG  B 1 2  ? 2.403   -3.696  -12.105 1.00 0.00 ? 12  DG  B H22    1 
ATOM   377 P P      . DA  B 1 3  ? 5.423   2.540   -13.227 1.00 0.00 ? 13  DA  B P      1 
ATOM   378 O OP1    . DA  B 1 3  ? 4.985   3.247   -14.464 1.00 0.00 ? 13  DA  B OP1    1 
ATOM   379 O OP2    . DA  B 1 3  ? 5.956   3.523   -12.243 1.00 0.00 ? 13  DA  B OP2    1 
ATOM   380 O "O5'"  . DA  B 1 3  ? 4.185   1.750   -12.594 1.00 0.00 ? 13  DA  B "O5'"  1 
ATOM   381 C "C5'"  . DA  B 1 3  ? 3.411   0.795   -13.331 1.00 0.00 ? 13  DA  B "C5'"  1 
ATOM   382 C "C4'"  . DA  B 1 3  ? 2.451   0.064   -12.365 1.00 0.00 ? 13  DA  B "C4'"  1 
ATOM   383 O "O4'"  . DA  B 1 3  ? 3.193   -0.644  -11.366 1.00 0.00 ? 13  DA  B "O4'"  1 
ATOM   384 C "C3'"  . DA  B 1 3  ? 1.538   1.013   -11.545 1.00 0.00 ? 13  DA  B "C3'"  1 
ATOM   385 O "O3'"  . DA  B 1 3  ? 0.236   1.062   -12.150 1.00 0.00 ? 13  DA  B "O3'"  1 
ATOM   386 C "C2'"  . DA  B 1 3  ? 1.556   0.399   -10.119 1.00 0.00 ? 13  DA  B "C2'"  1 
ATOM   387 C "C1'"  . DA  B 1 3  ? 2.283   -0.949  -10.302 1.00 0.00 ? 13  DA  B "C1'"  1 
ATOM   388 N N9     . DA  B 1 3  ? 3.011   -1.392  -9.123  1.00 0.00 ? 13  DA  B N9     1 
ATOM   389 C C8     . DA  B 1 3  ? 4.189   -0.976  -8.741  1.00 0.00 ? 13  DA  B C8     1 
ATOM   390 N N7     . DA  B 1 3  ? 4.606   -1.627  -7.738  1.00 0.00 ? 13  DA  B N7     1 
ATOM   391 C C5     . DA  B 1 3  ? 3.704   -2.554  -7.396  1.00 0.00 ? 13  DA  B C5     1 
ATOM   392 C C6     . DA  B 1 3  ? 3.718   -3.542  -6.417  1.00 0.00 ? 13  DA  B C6     1 
ATOM   393 N N6     . DA  B 1 3  ? 4.810   -3.761  -5.652  1.00 0.00 ? 13  DA  B N6     1 
ATOM   394 N N1     . DA  B 1 3  ? 2.578   -4.262  -6.311  1.00 0.00 ? 13  DA  B N1     1 
ATOM   395 C C2     . DA  B 1 3  ? 1.524   -4.059  -7.140  1.00 0.00 ? 13  DA  B C2     1 
ATOM   396 N N3     . DA  B 1 3  ? 1.548   -3.151  -8.143  1.00 0.00 ? 13  DA  B N3     1 
ATOM   397 C C4     . DA  B 1 3  ? 2.644   -2.383  -8.273  1.00 0.00 ? 13  DA  B C4     1 
ATOM   398 H "H5'"  . DA  B 1 3  ? 4.083   0.055   -13.793 1.00 0.00 ? 13  DA  B "H5'"  1 
ATOM   399 H "H5''" . DA  B 1 3  ? 2.844   1.314   -14.120 1.00 0.00 ? 13  DA  B "H5''" 1 
ATOM   400 H "H4'"  . DA  B 1 3  ? 1.839   -0.668  -12.921 1.00 0.00 ? 13  DA  B "H4'"  1 
ATOM   401 H "H3'"  . DA  B 1 3  ? 1.938   2.040   -11.518 1.00 0.00 ? 13  DA  B "H3'"  1 
ATOM   402 H "H2'"  . DA  B 1 3  ? 2.151   1.028   -9.438  1.00 0.00 ? 13  DA  B "H2'"  1 
ATOM   403 H "H2''" . DA  B 1 3  ? 0.557   0.253   -9.690  1.00 0.00 ? 13  DA  B "H2''" 1 
ATOM   404 H "H1'"  . DA  B 1 3  ? 1.572   -1.726  -10.631 1.00 0.00 ? 13  DA  B "H1'"  1 
ATOM   405 H H8     . DA  B 1 3  ? 4.763   -0.183  -9.212  1.00 0.00 ? 13  DA  B H8     1 
ATOM   406 H H61    . DA  B 1 3  ? 5.641   -3.157  -5.744  1.00 0.00 ? 13  DA  B H61    1 
ATOM   407 H H62    . DA  B 1 3  ? 4.825   -4.547  -4.986  1.00 0.00 ? 13  DA  B H62    1 
ATOM   408 H H2     . DA  B 1 3  ? 0.631   -4.653  -6.990  1.00 0.00 ? 13  DA  B H2     1 
ATOM   409 P P      . DC  B 1 4  ? -0.998  1.931   -11.616 1.00 0.00 ? 14  DC  B P      1 
ATOM   410 O OP1    . DC  B 1 4  ? -2.030  2.043   -12.686 1.00 0.00 ? 14  DC  B OP1    1 
ATOM   411 O OP2    . DC  B 1 4  ? -0.527  3.293   -11.238 1.00 0.00 ? 14  DC  B OP2    1 
ATOM   412 O "O5'"  . DC  B 1 4  ? -1.629  1.207   -10.339 1.00 0.00 ? 14  DC  B "O5'"  1 
ATOM   413 C "C5'"  . DC  B 1 4  ? -2.424  0.018   -10.414 1.00 0.00 ? 14  DC  B "C5'"  1 
ATOM   414 C "C4'"  . DC  B 1 4  ? -2.644  -0.538  -8.988  1.00 0.00 ? 14  DC  B "C4'"  1 
ATOM   415 O "O4'"  . DC  B 1 4  ? -1.392  -0.852  -8.375  1.00 0.00 ? 14  DC  B "O4'"  1 
ATOM   416 C "C3'"  . DC  B 1 4  ? -3.255  0.476   -7.994  1.00 0.00 ? 14  DC  B "C3'"  1 
ATOM   417 O "O3'"  . DC  B 1 4  ? -4.687  0.419   -8.073  1.00 0.00 ? 14  DC  B "O3'"  1 
ATOM   418 C "C2'"  . DC  B 1 4  ? -2.664  0.049   -6.622  1.00 0.00 ? 14  DC  B "C2'"  1 
ATOM   419 C "C1'"  . DC  B 1 4  ? -1.632  -1.049  -6.976  1.00 0.00 ? 14  DC  B "C1'"  1 
ATOM   420 N N1     . DC  B 1 4  ? -0.355  -1.011  -6.260  1.00 0.00 ? 14  DC  B N1     1 
ATOM   421 C C2     . DC  B 1 4  ? -0.051  -1.936  -5.320  1.00 0.00 ? 14  DC  B C2     1 
ATOM   422 O O2     . DC  B 1 4  ? -0.832  -2.798  -4.953  1.00 0.00 ? 14  DC  B O2     1 
ATOM   423 N N3     . DC  B 1 4  ? 1.255   -1.948  -4.705  1.00 0.00 ? 14  DC  B N3     1 
ATOM   424 C C4     . DC  B 1 4  ? 2.153   -1.100  -5.011  1.00 0.00 ? 14  DC  B C4     1 
ATOM   425 N N4     . DC  B 1 4  ? 3.350   -1.132  -4.496  1.00 0.00 ? 14  DC  B N4     1 
ATOM   426 C C5     . DC  B 1 4  ? 1.774   -0.062  -5.995  1.00 0.00 ? 14  DC  B C5     1 
ATOM   427 C C6     . DC  B 1 4  ? 0.560   -0.060  -6.565  1.00 0.00 ? 14  DC  B C6     1 
ATOM   428 H "H5'"  . DC  B 1 4  ? -1.893  -0.739  -11.012 1.00 0.00 ? 14  DC  B "H5'"  1 
ATOM   429 H "H5''" . DC  B 1 4  ? -3.388  0.249   -10.893 1.00 0.00 ? 14  DC  B "H5''" 1 
ATOM   430 H "H4'"  . DC  B 1 4  ? -3.264  -1.449  -9.035  1.00 0.00 ? 14  DC  B "H4'"  1 
ATOM   431 H "H3'"  . DC  B 1 4  ? -2.928  1.502   -8.231  1.00 0.00 ? 14  DC  B "H3'"  1 
ATOM   432 H "H2'"  . DC  B 1 4  ? -2.167  0.896   -6.124  1.00 0.00 ? 14  DC  B "H2'"  1 
ATOM   433 H "H2''" . DC  B 1 4  ? -3.440  -0.358  -5.956  1.00 0.00 ? 14  DC  B "H2''" 1 
ATOM   434 H "H1'"  . DC  B 1 4  ? -2.126  -2.024  -6.877  1.00 0.00 ? 14  DC  B "H1'"  1 
ATOM   435 H H41    . DC  B 1 4  ? 3.602   -1.866  -3.817  1.00 0.00 ? 14  DC  B H41    1 
ATOM   436 H H42    . DC  B 1 4  ? 4.059   -0.432  -4.765  1.00 0.00 ? 14  DC  B H42    1 
ATOM   437 H H5     . DC  B 1 4  ? 2.491   0.714   -6.268  1.00 0.00 ? 14  DC  B H5     1 
ATOM   438 H H6     . DC  B 1 4  ? 0.322   0.724   -7.285  1.00 0.00 ? 14  DC  B H6     1 
ATOM   439 P P      . DG  B 1 5  ? -5.717  1.219   -7.146  1.00 0.00 ? 15  DG  B P      1 
ATOM   440 O OP1    . DG  B 1 5  ? -6.991  1.422   -7.891  1.00 0.00 ? 15  DG  B OP1    1 
ATOM   441 O OP2    . DG  B 1 5  ? -5.140  2.539   -6.764  1.00 0.00 ? 15  DG  B OP2    1 
ATOM   442 O "O5'"  . DG  B 1 5  ? -6.013  0.355   -5.833  1.00 0.00 ? 15  DG  B "O5'"  1 
ATOM   443 C "C5'"  . DG  B 1 5  ? -6.594  -0.954  -5.873  1.00 0.00 ? 15  DG  B "C5'"  1 
ATOM   444 C "C4'"  . DG  B 1 5  ? -6.616  -1.532  -4.439  1.00 0.00 ? 15  DG  B "C4'"  1 
ATOM   445 O "O4'"  . DG  B 1 5  ? -5.257  -1.489  -3.982  1.00 0.00 ? 15  DG  B "O4'"  1 
ATOM   446 C "C3'"  . DG  B 1 5  ? -7.444  -0.674  -3.451  1.00 0.00 ? 15  DG  B "C3'"  1 
ATOM   447 O "O3'"  . DG  B 1 5  ? -8.148  -1.575  -2.584  1.00 0.00 ? 15  DG  B "O3'"  1 
ATOM   448 C "C2'"  . DG  B 1 5  ? -6.367  0.146   -2.705  1.00 0.00 ? 15  DG  B "C2'"  1 
ATOM   449 C "C1'"  . DG  B 1 5  ? -5.165  -0.827  -2.713  1.00 0.00 ? 15  DG  B "C1'"  1 
ATOM   450 N N9     . DG  B 1 5  ? -3.824  -0.250  -2.753  1.00 0.00 ? 15  DG  B N9     1 
ATOM   451 C C8     . DG  B 1 5  ? -3.442  0.753   -3.497  1.00 0.00 ? 15  DG  B C8     1 
ATOM   452 N N7     . DG  B 1 5  ? -2.203  0.939   -3.374  1.00 0.00 ? 15  DG  B N7     1 
ATOM   453 C C5     . DG  B 1 5  ? -1.670  -0.032  -2.465  1.00 0.00 ? 15  DG  B C5     1 
ATOM   454 C C6     . DG  B 1 5  ? -0.361  -0.405  -1.937  1.00 0.00 ? 15  DG  B C6     1 
ATOM   455 O O6     . DG  B 1 5  ? 0.641   0.180   -2.315  1.00 0.00 ? 15  DG  B O6     1 
ATOM   456 N N1     . DG  B 1 5  ? -0.371  -1.427  -1.044  1.00 0.00 ? 15  DG  B N1     1 
ATOM   457 C C2     . DG  B 1 5  ? -1.514  -2.073  -0.653  1.00 0.00 ? 15  DG  B C2     1 
ATOM   458 N N2     . DG  B 1 5  ? -1.412  -3.012  0.250   1.00 0.00 ? 15  DG  B N2     1 
ATOM   459 N N3     . DG  B 1 5  ? -2.650  -1.767  -1.155  1.00 0.00 ? 15  DG  B N3     1 
ATOM   460 C C4     . DG  B 1 5  ? -2.767  -0.699  -2.115  1.00 0.00 ? 15  DG  B C4     1 
ATOM   461 H "H5'"  . DG  B 1 5  ? -5.972  -1.601  -6.513  1.00 0.00 ? 15  DG  B "H5'"  1 
ATOM   462 H "H5''" . DG  B 1 5  ? -7.611  -0.908  -6.292  1.00 0.00 ? 15  DG  B "H5''" 1 
ATOM   463 H "H4'"  . DG  B 1 5  ? -6.971  -2.576  -4.462  1.00 0.00 ? 15  DG  B "H4'"  1 
ATOM   464 H "H3'"  . DG  B 1 5  ? -8.194  -0.036  -3.948  1.00 0.00 ? 15  DG  B "H3'"  1 
ATOM   465 H "H2'"  . DG  B 1 5  ? -6.159  1.054   -3.287  1.00 0.00 ? 15  DG  B "H2'"  1 
ATOM   466 H "H2''" . DG  B 1 5  ? -6.669  0.447   -1.693  1.00 0.00 ? 15  DG  B "H2''" 1 
ATOM   467 H "H1'"  . DG  B 1 5  ? -5.282  -1.580  -1.917  1.00 0.00 ? 15  DG  B "H1'"  1 
ATOM   468 H H8     . DG  B 1 5  ? -4.047  1.365   -4.163  1.00 0.00 ? 15  DG  B H8     1 
ATOM   469 H H1     . DG  B 1 5  ? 0.517   -1.694  -0.675  1.00 0.00 ? 15  DG  B H1     1 
ATOM   470 H H21    . DG  B 1 5  ? -0.500  -3.272  0.653   1.00 0.00 ? 15  DG  B H21    1 
ATOM   471 H H22    . DG  B 1 5  ? -2.254  -3.502  0.578   1.00 0.00 ? 15  DG  B H22    1 
ATOM   472 P P      . DC  B 1 6  ? -9.086  -1.204  -1.344  1.00 0.00 ? 16  DC  B P      1 
ATOM   473 O OP1    . DC  B 1 6  ? -10.394 -1.908  -1.465  1.00 0.00 ? 16  DC  B OP1    1 
ATOM   474 O OP2    . DC  B 1 6  ? -9.304  0.268   -1.266  1.00 0.00 ? 16  DC  B OP2    1 
ATOM   475 O "O5'"  . DC  B 1 6  ? -8.307  -1.719  -0.048  1.00 0.00 ? 16  DC  B "O5'"  1 
ATOM   476 C "C5'"  . DC  B 1 6  ? -8.089  -3.106  0.245   1.00 0.00 ? 16  DC  B "C5'"  1 
ATOM   477 C "C4'"  . DC  B 1 6  ? -6.967  -3.170  1.300   1.00 0.00 ? 16  DC  B "C4'"  1 
ATOM   478 O "O4'"  . DC  B 1 6  ? -5.859  -2.423  0.799   1.00 0.00 ? 16  DC  B "O4'"  1 
ATOM   479 C "C3'"  . DC  B 1 6  ? -7.304  -2.444  2.619   1.00 0.00 ? 16  DC  B "C3'"  1 
ATOM   480 O "O3'"  . DC  B 1 6  ? -8.042  -3.324  3.481   1.00 0.00 ? 16  DC  B "O3'"  1 
ATOM   481 C "C2'"  . DC  B 1 6  ? -5.902  -2.058  3.148   1.00 0.00 ? 16  DC  B "C2'"  1 
ATOM   482 C "C1'"  . DC  B 1 6  ? -4.992  -2.109  1.893   1.00 0.00 ? 16  DC  B "C1'"  1 
ATOM   483 N N1     . DC  B 1 6  ? -4.295  -0.860  1.593   1.00 0.00 ? 16  DC  B N1     1 
ATOM   484 C C2     . DC  B 1 6  ? -3.021  -0.670  1.995   1.00 0.00 ? 16  DC  B C2     1 
ATOM   485 O O2     . DC  B 1 6  ? -2.417  -1.477  2.682   1.00 0.00 ? 16  DC  B O2     1 
ATOM   486 N N3     . DC  B 1 6  ? -2.306  0.520   1.603   1.00 0.00 ? 16  DC  B N3     1 
ATOM   487 C C4     . DC  B 1 6  ? -2.843  1.420   0.884   1.00 0.00 ? 16  DC  B C4     1 
ATOM   488 N N4     . DC  B 1 6  ? -2.188  2.467   0.467   1.00 0.00 ? 16  DC  B N4     1 
ATOM   489 C C5     . DC  B 1 6  ? -4.266  1.226   0.528   1.00 0.00 ? 16  DC  B C5     1 
ATOM   490 C C6     . DC  B 1 6  ? -4.922  0.116   0.894   1.00 0.00 ? 16  DC  B C6     1 
ATOM   491 H "H5'"  . DC  B 1 6  ? -7.742  -3.626  -0.662  1.00 0.00 ? 16  DC  B "H5'"  1 
ATOM   492 H "H5''" . DC  B 1 6  ? -9.017  -3.576  0.605   1.00 0.00 ? 16  DC  B "H5''" 1 
ATOM   493 H "H4'"  . DC  B 1 6  ? -6.665  -4.207  1.512   1.00 0.00 ? 16  DC  B "H4'"  1 
ATOM   494 H "H3'"  . DC  B 1 6  ? -7.887  -1.530  2.417   1.00 0.00 ? 16  DC  B "H3'"  1 
ATOM   495 H "H2'"  . DC  B 1 6  ? -5.895  -1.068  3.629   1.00 0.00 ? 16  DC  B "H2'"  1 
ATOM   496 H "H2''" . DC  B 1 6  ? -5.551  -2.809  3.868   1.00 0.00 ? 16  DC  B "H2''" 1 
ATOM   497 H "H1'"  . DC  B 1 6  ? -4.292  -2.954  1.962   1.00 0.00 ? 16  DC  B "H1'"  1 
ATOM   498 H H41    . DC  B 1 6  ? -1.199  2.594   0.726   1.00 0.00 ? 16  DC  B H41    1 
ATOM   499 H H42    . DC  B 1 6  ? -2.647  3.168   -0.134  1.00 0.00 ? 16  DC  B H42    1 
ATOM   500 H H5     . DC  B 1 6  ? -4.793  1.993   -0.040  1.00 0.00 ? 16  DC  B H5     1 
ATOM   501 H H6     . DC  B 1 6  ? -5.971  0.014   0.614   1.00 0.00 ? 16  DC  B H6     1 
ATOM   502 P P      . DG  B 1 7  ? -8.587  -2.980  4.946   1.00 0.00 ? 17  DG  B P      1 
ATOM   503 O OP1    . DG  B 1 7  ? -9.422  -4.107  5.448   1.00 0.00 ? 17  DG  B OP1    1 
ATOM   504 O OP2    . DG  B 1 7  ? -9.411  -1.739  4.882   1.00 0.00 ? 17  DG  B OP2    1 
ATOM   505 O "O5'"  . DG  B 1 7  ? -7.357  -2.742  5.938   1.00 0.00 ? 17  DG  B "O5'"  1 
ATOM   506 C "C5'"  . DG  B 1 7  ? -6.451  -3.733  6.441   1.00 0.00 ? 17  DG  B "C5'"  1 
ATOM   507 C "C4'"  . DG  B 1 7  ? -5.301  -2.951  7.114   1.00 0.00 ? 17  DG  B "C4'"  1 
ATOM   508 O "O4'"  . DG  B 1 7  ? -4.909  -1.928  6.184   1.00 0.00 ? 17  DG  B "O4'"  1 
ATOM   509 C "C3'"  . DG  B 1 7  ? -5.741  -2.211  8.406   1.00 0.00 ? 17  DG  B "C3'"  1 
ATOM   510 O "O3'"  . DG  B 1 7  ? -4.961  -2.686  9.516   1.00 0.00 ? 17  DG  B "O3'"  1 
ATOM   511 C "C2'"  . DG  B 1 7  ? -5.496  -0.719  8.073   1.00 0.00 ? 17  DG  B "C2'"  1 
ATOM   512 C "C1'"  . DG  B 1 7  ? -4.482  -0.771  6.907   1.00 0.00 ? 17  DG  B "C1'"  1 
ATOM   513 N N9     . DG  B 1 7  ? -4.519  0.362   5.981   1.00 0.00 ? 17  DG  B N9     1 
ATOM   514 C C8     . DG  B 1 7  ? -5.591  0.954   5.526   1.00 0.00 ? 17  DG  B C8     1 
ATOM   515 N N7     . DG  B 1 7  ? -5.275  1.886   4.739   1.00 0.00 ? 17  DG  B N7     1 
ATOM   516 C C5     . DG  B 1 7  ? -3.848  1.940   4.625   1.00 0.00 ? 17  DG  B C5     1 
ATOM   517 C C6     . DG  B 1 7  ? -2.859  2.734   3.903   1.00 0.00 ? 17  DG  B C6     1 
ATOM   518 O O6     . DG  B 1 7  ? -3.219  3.653   3.185   1.00 0.00 ? 17  DG  B O6     1 
ATOM   519 N N1     . DG  B 1 7  ? -1.567  2.363   4.099   1.00 0.00 ? 17  DG  B N1     1 
ATOM   520 C C2     . DG  B 1 7  ? -1.199  1.337   4.929   1.00 0.00 ? 17  DG  B C2     1 
ATOM   521 N N2     . DG  B 1 7  ? 0.075   1.067   5.044   1.00 0.00 ? 17  DG  B N2     1 
ATOM   522 N N3     . DG  B 1 7  ? -2.073  0.663   5.576   1.00 0.00 ? 17  DG  B N3     1 
ATOM   523 C C4     . DG  B 1 7  ? -3.480  0.949   5.433   1.00 0.00 ? 17  DG  B C4     1 
ATOM   524 H "H5'"  . DG  B 1 7  ? -6.055  -4.338  5.611   1.00 0.00 ? 17  DG  B "H5'"  1 
ATOM   525 H "H5''" . DG  B 1 7  ? -6.959  -4.405  7.150   1.00 0.00 ? 17  DG  B "H5''" 1 
ATOM   526 H "H4'"  . DG  B 1 7  ? -4.442  -3.605  7.324   1.00 0.00 ? 17  DG  B "H4'"  1 
ATOM   527 H "H3'"  . DG  B 1 7  ? -6.800  -2.395  8.654   1.00 0.00 ? 17  DG  B "H3'"  1 
ATOM   528 H "H2'"  . DG  B 1 7  ? -6.455  -0.291  7.751   1.00 0.00 ? 17  DG  B "H2'"  1 
ATOM   529 H "H2''" . DG  B 1 7  ? -5.131  -0.123  8.918   1.00 0.00 ? 17  DG  B "H2''" 1 
ATOM   530 H "H1'"  . DG  B 1 7  ? -3.469  -0.945  7.305   1.00 0.00 ? 17  DG  B "H1'"  1 
ATOM   531 H H8     . DG  B 1 7  ? -6.635  0.728   5.733   1.00 0.00 ? 17  DG  B H8     1 
ATOM   532 H H1     . DG  B 1 7  ? -0.879  2.886   3.597   1.00 0.00 ? 17  DG  B H1     1 
ATOM   533 H H21    . DG  B 1 7  ? 0.788   1.604   4.526   1.00 0.00 ? 17  DG  B H21    1 
ATOM   534 H H22    . DG  B 1 7  ? 0.385   0.306   5.663   1.00 0.00 ? 17  DG  B H22    1 
ATOM   535 P P      . DT  B 1 8  ? -5.074  -2.144  11.019  1.00 0.00 ? 18  DT  B P      1 
ATOM   536 O OP1    . DT  B 1 8  ? -4.509  -3.150  11.961  1.00 0.00 ? 18  DT  B OP1    1 
ATOM   537 O OP2    . DT  B 1 8  ? -6.498  -1.871  11.360  1.00 0.00 ? 18  DT  B OP2    1 
ATOM   538 O "O5'"  . DT  B 1 8  ? -4.224  -0.792  11.101  1.00 0.00 ? 18  DT  B "O5'"  1 
ATOM   539 C "C5'"  . DT  B 1 8  ? -2.795  -0.793  11.012  1.00 0.00 ? 18  DT  B "C5'"  1 
ATOM   540 C "C4'"  . DT  B 1 8  ? -2.306  0.633   10.686  1.00 0.00 ? 18  DT  B "C4'"  1 
ATOM   541 O "O4'"  . DT  B 1 8  ? -2.853  1.093   9.446   1.00 0.00 ? 18  DT  B "O4'"  1 
ATOM   542 C "C3'"  . DT  B 1 8  ? -2.760  1.735   11.666  1.00 0.00 ? 18  DT  B "C3'"  1 
ATOM   543 O "O3'"  . DT  B 1 8  ? -1.885  1.752   12.802  1.00 0.00 ? 18  DT  B "O3'"  1 
ATOM   544 C "C2'"  . DT  B 1 8  ? -2.702  3.014   10.787  1.00 0.00 ? 18  DT  B "C2'"  1 
ATOM   545 C "C1'"  . DT  B 1 8  ? -2.525  2.483   9.340   1.00 0.00 ? 18  DT  B "C1'"  1 
ATOM   546 N N1     . DT  B 1 8  ? -3.372  3.136   8.339   1.00 0.00 ? 18  DT  B N1     1 
ATOM   547 C C2     . DT  B 1 8  ? -2.809  3.892   7.361   1.00 0.00 ? 18  DT  B C2     1 
ATOM   548 O O2     . DT  B 1 8  ? -1.601  4.056   7.286   1.00 0.00 ? 18  DT  B O2     1 
ATOM   549 N N3     . DT  B 1 8  ? -3.610  4.475   6.443   1.00 0.00 ? 18  DT  B N3     1 
ATOM   550 C C4     . DT  B 1 8  ? -4.949  4.338   6.466   1.00 0.00 ? 18  DT  B C4     1 
ATOM   551 O O4     . DT  B 1 8  ? -5.673  4.871   5.638   1.00 0.00 ? 18  DT  B O4     1 
ATOM   552 C C5     . DT  B 1 8  ? -5.544  3.516   7.532   1.00 0.00 ? 18  DT  B C5     1 
ATOM   553 C C7     . DT  B 1 8  ? -7.041  3.319   7.597   1.00 0.00 ? 18  DT  B C7     1 
ATOM   554 C C6     . DT  B 1 8  ? -4.714  2.957   8.421   1.00 0.00 ? 18  DT  B C6     1 
ATOM   555 H "H5'"  . DT  B 1 8  ? -2.477  -1.456  10.192  1.00 0.00 ? 18  DT  B "H5'"  1 
ATOM   556 H "H5''" . DT  B 1 8  ? -2.364  -1.155  11.959  1.00 0.00 ? 18  DT  B "H5''" 1 
ATOM   557 H "H4'"  . DT  B 1 8  ? -1.208  0.640   10.626  1.00 0.00 ? 18  DT  B "H4'"  1 
ATOM   558 H "H3'"  . DT  B 1 8  ? -3.797  1.556   11.997  1.00 0.00 ? 18  DT  B "H3'"  1 
ATOM   559 H "H2'"  . DT  B 1 8  ? -3.623  3.609   10.896  1.00 0.00 ? 18  DT  B "H2'"  1 
ATOM   560 H "H2''" . DT  B 1 8  ? -1.848  3.650   11.051  1.00 0.00 ? 18  DT  B "H2''" 1 
ATOM   561 H "H1'"  . DT  B 1 8  ? -1.454  2.511   9.080   1.00 0.00 ? 18  DT  B "H1'"  1 
ATOM   562 H H3     . DT  B 1 8  ? -3.197  5.027   5.721   1.00 0.00 ? 18  DT  B H3     1 
ATOM   563 H H71    . DT  B 1 8  ? -7.458  3.228   6.583   1.00 0.00 ? 18  DT  B H71    1 
ATOM   564 H H72    . DT  B 1 8  ? -7.313  2.413   8.159   1.00 0.00 ? 18  DT  B H72    1 
ATOM   565 H H73    . DT  B 1 8  ? -7.494  4.193   8.089   1.00 0.00 ? 18  DT  B H73    1 
ATOM   566 H H6     . DT  B 1 8  ? -5.133  2.352   9.224   1.00 0.00 ? 18  DT  B H6     1 
ATOM   567 P P      . DC  B 1 9  ? -1.811  2.858   13.956  1.00 0.00 ? 19  DC  B P      1 
ATOM   568 O OP1    . DC  B 1 9  ? -1.133  2.281   15.150  1.00 0.00 ? 19  DC  B OP1    1 
ATOM   569 O OP2    . DC  B 1 9  ? -3.182  3.313   14.319  1.00 0.00 ? 19  DC  B OP2    1 
ATOM   570 O "O5'"  . DC  B 1 9  ? -0.952  4.092   13.408  1.00 0.00 ? 19  DC  B "O5'"  1 
ATOM   571 C "C5'"  . DC  B 1 9  ? 0.395   3.956   12.931  1.00 0.00 ? 19  DC  B "C5'"  1 
ATOM   572 C "C4'"  . DC  B 1 9  ? 0.812   5.293   12.279  1.00 0.00 ? 19  DC  B "C4'"  1 
ATOM   573 O "O4'"  . DC  B 1 9  ? -0.177  5.602   11.289  1.00 0.00 ? 19  DC  B "O4'"  1 
ATOM   574 C "C3'"  . DC  B 1 9  ? 0.809   6.493   13.262  1.00 0.00 ? 19  DC  B "C3'"  1 
ATOM   575 O "O3'"  . DC  B 1 9  ? 2.149   7.005   13.359  1.00 0.00 ? 19  DC  B "O3'"  1 
ATOM   576 C "C2'"  . DC  B 1 9  ? -0.185  7.496   12.626  1.00 0.00 ? 19  DC  B "C2'"  1 
ATOM   577 C "C1'"  . DC  B 1 9  ? -0.285  7.023   11.160  1.00 0.00 ? 19  DC  B "C1'"  1 
ATOM   578 N N1     . DC  B 1 9  ? -1.569  7.314   10.514  1.00 0.00 ? 19  DC  B N1     1 
ATOM   579 C C2     . DC  B 1 9  ? -1.669  8.210   9.505   1.00 0.00 ? 19  DC  B C2     1 
ATOM   580 O O2     . DC  B 1 9  ? -0.721  8.861   9.099   1.00 0.00 ? 19  DC  B O2     1 
ATOM   581 N N3     . DC  B 1 9  ? -2.936  8.431   8.848   1.00 0.00 ? 19  DC  B N3     1 
ATOM   582 C C4     . DC  B 1 9  ? -3.993  7.809   9.192   1.00 0.00 ? 19  DC  B C4     1 
ATOM   583 N N4     . DC  B 1 9  ? -5.142  7.987   8.601   1.00 0.00 ? 19  DC  B N4     1 
ATOM   584 C C5     . DC  B 1 9  ? -3.865  6.857   10.317  1.00 0.00 ? 19  DC  B C5     1 
ATOM   585 C C6     . DC  B 1 9  ? -2.685  6.657   10.918  1.00 0.00 ? 19  DC  B C6     1 
ATOM   586 H "H5'"  . DC  B 1 9  ? 0.428   3.167   12.165  1.00 0.00 ? 19  DC  B "H5'"  1 
ATOM   587 H "H5''" . DC  B 1 9  ? 1.073   3.686   13.755  1.00 0.00 ? 19  DC  B "H5''" 1 
ATOM   588 H "H4'"  . DC  B 1 9  ? 1.794   5.201   11.786  1.00 0.00 ? 19  DC  B "H4'"  1 
ATOM   589 H "H3'"  . DC  B 1 9  ? 0.487   6.207   14.277  1.00 0.00 ? 19  DC  B "H3'"  1 
ATOM   590 H "H2'"  . DC  B 1 9  ? -1.169  7.399   13.111  1.00 0.00 ? 19  DC  B "H2'"  1 
ATOM   591 H "H2''" . DC  B 1 9  ? 0.139   8.543   12.696  1.00 0.00 ? 19  DC  B "H2''" 1 
ATOM   592 H "H1'"  . DC  B 1 9  ? 0.590   7.386   10.598  1.00 0.00 ? 19  DC  B "H1'"  1 
ATOM   593 H H41    . DC  B 1 9  ? -5.230  8.659   7.826   1.00 0.00 ? 19  DC  B H41    1 
ATOM   594 H H42    . DC  B 1 9  ? -5.976  7.462   8.905   1.00 0.00 ? 19  DC  B H42    1 
ATOM   595 H H5     . DC  B 1 9  ? -4.742  6.309   10.665  1.00 0.00 ? 19  DC  B H5     1 
ATOM   596 H H6     . DC  B 1 9  ? -2.649  5.946   11.745  1.00 0.00 ? 19  DC  B H6     1 
ATOM   597 P P      . DG  B 1 10 ? 2.634   8.266   14.217  1.00 0.00 ? 20  DG  B P      1 
ATOM   598 O OP1    . DG  B 1 10 ? 4.098   8.160   14.472  1.00 0.00 ? 20  DG  B OP1    1 
ATOM   599 O OP2    . DG  B 1 10 ? 1.900   8.310   15.512  1.00 0.00 ? 20  DG  B OP2    1 
ATOM   600 O "O5'"  . DG  B 1 10 ? 2.336   9.593   13.378  1.00 0.00 ? 20  DG  B "O5'"  1 
ATOM   601 C "C5'"  . DG  B 1 10 ? 3.024   9.924   12.166  1.00 0.00 ? 20  DG  B "C5'"  1 
ATOM   602 C "C4'"  . DG  B 1 10 ? 2.308   11.127  11.512  1.00 0.00 ? 20  DG  B "C4'"  1 
ATOM   603 O "O4'"  . DG  B 1 10 ? 0.972   10.688  11.210  1.00 0.00 ? 20  DG  B "O4'"  1 
ATOM   604 C "C3'"  . DG  B 1 10 ? 2.156   12.333  12.484  1.00 0.00 ? 20  DG  B "C3'"  1 
ATOM   605 O "O3'"  . DG  B 1 10 ? 2.384   13.581  11.806  1.00 0.00 ? 20  DG  B "O3'"  1 
ATOM   606 C "C2'"  . DG  B 1 10 ? 0.664   12.260  12.873  1.00 0.00 ? 20  DG  B "C2'"  1 
ATOM   607 C "C1'"  . DG  B 1 10 ? 0.056   11.730  11.557  1.00 0.00 ? 20  DG  B "C1'"  1 
ATOM   608 N N9     . DG  B 1 10 ? -1.298  11.189  11.616  1.00 0.00 ? 20  DG  B N9     1 
ATOM   609 C C8     . DG  B 1 10 ? -1.854  10.546  12.607  1.00 0.00 ? 20  DG  B C8     1 
ATOM   610 N N7     . DG  B 1 10 ? -3.036  10.229  12.308  1.00 0.00 ? 20  DG  B N7     1 
ATOM   611 C C5     . DG  B 1 10 ? -3.334  10.702  10.986  1.00 0.00 ? 20  DG  B C5     1 
ATOM   612 C C6     . DG  B 1 10 ? -4.459  10.690  10.053  1.00 0.00 ? 20  DG  B C6     1 
ATOM   613 O O6     . DG  B 1 10 ? -5.508  10.156  10.373  1.00 0.00 ? 20  DG  B O6     1 
ATOM   614 N N1     . DG  B 1 10 ? -4.232  11.299  8.859   1.00 0.00 ? 20  DG  B N1     1 
ATOM   615 C C2     . DG  B 1 10 ? -3.047  11.908  8.540   1.00 0.00 ? 20  DG  B C2     1 
ATOM   616 N N2     . DG  B 1 10 ? -2.938  12.496  7.378   1.00 0.00 ? 20  DG  B N2     1 
ATOM   617 N N3     . DG  B 1 10 ? -2.067  11.908  9.361   1.00 0.00 ? 20  DG  B N3     1 
ATOM   618 C C4     . DG  B 1 10 ? -2.185  11.283  10.655  1.00 0.00 ? 20  DG  B C4     1 
ATOM   619 H "H5'"  . DG  B 1 10 ? 2.984   9.065   11.479  1.00 0.00 ? 20  DG  B "H5'"  1 
ATOM   620 H "H5''" . DG  B 1 10 ? 4.076   10.162  12.387  1.00 0.00 ? 20  DG  B "H5''" 1 
ATOM   621 H "H4'"  . DG  B 1 10 ? 2.818   11.420  10.579  1.00 0.00 ? 20  DG  B "H4'"  1 
ATOM   622 H "H3'"  . DG  B 1 10 ? 2.813   12.277  13.371  1.00 0.00 ? 20  DG  B "H3'"  1 
ATOM   623 H "HO3'" . DG  B 1 10 ? 3.284   13.680  11.515  1.00 0.00 ? 20  DG  B "HO3'" 1 
ATOM   624 H "H2'"  . DG  B 1 10 ? 0.547   11.533  13.691  1.00 0.00 ? 20  DG  B "H2'"  1 
ATOM   625 H "H2''" . DG  B 1 10 ? 0.246   13.230  13.188  1.00 0.00 ? 20  DG  B "H2''" 1 
ATOM   626 H "H1'"  . DG  B 1 10 ? 0.110   12.522  10.790  1.00 0.00 ? 20  DG  B "H1'"  1 
ATOM   627 H H8     . DG  B 1 10 ? -1.418  10.288  13.569  1.00 0.00 ? 20  DG  B H8     1 
ATOM   628 H H1     . DG  B 1 10 ? -4.986  11.293  8.203   1.00 0.00 ? 20  DG  B H1     1 
ATOM   629 H H21    . DG  B 1 10 ? -3.722  12.508  6.707   1.00 0.00 ? 20  DG  B H21    1 
ATOM   630 H H22    . DG  B 1 10 ? -2.059  12.968  7.122   1.00 0.00 ? 20  DG  B H22    1 
HETATM 631 N N2     . 3BF C 2 .  ? 2.487   -1.776  6.088   1.00 0.00 ? 101 3BF A N2     1 
HETATM 632 C C4     . 3BF C 2 .  ? 2.090   -4.007  7.162   1.00 0.00 ? 101 3BF A C4     1 
HETATM 633 N N5     . 3BF C 2 .  ? 1.567   -5.110  6.729   1.00 0.00 ? 101 3BF A N5     1 
HETATM 634 N N8     . 3BF C 2 .  ? -0.039  -5.766  3.541   1.00 0.00 ? 101 3BF A N8     1 
HETATM 635 C C6     . 3BF C 2 .  ? 1.135   -4.974  5.509   1.00 0.00 ? 101 3BF A C6     1 
HETATM 636 C C7     . 3BF C 2 .  ? 0.481   -6.019  4.683   1.00 0.00 ? 101 3BF A C7     1 
HETATM 637 C C9     . 3BF C 2 .  ? -0.755  -6.666  2.820   1.00 0.00 ? 101 3BF A C9     1 
HETATM 638 C C10    . 3BF C 2 .  ? -1.448  -7.777  3.307   1.00 0.00 ? 101 3BF A C10    1 
HETATM 639 C C11    . 3BF C 2 .  ? -2.742  -9.682  2.380   1.00 0.00 ? 101 3BF A C11    1 
HETATM 640 O "O1'"  . 3BF C 2 .  ? 3.287   -1.683  8.133   1.00 0.00 ? 101 3BF A "O1'"  1 
HETATM 641 C "C1'"  . 3BF C 2 .  ? 3.087   -1.174  7.044   1.00 0.00 ? 101 3BF A "C1'"  1 
HETATM 642 C C1     . 3BF C 2 .  ? 3.604   0.226   6.826   1.00 0.00 ? 101 3BF A C1     1 
HETATM 643 C C3     . 3BF C 2 .  ? 1.994   -3.142  6.145   1.00 0.00 ? 101 3BF A C3     1 
HETATM 644 C C5     . 3BF C 2 .  ? 1.493   -6.336  7.521   1.00 0.00 ? 101 3BF A C5     1 
HETATM 645 N N6     . 3BF C 2 .  ? 1.369   -3.720  5.115   1.00 0.00 ? 101 3BF A N6     1 
HETATM 646 O O7     . 3BF C 2 .  ? 0.452   -7.148  5.140   1.00 0.00 ? 101 3BF A O7     1 
HETATM 647 N N11    . 3BF C 2 .  ? -2.076  -8.387  2.285   1.00 0.00 ? 101 3BF A N11    1 
HETATM 648 C C13    . 3BF C 2 .  ? -0.992  -6.629  1.439   1.00 0.00 ? 101 3BF A C13    1 
HETATM 649 C C12    . 3BF C 2 .  ? -1.892  -7.663  1.159   1.00 0.00 ? 101 3BF A C12    1 
HETATM 650 C C14    . 3BF C 2 .  ? -2.622  -7.939  -0.139  1.00 0.00 ? 101 3BF A C14    1 
HETATM 651 O O12    . 3BF C 2 .  ? -3.669  -8.555  -0.037  1.00 0.00 ? 101 3BF A O12    1 
HETATM 652 N N14    . 3BF C 2 .  ? -2.200  -7.547  -1.282  1.00 0.00 ? 101 3BF A N14    1 
HETATM 653 C C15    . 3BF C 2 .  ? -2.944  -7.734  -2.516  1.00 0.00 ? 101 3BF A C15    1 
HETATM 654 S S16    . 3BF C 2 .  ? -4.465  -8.446  -2.610  1.00 0.00 ? 101 3BF A S16    1 
HETATM 655 C C17    . 3BF C 2 .  ? -4.634  -8.178  -4.248  1.00 0.00 ? 101 3BF A C17    1 
HETATM 656 C C20    . 3BF C 2 .  ? -5.890  -8.548  -5.006  1.00 0.00 ? 101 3BF A C20    1 
HETATM 657 C C21    . 3BF C 2 .  ? -7.143  -8.514  -4.088  1.00 0.00 ? 101 3BF A C21    1 
HETATM 658 C C28    . 3BF C 2 .  ? -5.697  -9.959  -5.622  1.00 0.00 ? 101 3BF A C28    1 
HETATM 659 N N19    . 3BF C 2 .  ? -2.544  -7.373  -3.745  1.00 0.00 ? 101 3BF A N19    1 
HETATM 660 C C18    . 3BF C 2 .  ? -3.490  -7.614  -4.675  1.00 0.00 ? 101 3BF A C18    1 
HETATM 661 C C22    . 3BF C 2 .  ? -3.221  -7.234  -6.087  1.00 0.00 ? 101 3BF A C22    1 
HETATM 662 O O22    . 3BF C 2 .  ? -4.095  -7.410  -6.920  1.00 0.00 ? 101 3BF A O22    1 
HETATM 663 N N22    . 3BF C 2 .  ? -2.089  -6.723  -6.396  1.00 0.00 ? 101 3BF A N22    1 
HETATM 664 C C23    . 3BF C 2 .  ? -1.958  -6.292  -7.787  1.00 0.00 ? 101 3BF A C23    1 
HETATM 665 C C24    . 3BF C 2 .  ? -2.355  -4.797  -7.902  1.00 0.00 ? 101 3BF A C24    1 
HETATM 666 C C25    . 3BF C 2 .  ? -3.881  -4.516  -7.748  1.00 0.00 ? 101 3BF A C25    1 
HETATM 667 N N26    . 3BF C 2 .  ? -4.790  -5.133  -8.759  1.00 0.00 1 101 3BF A N26    1 
HETATM 668 C C29    . 3BF C 2 .  ? -6.203  -4.776  -8.448  1.00 0.00 ? 101 3BF A C29    1 
HETATM 669 C C27    . 3BF C 2 .  ? -4.456  -4.725  -10.152 1.00 0.00 ? 101 3BF A C27    1 
HETATM 670 H H2     . 3BF C 2 .  ? 2.362   -1.280  5.219   1.00 0.00 ? 101 3BF A H2     1 
HETATM 671 H H4     . 3BF C 2 .  ? 2.519   -3.879  8.153   1.00 0.00 ? 101 3BF A H4     1 
HETATM 672 H H8     . 3BF C 2 .  ? 0.054   -4.832  3.169   1.00 0.00 ? 101 3BF A H8     1 
HETATM 673 H H10    . 3BF C 2 .  ? -1.508  -8.112  4.335   1.00 0.00 ? 101 3BF A H10    1 
HETATM 674 H H111   . 3BF C 2 .  ? -3.824  -9.525  2.494   1.00 0.00 ? 101 3BF A H111   1 
HETATM 675 H H112   . 3BF C 2 .  ? -2.374  -10.243 3.252   1.00 0.00 ? 101 3BF A H112   1 
HETATM 676 H H113   . 3BF C 2 .  ? -2.559  -10.294 1.486   1.00 0.00 ? 101 3BF A H113   1 
HETATM 677 H H102   . 3BF C 2 .  ? 2.885   0.851   6.273   1.00 0.00 ? 101 3BF A H102   1 
HETATM 678 H H101   . 3BF C 2 .  ? 3.832   0.720   7.779   1.00 0.00 ? 101 3BF A H101   1 
HETATM 679 H H103   . 3BF C 2 .  ? 4.536   0.151   6.252   1.00 0.00 ? 101 3BF A H103   1 
HETATM 680 H H53    . 3BF C 2 .  ? 0.461   -6.709  7.561   1.00 0.00 ? 101 3BF A H53    1 
HETATM 681 H H51    . 3BF C 2 .  ? 1.831   -6.176  8.556   1.00 0.00 ? 101 3BF A H51    1 
HETATM 682 H H52    . 3BF C 2 .  ? 2.141   -7.101  7.067   1.00 0.00 ? 101 3BF A H52    1 
HETATM 683 H H13    . 3BF C 2 .  ? -0.571  -5.923  0.734   1.00 0.00 ? 101 3BF A H13    1 
HETATM 684 H H14    . 3BF C 2 .  ? -1.308  -7.083  -1.328  1.00 0.00 ? 101 3BF A H14    1 
HETATM 685 H H20    . 3BF C 2 .  ? -6.093  -7.816  -5.804  1.00 0.00 ? 101 3BF A H20    1 
HETATM 686 H H212   . 3BF C 2 .  ? -8.053  -8.711  -4.676  1.00 0.00 ? 101 3BF A H212   1 
HETATM 687 H H211   . 3BF C 2 .  ? -7.076  -9.274  -3.295  1.00 0.00 ? 101 3BF A H211   1 
HETATM 688 H H213   . 3BF C 2 .  ? -7.241  -7.521  -3.620  1.00 0.00 ? 101 3BF A H213   1 
HETATM 689 H H283   . 3BF C 2 .  ? -6.587  -10.255 -6.196  1.00 0.00 ? 101 3BF A H283   1 
HETATM 690 H H281   . 3BF C 2 .  ? -5.522  -10.702 -4.828  1.00 0.00 ? 101 3BF A H281   1 
HETATM 691 H H282   . 3BF C 2 .  ? -4.828  -9.961  -6.296  1.00 0.00 ? 101 3BF A H282   1 
HETATM 692 H H22    . 3BF C 2 .  ? -1.342  -6.614  -5.727  1.00 0.00 ? 101 3BF A H22    1 
HETATM 693 H H232   . 3BF C 2 .  ? -2.490  -6.879  -8.550  1.00 0.00 ? 101 3BF A H232   1 
HETATM 694 H H231   . 3BF C 2 .  ? -0.888  -6.370  -8.046  1.00 0.00 ? 101 3BF A H231   1 
HETATM 695 H H242   . 3BF C 2 .  ? -1.821  -4.293  -7.084  1.00 0.00 ? 101 3BF A H242   1 
HETATM 696 H H241   . 3BF C 2 .  ? -1.980  -4.367  -8.845  1.00 0.00 ? 101 3BF A H241   1 
HETATM 697 H H251   . 3BF C 2 .  ? -4.174  -4.866  -6.751  1.00 0.00 ? 101 3BF A H251   1 
HETATM 698 H H252   . 3BF C 2 .  ? -4.026  -3.424  -7.753  1.00 0.00 ? 101 3BF A H252   1 
HETATM 699 H H291   . 3BF C 2 .  ? -6.901  -5.272  -9.143  1.00 0.00 ? 101 3BF A H291   1 
HETATM 700 H H293   . 3BF C 2 .  ? -6.480  -5.095  -7.429  1.00 0.00 ? 101 3BF A H293   1 
HETATM 701 H H292   . 3BF C 2 .  ? -6.367  -3.689  -8.521  1.00 0.00 ? 101 3BF A H292   1 
HETATM 702 H H273   . 3BF C 2 .  ? -5.194  -5.120  -10.868 1.00 0.00 ? 101 3BF A H273   1 
HETATM 703 H H272   . 3BF C 2 .  ? -4.440  -3.628  -10.250 1.00 0.00 ? 101 3BF A H272   1 
HETATM 704 H H271   . 3BF C 2 .  ? -3.477  -5.114  -10.464 1.00 0.00 ? 101 3BF A H271   1 
HETATM 705 H H26    . 3BF C 2 .  ? -4.707  -6.213  -8.690  1.00 0.00 ? 101 3BF A H26    1 
HETATM 706 N N2     . 3BF D 2 .  ? -3.722  -4.721  -1.655  1.00 0.00 ? 101 3BF B N2     1 
HETATM 707 C C4     . 3BF D 2 .  ? -5.265  -6.068  -0.195  1.00 0.00 ? 101 3BF B C4     1 
HETATM 708 N N5     . 3BF D 2 .  ? -5.259  -6.324  1.078   1.00 0.00 ? 101 3BF B N5     1 
HETATM 709 N N8     . 3BF D 2 .  ? -2.977  -4.970  3.524   1.00 0.00 ? 101 3BF B N8     1 
HETATM 710 C C6     . 3BF D 2 .  ? -4.246  -5.753  1.659   1.00 0.00 ? 101 3BF B C6     1 
HETATM 711 C C7     . 3BF D 2 .  ? -3.908  -5.738  3.103   1.00 0.00 ? 101 3BF B C7     1 
HETATM 712 C C9     . 3BF D 2 .  ? -2.604  -4.841  4.821   1.00 0.00 ? 101 3BF B C9     1 
HETATM 713 C C10    . 3BF D 2 .  ? -2.807  -5.714  5.894   1.00 0.00 ? 101 3BF B C10    1 
HETATM 714 C C11    . 3BF D 2 .  ? -2.504  -5.664  8.364   1.00 0.00 ? 101 3BF B C11    1 
HETATM 715 O "O1'"  . 3BF D 2 .  ? -5.373  -5.418  -2.922  1.00 0.00 ? 101 3BF B "O1'"  1 
HETATM 716 C "C1'"  . 3BF D 2 .  ? -4.332  -4.800  -2.775  1.00 0.00 ? 101 3BF B "C1'"  1 
HETATM 717 C C1     . 3BF D 2 .  ? -3.754  -4.105  -3.986  1.00 0.00 ? 101 3BF B C1     1 
HETATM 718 C C3     . 3BF D 2 .  ? -4.183  -5.310  -0.411  1.00 0.00 ? 101 3BF B C3     1 
HETATM 719 C C5     . 3BF D 2 .  ? -6.284  -7.114  1.757   1.00 0.00 ? 101 3BF B C5     1 
HETATM 720 N N6     . 3BF D 2 .  ? -3.517  -5.131  0.733   1.00 0.00 ? 101 3BF B N6     1 
HETATM 721 O O7     . 3BF D 2 .  ? -4.549  -6.451  3.857   1.00 0.00 ? 101 3BF B O7     1 
HETATM 722 N N11    . 3BF D 2 .  ? -2.296  -5.156  7.012   1.00 0.00 ? 101 3BF B N11    1 
HETATM 723 C C13    . 3BF D 2 .  ? -1.902  -3.748  5.333   1.00 0.00 ? 101 3BF B C13    1 
HETATM 724 C C12    . 3BF D 2 .  ? -1.713  -3.978  6.699   1.00 0.00 ? 101 3BF B C12    1 
HETATM 725 C C14    . 3BF D 2 .  ? -0.974  -3.074  7.663   1.00 0.00 ? 101 3BF B C14    1 
HETATM 726 O O12    . 3BF D 2 .  ? -0.614  -3.555  8.725   1.00 0.00 ? 101 3BF B O12    1 
HETATM 727 N N14    . 3BF D 2 .  ? -0.722  -1.851  7.384   1.00 0.00 ? 101 3BF B N14    1 
HETATM 728 C C15    . 3BF D 2 .  ? 0.007   -0.952  8.256   1.00 0.00 ? 101 3BF B C15    1 
HETATM 729 S S16    . 3BF D 2 .  ? 0.654   -1.320  9.768   1.00 0.00 ? 101 3BF B S16    1 
HETATM 730 C C17    . 3BF D 2 .  ? 1.369   0.187   9.953   1.00 0.00 ? 101 3BF B C17    1 
HETATM 731 C C20    . 3BF D 2 .  ? 2.182   0.577   11.169  1.00 0.00 ? 101 3BF B C20    1 
HETATM 732 C C21    . 3BF D 2 .  ? 3.589   -0.065  11.079  1.00 0.00 ? 101 3BF B C21    1 
HETATM 733 C C28    . 3BF D 2 .  ? 1.464   0.134   12.474  1.00 0.00 ? 101 3BF B C28    1 
HETATM 734 N N19    . 3BF D 2 .  ? 0.270   0.321   7.944   1.00 0.00 ? 101 3BF B N19    1 
HETATM 735 C C18    . 3BF D 2 .  ? 1.075   0.900   8.852   1.00 0.00 ? 101 3BF B C18    1 
HETATM 736 C C22    . 3BF D 2 .  ? 1.561   2.258   8.521   1.00 0.00 ? 101 3BF B C22    1 
HETATM 737 O O22    . 3BF D 2 .  ? 2.575   2.662   9.069   1.00 0.00 ? 101 3BF B O22    1 
HETATM 738 N N22    . 3BF D 2 .  ? 0.924   2.944   7.649   1.00 0.00 1 101 3BF B N22    1 
HETATM 739 C C23    . 3BF D 2 .  ? 1.569   4.197   7.270   1.00 0.00 ? 101 3BF B C23    1 
HETATM 740 C C24    . 3BF D 2 .  ? 1.448   5.348   8.309   1.00 0.00 ? 101 3BF B C24    1 
HETATM 741 C C25    . 3BF D 2 .  ? 2.036   6.699   7.778   1.00 0.00 ? 101 3BF B C25    1 
HETATM 742 N N26    . 3BF D 2 .  ? 3.524   6.776   7.651   1.00 0.00 1 101 3BF B N26    1 
HETATM 743 C C29    . 3BF D 2 .  ? 4.212   6.847   8.971   1.00 0.00 ? 101 3BF B C29    1 
HETATM 744 C C27    . 3BF D 2 .  ? 3.907   7.961   6.829   1.00 0.00 ? 101 3BF B C27    1 
HETATM 745 H H2     . 3BF D 2 .  ? -2.862  -4.202  -1.621  1.00 0.00 ? 101 3BF B H2     1 
HETATM 746 H H4     . 3BF D 2 .  ? -6.019  -6.417  -0.894  1.00 0.00 ? 101 3BF B H4     1 
HETATM 747 H H8     . 3BF D 2 .  ? -2.497  -4.390  2.852   1.00 0.00 ? 101 3BF B H8     1 
HETATM 748 H H10    . 3BF D 2 .  ? -3.286  -6.685  5.857   1.00 0.00 ? 101 3BF B H10    1 
HETATM 749 H H111   . 3BF D 2 .  ? -3.248  -6.476  8.373   1.00 0.00 ? 101 3BF B H111   1 
HETATM 750 H H112   . 3BF D 2 .  ? -2.871  -4.857  9.018   1.00 0.00 ? 101 3BF B H112   1 
HETATM 751 H H113   . 3BF D 2 .  ? -1.559  -6.051  8.770   1.00 0.00 ? 101 3BF B H113   1 
HETATM 752 H H102   . 3BF D 2 .  ? -4.566  -3.845  -4.679  1.00 0.00 ? 101 3BF B H102   1 
HETATM 753 H H101   . 3BF D 2 .  ? -3.229  -3.175  -3.716  1.00 0.00 ? 101 3BF B H101   1 
HETATM 754 H H103   . 3BF D 2 .  ? -3.048  -4.775  -4.494  1.00 0.00 ? 101 3BF B H103   1 
HETATM 755 H H53    . 3BF D 2 .  ? -7.083  -7.426  1.069   1.00 0.00 ? 101 3BF B H53    1 
HETATM 756 H H51    . 3BF D 2 .  ? -6.744  -6.528  2.566   1.00 0.00 ? 101 3BF B H51    1 
HETATM 757 H H52    . 3BF D 2 .  ? -5.827  -8.019  2.181   1.00 0.00 ? 101 3BF B H52    1 
HETATM 758 H H13    . 3BF D 2 .  ? -1.568  -2.894  4.764   1.00 0.00 ? 101 3BF B H13    1 
HETATM 759 H H14    . 3BF D 2 .  ? -1.045  -1.473  6.510   1.00 0.00 ? 101 3BF B H14    1 
HETATM 760 H H20    . 3BF D 2 .  ? 2.296   1.671   11.224  1.00 0.00 ? 101 3BF B H20    1 
HETATM 761 H H212   . 3BF D 2 .  ? 4.188   0.196   11.964  1.00 0.00 ? 101 3BF B H212   1 
HETATM 762 H H211   . 3BF D 2 .  ? 3.507   -1.162  11.019  1.00 0.00 ? 101 3BF B H211   1 
HETATM 763 H H213   . 3BF D 2 .  ? 4.117   0.297   10.185  1.00 0.00 ? 101 3BF B H213   1 
HETATM 764 H H283   . 3BF D 2 .  ? 2.029   0.475   13.355  1.00 0.00 ? 101 3BF B H283   1 
HETATM 765 H H281   . 3BF D 2 .  ? 1.375   -0.962  12.522  1.00 0.00 ? 101 3BF B H281   1 
HETATM 766 H H282   . 3BF D 2 .  ? 0.455   0.568   12.523  1.00 0.00 ? 101 3BF B H282   1 
HETATM 767 H H22    . 3BF D 2 .  ? 0.087   2.603   7.195   1.00 0.00 ? 101 3BF B H22    1 
HETATM 768 H H232   . 3BF D 2 .  ? 1.055   4.555   6.365   1.00 0.00 ? 101 3BF B H232   1 
HETATM 769 H H231   . 3BF D 2 .  ? 2.613   3.998   6.982   1.00 0.00 ? 101 3BF B H231   1 
HETATM 770 H H242   . 3BF D 2 .  ? 1.914   5.060   9.259   1.00 0.00 ? 101 3BF B H242   1 
HETATM 771 H H241   . 3BF D 2 .  ? 0.371   5.487   8.508   1.00 0.00 ? 101 3BF B H241   1 
HETATM 772 H H251   . 3BF D 2 .  ? 1.565   6.887   6.799   1.00 0.00 ? 101 3BF B H251   1 
HETATM 773 H H252   . 3BF D 2 .  ? 1.704   7.512   8.441   1.00 0.00 ? 101 3BF B H252   1 
HETATM 774 H H291   . 3BF D 2 .  ? 5.305   6.900   8.839   1.00 0.00 ? 101 3BF B H291   1 
HETATM 775 H H293   . 3BF D 2 .  ? 3.897   7.739   9.536   1.00 0.00 ? 101 3BF B H293   1 
HETATM 776 H H292   . 3BF D 2 .  ? 4.010   5.960   9.592   1.00 0.00 ? 101 3BF B H292   1 
HETATM 777 H H273   . 3BF D 2 .  ? 3.558   8.899   7.293   1.00 0.00 ? 101 3BF B H273   1 
HETATM 778 H H272   . 3BF D 2 .  ? 5.000   8.023   6.711   1.00 0.00 ? 101 3BF B H272   1 
HETATM 779 H H271   . 3BF D 2 .  ? 3.474   7.898   5.818   1.00 0.00 ? 101 3BF B H271   1 
HETATM 780 H H26    . 3BF D 2 .  ? 3.879   5.894   7.133   1.00 0.00 ? 101 3BF B H26    1 
# 
